data_1CP8
# 
_entry.id   1CP8 
# 
_audit_conform.dict_name       mmcif_pdbx.dic 
_audit_conform.dict_version    5.383 
_audit_conform.dict_location   http://mmcif.pdb.org/dictionaries/ascii/mmcif_pdbx.dic 
# 
loop_
_database_2.database_id 
_database_2.database_code 
_database_2.pdbx_database_accession 
_database_2.pdbx_DOI 
PDB   1CP8         pdb_00001cp8 10.2210/pdb1cp8/pdb 
RCSB  RCSB001176   ?            ?                   
WWPDB D_1000001176 ?            ?                   
# 
loop_
_pdbx_audit_revision_history.ordinal 
_pdbx_audit_revision_history.data_content_type 
_pdbx_audit_revision_history.major_revision 
_pdbx_audit_revision_history.minor_revision 
_pdbx_audit_revision_history.revision_date 
1 'Structure model' 1 0 1999-07-01 
2 'Structure model' 1 1 2008-04-26 
3 'Structure model' 1 2 2011-07-13 
4 'Structure model' 2 0 2020-07-29 
5 'Structure model' 2 1 2023-12-27 
# 
loop_
_pdbx_audit_revision_details.ordinal 
_pdbx_audit_revision_details.revision_ordinal 
_pdbx_audit_revision_details.data_content_type 
_pdbx_audit_revision_details.provider 
_pdbx_audit_revision_details.type 
_pdbx_audit_revision_details.description 
_pdbx_audit_revision_details.details 
1 1 'Structure model' repository 'Initial release' ?                          ? 
2 4 'Structure model' repository Remediation       'Carbohydrate remediation' ? 
# 
loop_
_pdbx_audit_revision_group.ordinal 
_pdbx_audit_revision_group.revision_ordinal 
_pdbx_audit_revision_group.data_content_type 
_pdbx_audit_revision_group.group 
1 2 'Structure model' 'Version format compliance' 
2 3 'Structure model' 'Version format compliance' 
3 4 'Structure model' 'Atomic model'              
4 4 'Structure model' 'Data collection'           
5 4 'Structure model' 'Derived calculations'      
6 4 'Structure model' 'Structure summary'         
7 5 'Structure model' 'Data collection'           
8 5 'Structure model' 'Database references'       
9 5 'Structure model' 'Structure summary'         
# 
loop_
_pdbx_audit_revision_category.ordinal 
_pdbx_audit_revision_category.revision_ordinal 
_pdbx_audit_revision_category.data_content_type 
_pdbx_audit_revision_category.category 
1  4 'Structure model' atom_site                     
2  4 'Structure model' chem_comp                     
3  4 'Structure model' entity                        
4  4 'Structure model' pdbx_branch_scheme            
5  4 'Structure model' pdbx_chem_comp_identifier     
6  4 'Structure model' pdbx_entity_branch            
7  4 'Structure model' pdbx_entity_branch_descriptor 
8  4 'Structure model' pdbx_entity_branch_link       
9  4 'Structure model' pdbx_entity_branch_list       
10 4 'Structure model' pdbx_entity_nonpoly           
11 4 'Structure model' pdbx_nonpoly_scheme           
12 4 'Structure model' pdbx_struct_assembly          
13 4 'Structure model' pdbx_struct_conn_angle        
14 4 'Structure model' pdbx_struct_oper_list         
15 4 'Structure model' struct_asym                   
16 4 'Structure model' struct_conn                   
17 4 'Structure model' struct_site                   
18 4 'Structure model' struct_site_gen               
19 5 'Structure model' chem_comp                     
20 5 'Structure model' chem_comp_atom                
21 5 'Structure model' chem_comp_bond                
22 5 'Structure model' database_2                    
# 
loop_
_pdbx_audit_revision_item.ordinal 
_pdbx_audit_revision_item.revision_ordinal 
_pdbx_audit_revision_item.data_content_type 
_pdbx_audit_revision_item.item 
1  4 'Structure model' '_atom_site.B_iso_or_equiv'                   
2  4 'Structure model' '_atom_site.Cartn_x'                          
3  4 'Structure model' '_atom_site.Cartn_y'                          
4  4 'Structure model' '_atom_site.Cartn_z'                          
5  4 'Structure model' '_atom_site.auth_asym_id'                     
6  4 'Structure model' '_atom_site.auth_atom_id'                     
7  4 'Structure model' '_atom_site.auth_comp_id'                     
8  4 'Structure model' '_atom_site.auth_seq_id'                      
9  4 'Structure model' '_atom_site.label_asym_id'                    
10 4 'Structure model' '_atom_site.label_atom_id'                    
11 4 'Structure model' '_atom_site.label_comp_id'                    
12 4 'Structure model' '_atom_site.label_entity_id'                  
13 4 'Structure model' '_atom_site.type_symbol'                      
14 4 'Structure model' '_chem_comp.name'                             
15 4 'Structure model' '_chem_comp.type'                             
16 4 'Structure model' '_pdbx_struct_conn_angle.ptnr1_auth_asym_id'  
17 4 'Structure model' '_pdbx_struct_conn_angle.ptnr1_auth_seq_id'   
18 4 'Structure model' '_pdbx_struct_conn_angle.ptnr1_label_asym_id' 
19 4 'Structure model' '_pdbx_struct_conn_angle.ptnr1_label_atom_id' 
20 4 'Structure model' '_pdbx_struct_conn_angle.ptnr2_label_asym_id' 
21 4 'Structure model' '_pdbx_struct_conn_angle.ptnr3_auth_asym_id'  
22 4 'Structure model' '_pdbx_struct_conn_angle.ptnr3_auth_seq_id'   
23 4 'Structure model' '_pdbx_struct_conn_angle.ptnr3_label_asym_id' 
24 4 'Structure model' '_pdbx_struct_conn_angle.ptnr3_label_atom_id' 
25 4 'Structure model' '_pdbx_struct_conn_angle.value'               
26 4 'Structure model' '_struct_conn.pdbx_dist_value'                
27 4 'Structure model' '_struct_conn.pdbx_leaving_atom_flag'         
28 4 'Structure model' '_struct_conn.pdbx_value_order'               
29 4 'Structure model' '_struct_conn.ptnr1_auth_asym_id'             
30 4 'Structure model' '_struct_conn.ptnr1_auth_comp_id'             
31 4 'Structure model' '_struct_conn.ptnr1_auth_seq_id'              
32 4 'Structure model' '_struct_conn.ptnr1_label_asym_id'            
33 4 'Structure model' '_struct_conn.ptnr1_label_atom_id'            
34 4 'Structure model' '_struct_conn.ptnr1_label_comp_id'            
35 4 'Structure model' '_struct_conn.ptnr2_auth_asym_id'             
36 4 'Structure model' '_struct_conn.ptnr2_auth_comp_id'             
37 4 'Structure model' '_struct_conn.ptnr2_auth_seq_id'              
38 4 'Structure model' '_struct_conn.ptnr2_label_asym_id'            
39 4 'Structure model' '_struct_conn.ptnr2_label_atom_id'            
40 4 'Structure model' '_struct_conn.ptnr2_label_comp_id'            
41 5 'Structure model' '_chem_comp.pdbx_synonyms'                    
42 5 'Structure model' '_database_2.pdbx_DOI'                        
43 5 'Structure model' '_database_2.pdbx_database_accession'         
# 
_pdbx_database_status.status_code                     REL 
_pdbx_database_status.entry_id                        1CP8 
_pdbx_database_status.recvd_initial_deposition_date   1999-06-11 
_pdbx_database_status.deposit_site                    RCSB 
_pdbx_database_status.process_site                    RCSB 
_pdbx_database_status.SG_entry                        . 
_pdbx_database_status.pdb_format_compatible           Y 
_pdbx_database_status.status_code_mr                  ? 
_pdbx_database_status.status_code_sf                  ? 
_pdbx_database_status.status_code_cs                  ? 
_pdbx_database_status.status_code_nmr_data            ? 
_pdbx_database_status.methods_development_category    ? 
# 
loop_
_audit_author.name 
_audit_author.pdbx_ordinal 
'Katahira, R.'  1 
'Katahira, M.'  2 
'Yamashita, Y.' 3 
'Ogawa, H.'     4 
'Kyogoku, Y.'   5 
'Yoshida, M.'   6 
# 
_citation.id                        primary 
_citation.title                     
'Solution structure of the novel antitumor drug UCH9 complexed with d(TTGGCCAA)2 as determined by NMR.' 
_citation.journal_abbrev            'Nucleic Acids Res.' 
_citation.journal_volume            26 
_citation.page_first                744 
_citation.page_last                 755 
_citation.year                      1998 
_citation.journal_id_ASTM           NARHAD 
_citation.country                   UK 
_citation.journal_id_ISSN           0305-1048 
_citation.journal_id_CSD            0389 
_citation.book_publisher            ? 
_citation.pdbx_database_id_PubMed   9443966 
_citation.pdbx_database_id_DOI      10.1093/nar/26.3.744 
# 
loop_
_citation_author.citation_id 
_citation_author.name 
_citation_author.ordinal 
_citation_author.identifier_ORCID 
primary 'Katahira, R.'  1 ? 
primary 'Katahira, M.'  2 ? 
primary 'Yamashita, Y.' 3 ? 
primary 'Ogawa, H.'     4 ? 
primary 'Kyogoku, Y.'   5 ? 
primary 'Yoshida, M.'   6 ? 
# 
loop_
_entity.id 
_entity.type 
_entity.src_method 
_entity.pdbx_description 
_entity.formula_weight 
_entity.pdbx_number_of_molecules 
_entity.pdbx_ec 
_entity.pdbx_mutation 
_entity.pdbx_fragment 
_entity.details 
1 polymer     syn 
;DNA (5'-D(P*TP*TP*GP*GP*CP*CP*AP*A)-3')
;
2426.617 2 ? ? ? 
;TWO MOLECULES OF THE DRUG UCH9 (DDA-DXA-DDA-DDL-DRI-DDA) BOUND IN THE MINOR GROOVE
THE MODEL CONTAINS TWO MOLECULES OF UCH9 AND ONE MG CATION
WHICH IS COORDINATED TO TWO UCH9 MOLECULES. IN THIS ENTRY
UCH9 IS PRESENTED AS HET GROUP, DDA-DXA-DDA-DDL-DRI-DDA.
THESE GROUPS ARE NUMBERED 1-6 FOR ONE UCH9 AND 7-12 FOR THE
OTHER UCH9.
;
2 branched    syn 
;beta-D-Olivopyranose-(1-3)-2,6-dideoxy-4-O-methyl-beta-D-glucopyranose-(1-3)-2,6-dideoxy-beta-D-galactopyranose-(1-3)-beta-D-Olivopyranose
;
552.609  2 ? ? ? 
;UCH9 WAS ISOLATED FROM STREPTOMYCES SP. THE DETAILS ARE
SHOWN IN THE FOLLOWING PAPER: J. ANTIBIOTICS 51, 261-266,
;
3 non-polymer syn beta-D-Olivopyranose 148.157  2 ? ? ? 
;UCH9 WAS ISOLATED FROM STREPTOMYCES SP. THE DETAILS ARE
SHOWN IN THE FOLLOWING PAPER: J. ANTIBIOTICS 51, 261-266,
;
4 non-polymer syn '1,2-HYDRO-1-OXY-3,4-HYDRO-3-(1-METHOXY-2-OXY-3,4-DIHYDROXYPENTYL)-8,9-DIHYDROXY-7-(SEC-BUTYL)-ANTHRACENE' 
430.491  2 ? ? ? ? 
5 non-polymer syn 'MAGNESIUM ION' 24.305   1 ? ? ? ? 
# 
_entity_poly.entity_id                      1 
_entity_poly.type                           polydeoxyribonucleotide 
_entity_poly.nstd_linkage                   no 
_entity_poly.nstd_monomer                   no 
_entity_poly.pdbx_seq_one_letter_code       '(DT)(DT)(DG)(DG)(DC)(DC)(DA)(DA)' 
_entity_poly.pdbx_seq_one_letter_code_can   TTGGCCAA 
_entity_poly.pdbx_strand_id                 A,B 
_entity_poly.pdbx_target_identifier         ? 
# 
loop_
_pdbx_entity_nonpoly.entity_id 
_pdbx_entity_nonpoly.name 
_pdbx_entity_nonpoly.comp_id 
3 beta-D-Olivopyranose                                                                                       DDA 
4 '1,2-HYDRO-1-OXY-3,4-HYDRO-3-(1-METHOXY-2-OXY-3,4-DIHYDROXYPENTYL)-8,9-DIHYDROXY-7-(SEC-BUTYL)-ANTHRACENE' DXA 
5 'MAGNESIUM ION'                                                                                            MG  
# 
loop_
_entity_poly_seq.entity_id 
_entity_poly_seq.num 
_entity_poly_seq.mon_id 
_entity_poly_seq.hetero 
1 1 DT n 
1 2 DT n 
1 3 DG n 
1 4 DG n 
1 5 DC n 
1 6 DC n 
1 7 DA n 
1 8 DA n 
# 
_pdbx_entity_branch.entity_id   2 
_pdbx_entity_branch.type        oligosaccharide 
# 
loop_
_pdbx_entity_branch_descriptor.ordinal 
_pdbx_entity_branch_descriptor.entity_id 
_pdbx_entity_branch_descriptor.descriptor 
_pdbx_entity_branch_descriptor.type 
_pdbx_entity_branch_descriptor.program 
_pdbx_entity_branch_descriptor.program_version 
1 2 'WURCS=2.0/3,4,3/[ad122m-1b_1-5][ad112m-1b_1-5][ad122m-1b_1-5_4*OC]/1-2-3-1/a3-b1_b3-c1_c3-d1'                     WURCS  
PDB2Glycan 1.1.0 
2 2 '[][b-D-2,6-deoxy-Glcp]{[(3+1)][b-D-2-deoxy-Fucp]{[(3+1)][b-D-2,6-deoxy-Glcp4Me]{[(3+1)][b-D-2,6-deoxy-Glcp]{}}}}' LINUCS 
PDB-CARE   ?     
# 
loop_
_pdbx_entity_branch_link.link_id 
_pdbx_entity_branch_link.entity_id 
_pdbx_entity_branch_link.entity_branch_list_num_1 
_pdbx_entity_branch_link.comp_id_1 
_pdbx_entity_branch_link.atom_id_1 
_pdbx_entity_branch_link.leaving_atom_id_1 
_pdbx_entity_branch_link.entity_branch_list_num_2 
_pdbx_entity_branch_link.comp_id_2 
_pdbx_entity_branch_link.atom_id_2 
_pdbx_entity_branch_link.leaving_atom_id_2 
_pdbx_entity_branch_link.value_order 
_pdbx_entity_branch_link.details 
1 2 2 DDL C1 O1 1 DDA O3 HO3 sing ? 
2 2 3 DRI C1 O1 2 DDL O3 HO3 sing ? 
3 2 4 DDA C1 O1 3 DRI O3 HO3 sing ? 
# 
loop_
_chem_comp.id 
_chem_comp.type 
_chem_comp.mon_nstd_flag 
_chem_comp.name 
_chem_comp.pdbx_synonyms 
_chem_comp.formula 
_chem_comp.formula_weight 
DA  'DNA linking'                y "2'-DEOXYADENOSINE-5'-MONOPHOSPHATE" ? 'C10 H14 N5 O6 P' 331.222 
DC  'DNA linking'                y "2'-DEOXYCYTIDINE-5'-MONOPHOSPHATE" ? 'C9 H14 N3 O7 P'  307.197 
DDA 'D-saccharide, beta linking' . beta-D-Olivopyranose 
;beta-D-Olivose; 2,6-dideoxy-beta-D-arabino-hexopyranose; 2,6-dideoxy-beta-D-glucopyranose; 2,6-dideoxy-beta-D-mannopyranose; 2-deoxy-beta-D-quinovopyranose; 2-deoxy-beta-D-rhamnoopyranose; D-Olivose; Olivose; 2,6-DIDEOXY-BETA-D-GLUCOSE; 2,6-DIDEOXY-BETA-D-MANNOSE
;
'C6 H12 O4'       148.157 
DDL 'D-saccharide, beta linking' . 2,6-dideoxy-beta-D-galactopyranose 
;2,6-DIDEOXY-BETA-D-GALACTOSE; 2,6-DIDEOXY-BETA-D-TALOSE; 2,6-dideoxy-beta-D-lyxo-hexopyranose; 2-deoxy-beta-D-fucopyranose; 2,6-dideoxy-D-galactose; 2,6-dideoxy-galactose
;
'C6 H12 O4'       148.157 
DG  'DNA linking'                y "2'-DEOXYGUANOSINE-5'-MONOPHOSPHATE" ? 'C10 H14 N5 O7 P' 347.221 
DRI 'D-saccharide, beta linking' . 2,6-dideoxy-4-O-methyl-beta-D-glucopyranose 
;4-O-METHYL-2,6-DIDEOXY-BETA-D-GLUCOSE; 4-O-METHYL-2,6-DIDEOXY-BETA-D-MANNOSE; 2,6-dideoxy-4-O-methyl-beta-D-glucose; 2,6-dideoxy-4-O-methyl-D-glucose; 2,6-dideoxy-4-O-methyl-glucose
;
'C7 H14 O4'       162.184 
DT  'DNA linking'                y "THYMIDINE-5'-MONOPHOSPHATE" ? 'C10 H15 N2 O8 P' 322.208 
DXA non-polymer                  . 
'1,2-HYDRO-1-OXY-3,4-HYDRO-3-(1-METHOXY-2-OXY-3,4-DIHYDROXYPENTYL)-8,9-DIHYDROXY-7-(SEC-BUTYL)-ANTHRACENE' ? 'C24 H30 O7'      
430.491 
MG  non-polymer                  . 'MAGNESIUM ION' ? 'Mg 2'            24.305  
# 
loop_
_pdbx_chem_comp_identifier.comp_id 
_pdbx_chem_comp_identifier.type 
_pdbx_chem_comp_identifier.program 
_pdbx_chem_comp_identifier.program_version 
_pdbx_chem_comp_identifier.identifier 
DDA 'CONDENSED IUPAC CARBOHYDRATE SYMBOL' GMML     1.0 DOlib                  
DDA 'COMMON NAME'                         GMML     1.0 b-D-Olivopyranose      
DDA 'IUPAC CARBOHYDRATE SYMBOL'           PDB-CARE 1.0 b-D-2,6-deoxy-Glcp     
DDA 'SNFG CARBOHYDRATE SYMBOL'            GMML     1.0 Oli                    
DDL 'IUPAC CARBOHYDRATE SYMBOL'           PDB-CARE 1.0 b-D-2-deoxy-Fucp       
DRI 'IUPAC CARBOHYDRATE SYMBOL'           PDB-CARE 1.0 b-D-2,6-deoxy-Glcp4OMe 
# 
loop_
_pdbx_poly_seq_scheme.asym_id 
_pdbx_poly_seq_scheme.entity_id 
_pdbx_poly_seq_scheme.seq_id 
_pdbx_poly_seq_scheme.mon_id 
_pdbx_poly_seq_scheme.ndb_seq_num 
_pdbx_poly_seq_scheme.pdb_seq_num 
_pdbx_poly_seq_scheme.auth_seq_num 
_pdbx_poly_seq_scheme.pdb_mon_id 
_pdbx_poly_seq_scheme.auth_mon_id 
_pdbx_poly_seq_scheme.pdb_strand_id 
_pdbx_poly_seq_scheme.pdb_ins_code 
_pdbx_poly_seq_scheme.hetero 
A 1 1 DT 1 1 1 DT T A . n 
A 1 2 DT 2 2 2 DT T A . n 
A 1 3 DG 3 3 3 DG G A . n 
A 1 4 DG 4 4 4 DG G A . n 
A 1 5 DC 5 5 5 DC C A . n 
A 1 6 DC 6 6 6 DC C A . n 
A 1 7 DA 7 7 7 DA A A . n 
A 1 8 DA 8 8 8 DA A A . n 
B 1 1 DT 1 1 1 DT T B . n 
B 1 2 DT 2 2 2 DT T B . n 
B 1 3 DG 3 3 3 DG G B . n 
B 1 4 DG 4 4 4 DG G B . n 
B 1 5 DC 5 5 5 DC C B . n 
B 1 6 DC 6 6 6 DC C B . n 
B 1 7 DA 7 7 7 DA A B . n 
B 1 8 DA 8 8 8 DA A B . n 
# 
loop_
_pdbx_branch_scheme.asym_id 
_pdbx_branch_scheme.entity_id 
_pdbx_branch_scheme.mon_id 
_pdbx_branch_scheme.num 
_pdbx_branch_scheme.pdb_asym_id 
_pdbx_branch_scheme.pdb_mon_id 
_pdbx_branch_scheme.pdb_seq_num 
_pdbx_branch_scheme.auth_asym_id 
_pdbx_branch_scheme.auth_mon_id 
_pdbx_branch_scheme.auth_seq_num 
_pdbx_branch_scheme.hetero 
C 2 DDA 1 C DDA 1 N DDA 9  n 
C 2 DDL 2 C DDL 2 N DDL 10 n 
C 2 DRI 3 C DRI 3 N DRI 11 n 
C 2 DDA 4 C DDA 4 N DDA 12 n 
D 2 DDA 1 D DDA 1 M DDA 3  n 
D 2 DDL 2 D DDL 2 M DDL 4  n 
D 2 DRI 3 D DRI 3 M DRI 5  n 
D 2 DDA 4 D DDA 4 M DDA 6  n 
# 
loop_
_pdbx_nonpoly_scheme.asym_id 
_pdbx_nonpoly_scheme.entity_id 
_pdbx_nonpoly_scheme.mon_id 
_pdbx_nonpoly_scheme.ndb_seq_num 
_pdbx_nonpoly_scheme.pdb_seq_num 
_pdbx_nonpoly_scheme.auth_seq_num 
_pdbx_nonpoly_scheme.pdb_mon_id 
_pdbx_nonpoly_scheme.auth_mon_id 
_pdbx_nonpoly_scheme.pdb_strand_id 
_pdbx_nonpoly_scheme.pdb_ins_code 
E 3 DDA 1 13 7  DDA DDA A . 
F 4 DXA 1 14 8  DXA DXA A . 
G 3 DDA 1 13 1  DDA DDA B . 
H 5 MG  1 14 13 MG  MG  B . 
I 4 DXA 1 15 2  DXA DXA B . 
# 
_cell.entry_id           1CP8 
_cell.length_a           1.000 
_cell.length_b           1.000 
_cell.length_c           1.000 
_cell.angle_alpha        90.00 
_cell.angle_beta         90.00 
_cell.angle_gamma        90.00 
_cell.Z_PDB              1 
_cell.pdbx_unique_axis   ? 
# 
_symmetry.entry_id                         1CP8 
_symmetry.space_group_name_H-M             'P 1' 
_symmetry.pdbx_full_space_group_name_H-M   ? 
_symmetry.cell_setting                     ? 
_symmetry.Int_Tables_number                1 
# 
_exptl.entry_id          1CP8 
_exptl.method            'SOLUTION NMR' 
_exptl.crystals_number   ? 
# 
_struct.entry_id                  1CP8 
_struct.title                     
;NMR STRUCTURE OF DNA (5'-D(TTGGCCAA)2-3') COMPLEXED WITH NOVEL ANTITUMOR DRUG UCH9
;
_struct.pdbx_model_details        ? 
_struct.pdbx_CASP_flag            ? 
_struct.pdbx_model_type_details   ? 
# 
_struct_keywords.entry_id        1CP8 
_struct_keywords.pdbx_keywords   DNA 
_struct_keywords.text            DNA 
# 
loop_
_struct_asym.id 
_struct_asym.pdbx_blank_PDB_chainid_flag 
_struct_asym.pdbx_modified 
_struct_asym.entity_id 
_struct_asym.details 
A N N 1 ? 
B N N 1 ? 
C N N 2 ? 
D N N 2 ? 
E N N 3 ? 
F N N 4 ? 
G N N 3 ? 
H N N 5 ? 
I N N 4 ? 
# 
_struct_ref.id                         1 
_struct_ref.entity_id                  1 
_struct_ref.db_name                    PDB 
_struct_ref.db_code                    1CP8 
_struct_ref.pdbx_db_accession          1CP8 
_struct_ref.pdbx_db_isoform            ? 
_struct_ref.pdbx_seq_one_letter_code   ? 
_struct_ref.pdbx_align_begin           ? 
# 
loop_
_struct_ref_seq.align_id 
_struct_ref_seq.ref_id 
_struct_ref_seq.pdbx_PDB_id_code 
_struct_ref_seq.pdbx_strand_id 
_struct_ref_seq.seq_align_beg 
_struct_ref_seq.pdbx_seq_align_beg_ins_code 
_struct_ref_seq.seq_align_end 
_struct_ref_seq.pdbx_seq_align_end_ins_code 
_struct_ref_seq.pdbx_db_accession 
_struct_ref_seq.db_align_beg 
_struct_ref_seq.pdbx_db_align_beg_ins_code 
_struct_ref_seq.db_align_end 
_struct_ref_seq.pdbx_db_align_end_ins_code 
_struct_ref_seq.pdbx_auth_seq_align_beg 
_struct_ref_seq.pdbx_auth_seq_align_end 
1 1 1CP8 A 1 ? 8 ? 1CP8 1 ? 8 ? 1 8 
2 1 1CP8 B 1 ? 8 ? 1CP8 1 ? 8 ? 1 8 
# 
_pdbx_struct_assembly.id                   1 
_pdbx_struct_assembly.details              author_defined_assembly 
_pdbx_struct_assembly.method_details       ? 
_pdbx_struct_assembly.oligomeric_details   dimeric 
_pdbx_struct_assembly.oligomeric_count     2 
# 
_pdbx_struct_assembly_gen.assembly_id       1 
_pdbx_struct_assembly_gen.oper_expression   1 
_pdbx_struct_assembly_gen.asym_id_list      A,B,C,D,E,F,G,H,I 
# 
_pdbx_struct_oper_list.id                   1 
_pdbx_struct_oper_list.type                 'identity operation' 
_pdbx_struct_oper_list.name                 1_555 
_pdbx_struct_oper_list.symmetry_operation   x,y,z 
_pdbx_struct_oper_list.matrix[1][1]         1.0000000000 
_pdbx_struct_oper_list.matrix[1][2]         0.0000000000 
_pdbx_struct_oper_list.matrix[1][3]         0.0000000000 
_pdbx_struct_oper_list.vector[1]            0.0000000000 
_pdbx_struct_oper_list.matrix[2][1]         0.0000000000 
_pdbx_struct_oper_list.matrix[2][2]         1.0000000000 
_pdbx_struct_oper_list.matrix[2][3]         0.0000000000 
_pdbx_struct_oper_list.vector[2]            0.0000000000 
_pdbx_struct_oper_list.matrix[3][1]         0.0000000000 
_pdbx_struct_oper_list.matrix[3][2]         0.0000000000 
_pdbx_struct_oper_list.matrix[3][3]         1.0000000000 
_pdbx_struct_oper_list.vector[3]            0.0000000000 
# 
_struct_biol.id   1 
# 
loop_
_struct_conn.id 
_struct_conn.conn_type_id 
_struct_conn.pdbx_leaving_atom_flag 
_struct_conn.pdbx_PDB_id 
_struct_conn.ptnr1_label_asym_id 
_struct_conn.ptnr1_label_comp_id 
_struct_conn.ptnr1_label_seq_id 
_struct_conn.ptnr1_label_atom_id 
_struct_conn.pdbx_ptnr1_label_alt_id 
_struct_conn.pdbx_ptnr1_PDB_ins_code 
_struct_conn.pdbx_ptnr1_standard_comp_id 
_struct_conn.ptnr1_symmetry 
_struct_conn.ptnr2_label_asym_id 
_struct_conn.ptnr2_label_comp_id 
_struct_conn.ptnr2_label_seq_id 
_struct_conn.ptnr2_label_atom_id 
_struct_conn.pdbx_ptnr2_label_alt_id 
_struct_conn.pdbx_ptnr2_PDB_ins_code 
_struct_conn.ptnr1_auth_asym_id 
_struct_conn.ptnr1_auth_comp_id 
_struct_conn.ptnr1_auth_seq_id 
_struct_conn.ptnr2_auth_asym_id 
_struct_conn.ptnr2_auth_comp_id 
_struct_conn.ptnr2_auth_seq_id 
_struct_conn.ptnr2_symmetry 
_struct_conn.pdbx_ptnr3_label_atom_id 
_struct_conn.pdbx_ptnr3_label_seq_id 
_struct_conn.pdbx_ptnr3_label_comp_id 
_struct_conn.pdbx_ptnr3_label_asym_id 
_struct_conn.pdbx_ptnr3_label_alt_id 
_struct_conn.pdbx_ptnr3_PDB_ins_code 
_struct_conn.details 
_struct_conn.pdbx_dist_value 
_struct_conn.pdbx_value_order 
_struct_conn.pdbx_role 
covale1  covale one  ? E DDA . O1 ? ? ? 1_555 F DXA . C6 ? ? A DDA 13 A DXA 14 1_555 ? ? ? ? ? ? ?            1.406 ?    ? 
covale2  covale one  ? F DXA . C2 ? ? ? 1_555 C DDA . O1 ? ? A DXA 14 C DDA 1  1_555 ? ? ? ? ? ? ?            1.421 ?    ? 
covale3  covale one  ? G DDA . O1 ? ? ? 1_555 I DXA . C6 ? ? B DDA 13 B DXA 15 1_555 ? ? ? ? ? ? ?            1.406 ?    ? 
covale4  covale one  ? I DXA . C2 ? ? ? 1_555 D DDA . O1 ? ? B DXA 15 D DDA 1  1_555 ? ? ? ? ? ? ?            1.421 ?    ? 
covale5  covale both ? C DDA . O3 ? ? ? 1_555 C DDL . C1 ? ? C DDA 1  C DDL 2  1_555 ? ? ? ? ? ? ?            1.417 sing ? 
covale6  covale both ? C DDL . O3 ? ? ? 1_555 C DRI . C1 ? ? C DDL 2  C DRI 3  1_555 ? ? ? ? ? ? ?            1.427 sing ? 
covale7  covale both ? C DRI . O3 ? ? ? 1_555 C DDA . C1 ? ? C DRI 3  C DDA 4  1_555 ? ? ? ? ? ? ?            1.419 ?    ? 
covale8  covale both ? D DDA . O3 ? ? ? 1_555 D DDL . C1 ? ? D DDA 1  D DDL 2  1_555 ? ? ? ? ? ? ?            1.418 sing ? 
covale9  covale both ? D DDL . O3 ? ? ? 1_555 D DRI . C1 ? ? D DDL 2  D DRI 3  1_555 ? ? ? ? ? ? ?            1.427 sing ? 
covale10 covale both ? D DRI . O3 ? ? ? 1_555 D DDA . C1 ? ? D DRI 3  D DDA 4  1_555 ? ? ? ? ? ? ?            1.419 ?    ? 
metalc1  metalc ?    ? F DXA . O1 ? ? ? 1_555 H MG  . MG ? ? A DXA 14 B MG  14 1_555 ? ? ? ? ? ? ?            2.749 ?    ? 
metalc2  metalc ?    ? F DXA . O9 ? ? ? 1_555 H MG  . MG ? ? A DXA 14 B MG  14 1_555 ? ? ? ? ? ? ?            2.357 ?    ? 
metalc3  metalc ?    ? H MG  . MG ? ? ? 1_555 I DXA . O9 ? ? B MG  14 B DXA 15 1_555 ? ? ? ? ? ? ?            2.358 ?    ? 
metalc4  metalc ?    ? H MG  . MG ? ? ? 1_555 I DXA . O1 ? ? B MG  14 B DXA 15 1_555 ? ? ? ? ? ? ?            2.538 ?    ? 
hydrog1  hydrog ?    ? A DT  1 N3 ? ? ? 1_555 B DA  8 N1 ? ? A DT  1  B DA  8  1_555 ? ? ? ? ? ? WATSON-CRICK ?     ?    ? 
hydrog2  hydrog ?    ? A DT  1 O4 ? ? ? 1_555 B DA  8 N6 ? ? A DT  1  B DA  8  1_555 ? ? ? ? ? ? WATSON-CRICK ?     ?    ? 
hydrog3  hydrog ?    ? A DT  2 N3 ? ? ? 1_555 B DA  7 N1 ? ? A DT  2  B DA  7  1_555 ? ? ? ? ? ? WATSON-CRICK ?     ?    ? 
hydrog4  hydrog ?    ? A DT  2 O4 ? ? ? 1_555 B DA  7 N6 ? ? A DT  2  B DA  7  1_555 ? ? ? ? ? ? WATSON-CRICK ?     ?    ? 
hydrog5  hydrog ?    ? A DG  3 N1 ? ? ? 1_555 B DC  6 N3 ? ? A DG  3  B DC  6  1_555 ? ? ? ? ? ? WATSON-CRICK ?     ?    ? 
hydrog6  hydrog ?    ? A DG  3 N2 ? ? ? 1_555 B DC  6 O2 ? ? A DG  3  B DC  6  1_555 ? ? ? ? ? ? WATSON-CRICK ?     ?    ? 
hydrog7  hydrog ?    ? A DG  3 O6 ? ? ? 1_555 B DC  6 N4 ? ? A DG  3  B DC  6  1_555 ? ? ? ? ? ? WATSON-CRICK ?     ?    ? 
hydrog8  hydrog ?    ? A DG  4 N1 ? ? ? 1_555 B DC  5 N3 ? ? A DG  4  B DC  5  1_555 ? ? ? ? ? ? WATSON-CRICK ?     ?    ? 
hydrog9  hydrog ?    ? A DG  4 N2 ? ? ? 1_555 B DC  5 O2 ? ? A DG  4  B DC  5  1_555 ? ? ? ? ? ? WATSON-CRICK ?     ?    ? 
hydrog10 hydrog ?    ? A DG  4 O6 ? ? ? 1_555 B DC  5 N4 ? ? A DG  4  B DC  5  1_555 ? ? ? ? ? ? WATSON-CRICK ?     ?    ? 
hydrog11 hydrog ?    ? A DC  5 N3 ? ? ? 1_555 B DG  4 N1 ? ? A DC  5  B DG  4  1_555 ? ? ? ? ? ? WATSON-CRICK ?     ?    ? 
hydrog12 hydrog ?    ? A DC  5 N4 ? ? ? 1_555 B DG  4 O6 ? ? A DC  5  B DG  4  1_555 ? ? ? ? ? ? WATSON-CRICK ?     ?    ? 
hydrog13 hydrog ?    ? A DC  5 O2 ? ? ? 1_555 B DG  4 N2 ? ? A DC  5  B DG  4  1_555 ? ? ? ? ? ? WATSON-CRICK ?     ?    ? 
hydrog14 hydrog ?    ? A DC  6 N3 ? ? ? 1_555 B DG  3 N1 ? ? A DC  6  B DG  3  1_555 ? ? ? ? ? ? WATSON-CRICK ?     ?    ? 
hydrog15 hydrog ?    ? A DC  6 N4 ? ? ? 1_555 B DG  3 O6 ? ? A DC  6  B DG  3  1_555 ? ? ? ? ? ? WATSON-CRICK ?     ?    ? 
hydrog16 hydrog ?    ? A DC  6 O2 ? ? ? 1_555 B DG  3 N2 ? ? A DC  6  B DG  3  1_555 ? ? ? ? ? ? WATSON-CRICK ?     ?    ? 
hydrog17 hydrog ?    ? A DA  7 N1 ? ? ? 1_555 B DT  2 N3 ? ? A DA  7  B DT  2  1_555 ? ? ? ? ? ? WATSON-CRICK ?     ?    ? 
hydrog18 hydrog ?    ? A DA  7 N6 ? ? ? 1_555 B DT  2 O4 ? ? A DA  7  B DT  2  1_555 ? ? ? ? ? ? WATSON-CRICK ?     ?    ? 
hydrog19 hydrog ?    ? A DA  8 N1 ? ? ? 1_555 B DT  1 N3 ? ? A DA  8  B DT  1  1_555 ? ? ? ? ? ? WATSON-CRICK ?     ?    ? 
hydrog20 hydrog ?    ? A DA  8 N6 ? ? ? 1_555 B DT  1 O4 ? ? A DA  8  B DT  1  1_555 ? ? ? ? ? ? WATSON-CRICK ?     ?    ? 
# 
loop_
_struct_conn_type.id 
_struct_conn_type.criteria 
_struct_conn_type.reference 
covale ? ? 
metalc ? ? 
hydrog ? ? 
# 
loop_
_pdbx_struct_conn_angle.id 
_pdbx_struct_conn_angle.ptnr1_label_atom_id 
_pdbx_struct_conn_angle.ptnr1_label_alt_id 
_pdbx_struct_conn_angle.ptnr1_label_asym_id 
_pdbx_struct_conn_angle.ptnr1_label_comp_id 
_pdbx_struct_conn_angle.ptnr1_label_seq_id 
_pdbx_struct_conn_angle.ptnr1_auth_atom_id 
_pdbx_struct_conn_angle.ptnr1_auth_asym_id 
_pdbx_struct_conn_angle.ptnr1_auth_comp_id 
_pdbx_struct_conn_angle.ptnr1_auth_seq_id 
_pdbx_struct_conn_angle.ptnr1_PDB_ins_code 
_pdbx_struct_conn_angle.ptnr1_symmetry 
_pdbx_struct_conn_angle.ptnr2_label_atom_id 
_pdbx_struct_conn_angle.ptnr2_label_alt_id 
_pdbx_struct_conn_angle.ptnr2_label_asym_id 
_pdbx_struct_conn_angle.ptnr2_label_comp_id 
_pdbx_struct_conn_angle.ptnr2_label_seq_id 
_pdbx_struct_conn_angle.ptnr2_auth_atom_id 
_pdbx_struct_conn_angle.ptnr2_auth_asym_id 
_pdbx_struct_conn_angle.ptnr2_auth_comp_id 
_pdbx_struct_conn_angle.ptnr2_auth_seq_id 
_pdbx_struct_conn_angle.ptnr2_PDB_ins_code 
_pdbx_struct_conn_angle.ptnr2_symmetry 
_pdbx_struct_conn_angle.ptnr3_label_atom_id 
_pdbx_struct_conn_angle.ptnr3_label_alt_id 
_pdbx_struct_conn_angle.ptnr3_label_asym_id 
_pdbx_struct_conn_angle.ptnr3_label_comp_id 
_pdbx_struct_conn_angle.ptnr3_label_seq_id 
_pdbx_struct_conn_angle.ptnr3_auth_atom_id 
_pdbx_struct_conn_angle.ptnr3_auth_asym_id 
_pdbx_struct_conn_angle.ptnr3_auth_comp_id 
_pdbx_struct_conn_angle.ptnr3_auth_seq_id 
_pdbx_struct_conn_angle.ptnr3_PDB_ins_code 
_pdbx_struct_conn_angle.ptnr3_symmetry 
_pdbx_struct_conn_angle.value 
_pdbx_struct_conn_angle.value_esd 
1 O1 ? F DXA . ? A DXA 14 ? 1_555 MG ? H MG . ? B MG 14 ? 1_555 O9 ? F DXA . ? A DXA 14 ? 1_555 59.7  ? 
2 O1 ? F DXA . ? A DXA 14 ? 1_555 MG ? H MG . ? B MG 14 ? 1_555 O9 ? I DXA . ? B DXA 15 ? 1_555 89.4  ? 
3 O9 ? F DXA . ? A DXA 14 ? 1_555 MG ? H MG . ? B MG 14 ? 1_555 O9 ? I DXA . ? B DXA 15 ? 1_555 146.4 ? 
4 O1 ? F DXA . ? A DXA 14 ? 1_555 MG ? H MG . ? B MG 14 ? 1_555 O1 ? I DXA . ? B DXA 15 ? 1_555 75.2  ? 
5 O9 ? F DXA . ? A DXA 14 ? 1_555 MG ? H MG . ? B MG 14 ? 1_555 O1 ? I DXA . ? B DXA 15 ? 1_555 94.2  ? 
6 O9 ? I DXA . ? B DXA 15 ? 1_555 MG ? H MG . ? B MG 14 ? 1_555 O1 ? I DXA . ? B DXA 15 ? 1_555 63.1  ? 
# 
loop_
_pdbx_validate_rmsd_angle.id 
_pdbx_validate_rmsd_angle.PDB_model_num 
_pdbx_validate_rmsd_angle.auth_atom_id_1 
_pdbx_validate_rmsd_angle.auth_asym_id_1 
_pdbx_validate_rmsd_angle.auth_comp_id_1 
_pdbx_validate_rmsd_angle.auth_seq_id_1 
_pdbx_validate_rmsd_angle.PDB_ins_code_1 
_pdbx_validate_rmsd_angle.label_alt_id_1 
_pdbx_validate_rmsd_angle.auth_atom_id_2 
_pdbx_validate_rmsd_angle.auth_asym_id_2 
_pdbx_validate_rmsd_angle.auth_comp_id_2 
_pdbx_validate_rmsd_angle.auth_seq_id_2 
_pdbx_validate_rmsd_angle.PDB_ins_code_2 
_pdbx_validate_rmsd_angle.label_alt_id_2 
_pdbx_validate_rmsd_angle.auth_atom_id_3 
_pdbx_validate_rmsd_angle.auth_asym_id_3 
_pdbx_validate_rmsd_angle.auth_comp_id_3 
_pdbx_validate_rmsd_angle.auth_seq_id_3 
_pdbx_validate_rmsd_angle.PDB_ins_code_3 
_pdbx_validate_rmsd_angle.label_alt_id_3 
_pdbx_validate_rmsd_angle.angle_value 
_pdbx_validate_rmsd_angle.angle_target_value 
_pdbx_validate_rmsd_angle.angle_deviation 
_pdbx_validate_rmsd_angle.angle_standard_deviation 
_pdbx_validate_rmsd_angle.linker_flag 
1  1 "O4'" A DT 1 ? ? "C1'" A DT 1 ? ? N1 A DT 1 ? ? 110.56 108.30 2.26  0.30 N 
2  1 "O4'" A DG 3 ? ? "C1'" A DG 3 ? ? N9 A DG 3 ? ? 112.46 108.30 4.16  0.30 N 
3  1 N7    A DG 3 ? ? C8    A DG 3 ? ? N9 A DG 3 ? ? 117.88 113.10 4.78  0.50 N 
4  1 C8    A DG 3 ? ? N9    A DG 3 ? ? C4 A DG 3 ? ? 103.49 106.40 -2.91 0.40 N 
5  1 "O4'" A DG 4 ? ? "C1'" A DG 4 ? ? N9 A DG 4 ? ? 113.33 108.30 5.03  0.30 N 
6  1 N7    A DG 4 ? ? C8    A DG 4 ? ? N9 A DG 4 ? ? 117.66 113.10 4.56  0.50 N 
7  1 C8    A DG 4 ? ? N9    A DG 4 ? ? C4 A DG 4 ? ? 103.79 106.40 -2.61 0.40 N 
8  1 "O4'" A DC 5 ? ? "C1'" A DC 5 ? ? N1 A DC 5 ? ? 111.75 108.30 3.45  0.30 N 
9  1 "O4'" A DC 6 ? ? "C1'" A DC 6 ? ? N1 A DC 6 ? ? 110.16 108.30 1.86  0.30 N 
10 1 "O4'" A DA 7 ? ? "C1'" A DA 7 ? ? N9 A DA 7 ? ? 111.30 108.30 3.00  0.30 N 
11 1 N7    A DA 7 ? ? C8    A DA 7 ? ? N9 A DA 7 ? ? 117.48 113.80 3.68  0.50 N 
12 1 "O4'" A DA 8 ? ? "C1'" A DA 8 ? ? N9 A DA 8 ? ? 111.69 108.30 3.39  0.30 N 
13 1 N7    A DA 8 ? ? C8    A DA 8 ? ? N9 A DA 8 ? ? 117.78 113.80 3.98  0.50 N 
14 1 "O4'" B DT 1 ? ? "C1'" B DT 1 ? ? N1 B DT 1 ? ? 110.62 108.30 2.32  0.30 N 
15 1 "O4'" B DG 3 ? ? "C1'" B DG 3 ? ? N9 B DG 3 ? ? 112.47 108.30 4.17  0.30 N 
16 1 N7    B DG 3 ? ? C8    B DG 3 ? ? N9 B DG 3 ? ? 117.87 113.10 4.77  0.50 N 
17 1 C8    B DG 3 ? ? N9    B DG 3 ? ? C4 B DG 3 ? ? 103.56 106.40 -2.84 0.40 N 
18 1 "O4'" B DG 4 ? ? "C1'" B DG 4 ? ? N9 B DG 4 ? ? 113.31 108.30 5.01  0.30 N 
19 1 N7    B DG 4 ? ? C8    B DG 4 ? ? N9 B DG 4 ? ? 117.68 113.10 4.58  0.50 N 
20 1 C8    B DG 4 ? ? N9    B DG 4 ? ? C4 B DG 4 ? ? 103.79 106.40 -2.61 0.40 N 
21 1 "O4'" B DC 5 ? ? "C1'" B DC 5 ? ? N1 B DC 5 ? ? 111.58 108.30 3.28  0.30 N 
22 1 "O4'" B DC 6 ? ? "C1'" B DC 6 ? ? N1 B DC 6 ? ? 110.14 108.30 1.84  0.30 N 
23 1 "O4'" B DA 7 ? ? "C1'" B DA 7 ? ? N9 B DA 7 ? ? 111.36 108.30 3.06  0.30 N 
24 1 N7    B DA 7 ? ? C8    B DA 7 ? ? N9 B DA 7 ? ? 117.55 113.80 3.75  0.50 N 
25 1 "O4'" B DA 8 ? ? "C1'" B DA 8 ? ? N9 B DA 8 ? ? 111.67 108.30 3.37  0.30 N 
26 1 N7    B DA 8 ? ? C8    B DA 8 ? ? N9 B DA 8 ? ? 117.81 113.80 4.01  0.50 N 
27 1 C8    B DA 8 ? ? N9    B DA 8 ? ? C4 B DA 8 ? ? 103.34 105.80 -2.46 0.40 N 
# 
_pdbx_nmr_ensemble.entry_id                                      1CP8 
_pdbx_nmr_ensemble.conformers_calculated_total_number            ? 
_pdbx_nmr_ensemble.conformers_submitted_total_number             1 
_pdbx_nmr_ensemble.conformer_selection_criteria                  'LEAST RESTRAINT VIOLATION' 
_pdbx_nmr_ensemble.average_constraints_per_residue               ? 
_pdbx_nmr_ensemble.average_constraint_violations_per_residue     ? 
_pdbx_nmr_ensemble.maximum_distance_constraint_violation         ? 
_pdbx_nmr_ensemble.average_distance_constraint_violation         ? 
_pdbx_nmr_ensemble.maximum_upper_distance_constraint_violation   ? 
_pdbx_nmr_ensemble.maximum_lower_distance_constraint_violation   ? 
_pdbx_nmr_ensemble.distance_constraint_violation_method          ? 
_pdbx_nmr_ensemble.maximum_torsion_angle_constraint_violation    ? 
_pdbx_nmr_ensemble.average_torsion_angle_constraint_violation    ? 
_pdbx_nmr_ensemble.torsion_angle_constraint_violation_method     ? 
# 
_pdbx_nmr_representative.entry_id             1CP8 
_pdbx_nmr_representative.conformer_id         1 
_pdbx_nmr_representative.selection_criteria   ? 
# 
_pdbx_nmr_sample_details.solution_id      1 
_pdbx_nmr_sample_details.contents         '10% WATER/90% D2O, 100% D2O' 
_pdbx_nmr_sample_details.solvent_system   ? 
# 
_pdbx_nmr_exptl_sample_conditions.conditions_id       1 
_pdbx_nmr_exptl_sample_conditions.temperature         303 
_pdbx_nmr_exptl_sample_conditions.pressure            ? 
_pdbx_nmr_exptl_sample_conditions.pH                  6.9 
_pdbx_nmr_exptl_sample_conditions.ionic_strength      ? 
_pdbx_nmr_exptl_sample_conditions.pressure_units      ? 
_pdbx_nmr_exptl_sample_conditions.temperature_units   K 
# 
loop_
_pdbx_nmr_exptl.experiment_id 
_pdbx_nmr_exptl.conditions_id 
_pdbx_nmr_exptl.type 
_pdbx_nmr_exptl.solution_id 
1 1 NOESY    1 
2 1 DQF-COSY 1 
3 1 TOCSY    1 
4 1 E.COSY   1 
# 
_pdbx_nmr_details.entry_id   1CP8 
_pdbx_nmr_details.text       'BEST STRUCTURE' 
# 
_pdbx_nmr_refine.entry_id           1CP8 
_pdbx_nmr_refine.method             'simulated annealing' 
_pdbx_nmr_refine.details            
;REFINEMENT DETAILS CAN BE FOUND IN THE JRNL CITATION ABOVE.
THE ABSOLUTE CONFIGURATION OF THE HYDROPHILIC SIDECHAIN HAS
NOT BEEN DETERMINED. IN THIS MODEL, IT WAS SET TO THE SAME
CONFIGURATION AS THAT OF THE OTHER AUREOLIC ACID GROUP
COMPOUNDS, SUCH AS CHROMOMYCIN A3.
;
_pdbx_nmr_refine.software_ordinal   1 
# 
loop_
_pdbx_nmr_software.classification 
_pdbx_nmr_software.name 
_pdbx_nmr_software.version 
_pdbx_nmr_software.authors 
_pdbx_nmr_software.ordinal 
refinement           X-PLOR 3.1 BRUNGER 1 
'structure solution' X-PLOR ?   ?       2 
# 
loop_
_chem_comp_atom.comp_id 
_chem_comp_atom.atom_id 
_chem_comp_atom.type_symbol 
_chem_comp_atom.pdbx_aromatic_flag 
_chem_comp_atom.pdbx_stereo_config 
_chem_comp_atom.pdbx_ordinal 
DA  OP3    O  N N 1   
DA  P      P  N N 2   
DA  OP1    O  N N 3   
DA  OP2    O  N N 4   
DA  "O5'"  O  N N 5   
DA  "C5'"  C  N N 6   
DA  "C4'"  C  N R 7   
DA  "O4'"  O  N N 8   
DA  "C3'"  C  N S 9   
DA  "O3'"  O  N N 10  
DA  "C2'"  C  N N 11  
DA  "C1'"  C  N R 12  
DA  N9     N  Y N 13  
DA  C8     C  Y N 14  
DA  N7     N  Y N 15  
DA  C5     C  Y N 16  
DA  C6     C  Y N 17  
DA  N6     N  N N 18  
DA  N1     N  Y N 19  
DA  C2     C  Y N 20  
DA  N3     N  Y N 21  
DA  C4     C  Y N 22  
DA  HOP3   H  N N 23  
DA  HOP2   H  N N 24  
DA  "H5'"  H  N N 25  
DA  "H5''" H  N N 26  
DA  "H4'"  H  N N 27  
DA  "H3'"  H  N N 28  
DA  "HO3'" H  N N 29  
DA  "H2'"  H  N N 30  
DA  "H2''" H  N N 31  
DA  "H1'"  H  N N 32  
DA  H8     H  N N 33  
DA  H61    H  N N 34  
DA  H62    H  N N 35  
DA  H2     H  N N 36  
DC  OP3    O  N N 37  
DC  P      P  N N 38  
DC  OP1    O  N N 39  
DC  OP2    O  N N 40  
DC  "O5'"  O  N N 41  
DC  "C5'"  C  N N 42  
DC  "C4'"  C  N R 43  
DC  "O4'"  O  N N 44  
DC  "C3'"  C  N S 45  
DC  "O3'"  O  N N 46  
DC  "C2'"  C  N N 47  
DC  "C1'"  C  N R 48  
DC  N1     N  N N 49  
DC  C2     C  N N 50  
DC  O2     O  N N 51  
DC  N3     N  N N 52  
DC  C4     C  N N 53  
DC  N4     N  N N 54  
DC  C5     C  N N 55  
DC  C6     C  N N 56  
DC  HOP3   H  N N 57  
DC  HOP2   H  N N 58  
DC  "H5'"  H  N N 59  
DC  "H5''" H  N N 60  
DC  "H4'"  H  N N 61  
DC  "H3'"  H  N N 62  
DC  "HO3'" H  N N 63  
DC  "H2'"  H  N N 64  
DC  "H2''" H  N N 65  
DC  "H1'"  H  N N 66  
DC  H41    H  N N 67  
DC  H42    H  N N 68  
DC  H5     H  N N 69  
DC  H6     H  N N 70  
DDA C1     C  N R 71  
DDA C2     C  N N 72  
DDA C3     C  N R 73  
DDA C4     C  N S 74  
DDA C5     C  N R 75  
DDA C6     C  N N 76  
DDA O5     O  N N 77  
DDA O1     O  N N 78  
DDA O3     O  N N 79  
DDA O4     O  N N 80  
DDA H1     H  N N 81  
DDA H21    H  N N 82  
DDA H22    H  N N 83  
DDA H3     H  N N 84  
DDA H4     H  N N 85  
DDA H5     H  N N 86  
DDA H61    H  N N 87  
DDA H62    H  N N 88  
DDA H63    H  N N 89  
DDA HO1    H  N N 90  
DDA HO3    H  N N 91  
DDA HO4    H  N N 92  
DDL C1     C  N R 93  
DDL C2     C  N N 94  
DDL C3     C  N R 95  
DDL C4     C  N R 96  
DDL C5     C  N R 97  
DDL C6     C  N N 98  
DDL O1     O  N N 99  
DDL O5     O  N N 100 
DDL O3     O  N N 101 
DDL O4     O  N N 102 
DDL H1     H  N N 103 
DDL H2     H  N N 104 
DDL H22    H  N N 105 
DDL H3     H  N N 106 
DDL H4     H  N N 107 
DDL H5     H  N N 108 
DDL H61    H  N N 109 
DDL H62    H  N N 110 
DDL H63    H  N N 111 
DDL HO1    H  N N 112 
DDL HO3    H  N N 113 
DDL HO4    H  N N 114 
DG  OP3    O  N N 115 
DG  P      P  N N 116 
DG  OP1    O  N N 117 
DG  OP2    O  N N 118 
DG  "O5'"  O  N N 119 
DG  "C5'"  C  N N 120 
DG  "C4'"  C  N R 121 
DG  "O4'"  O  N N 122 
DG  "C3'"  C  N S 123 
DG  "O3'"  O  N N 124 
DG  "C2'"  C  N N 125 
DG  "C1'"  C  N R 126 
DG  N9     N  Y N 127 
DG  C8     C  Y N 128 
DG  N7     N  Y N 129 
DG  C5     C  Y N 130 
DG  C6     C  N N 131 
DG  O6     O  N N 132 
DG  N1     N  N N 133 
DG  C2     C  N N 134 
DG  N2     N  N N 135 
DG  N3     N  N N 136 
DG  C4     C  Y N 137 
DG  HOP3   H  N N 138 
DG  HOP2   H  N N 139 
DG  "H5'"  H  N N 140 
DG  "H5''" H  N N 141 
DG  "H4'"  H  N N 142 
DG  "H3'"  H  N N 143 
DG  "HO3'" H  N N 144 
DG  "H2'"  H  N N 145 
DG  "H2''" H  N N 146 
DG  "H1'"  H  N N 147 
DG  H8     H  N N 148 
DG  H1     H  N N 149 
DG  H21    H  N N 150 
DG  H22    H  N N 151 
DRI O1     O  N N 152 
DRI C1     C  N R 153 
DRI C5     C  N R 154 
DRI C2     C  N N 155 
DRI C3     C  N R 156 
DRI O3     O  N N 157 
DRI C4     C  N S 158 
DRI O4     O  N N 159 
DRI CME    C  N N 160 
DRI O5     O  N N 161 
DRI C6     C  N N 162 
DRI HO1    H  N N 163 
DRI H1     H  N N 164 
DRI H5     H  N N 165 
DRI H2     H  N N 166 
DRI H22    H  N N 167 
DRI H3     H  N N 168 
DRI HO3    H  N N 169 
DRI H4     H  N N 170 
DRI H41    H  N N 171 
DRI H42    H  N N 172 
DRI H43    H  N N 173 
DRI H61    H  N N 174 
DRI H62    H  N N 175 
DRI H63    H  N N 176 
DT  OP3    O  N N 177 
DT  P      P  N N 178 
DT  OP1    O  N N 179 
DT  OP2    O  N N 180 
DT  "O5'"  O  N N 181 
DT  "C5'"  C  N N 182 
DT  "C4'"  C  N R 183 
DT  "O4'"  O  N N 184 
DT  "C3'"  C  N S 185 
DT  "O3'"  O  N N 186 
DT  "C2'"  C  N N 187 
DT  "C1'"  C  N R 188 
DT  N1     N  N N 189 
DT  C2     C  N N 190 
DT  O2     O  N N 191 
DT  N3     N  N N 192 
DT  C4     C  N N 193 
DT  O4     O  N N 194 
DT  C5     C  N N 195 
DT  C7     C  N N 196 
DT  C6     C  N N 197 
DT  HOP3   H  N N 198 
DT  HOP2   H  N N 199 
DT  "H5'"  H  N N 200 
DT  "H5''" H  N N 201 
DT  "H4'"  H  N N 202 
DT  "H3'"  H  N N 203 
DT  "HO3'" H  N N 204 
DT  "H2'"  H  N N 205 
DT  "H2''" H  N N 206 
DT  "H1'"  H  N N 207 
DT  H3     H  N N 208 
DT  H71    H  N N 209 
DT  H72    H  N N 210 
DT  H73    H  N N 211 
DT  H6     H  N N 212 
DXA C1     C  N N 213 
DXA O1     O  N N 214 
DXA C9A    C  Y N 215 
DXA C2     C  N N 216 
DXA C3     C  N R 217 
DXA C4     C  N N 218 
DXA C4A    C  Y N 219 
DXA C10    C  Y N 220 
DXA C5A    C  Y N 221 
DXA C5     C  Y N 222 
DXA C6     C  Y N 223 
DXA C7     C  Y N 224 
DXA C8     C  Y N 225 
DXA O8     O  N N 226 
DXA C8A    C  Y N 227 
DXA C9     C  Y N 228 
DXA O9     O  N N 229 
DXA CME    C  N N 230 
DXA "C6'"  C  N R 231 
DXA "C1'"  C  N S 232 
DXA "O1'"  O  N N 233 
DXA "C2'"  C  N N 234 
DXA "O2'"  O  N N 235 
DXA "C3'"  C  N S 236 
DXA "O3'"  O  N N 237 
DXA "C4'"  C  N R 238 
DXA "O4'"  O  N N 239 
DXA "C5'"  C  N N 240 
DXA "C7'"  C  N N 241 
DXA "C8'"  C  N N 242 
DXA "C9'"  C  N N 243 
DXA H21    H  N N 244 
DXA H22    H  N N 245 
DXA H3     H  N N 246 
DXA H4A    H  N N 247 
DXA H4E    H  N N 248 
DXA H10    H  N N 249 
DXA H5     H  N N 250 
DXA H6     H  N N 251 
DXA HO8    H  N N 252 
DXA HO9    H  N N 253 
DXA H11    H  N N 254 
DXA H12    H  N N 255 
DXA H13    H  N N 256 
DXA "H6'"  H  N N 257 
DXA "H1'"  H  N N 258 
DXA "H3'"  H  N N 259 
DXA HO3    H  N N 260 
DXA "H4'"  H  N N 261 
DXA HO4    H  N N 262 
DXA H51    H  N N 263 
DXA H52    H  N N 264 
DXA H53    H  N N 265 
DXA H71    H  N N 266 
DXA H72    H  N N 267 
DXA H73    H  N N 268 
DXA H81    H  N N 269 
DXA H82    H  N N 270 
DXA H91    H  N N 271 
DXA H92    H  N N 272 
DXA H93    H  N N 273 
MG  MG     MG N N 274 
# 
loop_
_chem_comp_bond.comp_id 
_chem_comp_bond.atom_id_1 
_chem_comp_bond.atom_id_2 
_chem_comp_bond.value_order 
_chem_comp_bond.pdbx_aromatic_flag 
_chem_comp_bond.pdbx_stereo_config 
_chem_comp_bond.pdbx_ordinal 
DA  OP3   P      sing N N 1   
DA  OP3   HOP3   sing N N 2   
DA  P     OP1    doub N N 3   
DA  P     OP2    sing N N 4   
DA  P     "O5'"  sing N N 5   
DA  OP2   HOP2   sing N N 6   
DA  "O5'" "C5'"  sing N N 7   
DA  "C5'" "C4'"  sing N N 8   
DA  "C5'" "H5'"  sing N N 9   
DA  "C5'" "H5''" sing N N 10  
DA  "C4'" "O4'"  sing N N 11  
DA  "C4'" "C3'"  sing N N 12  
DA  "C4'" "H4'"  sing N N 13  
DA  "O4'" "C1'"  sing N N 14  
DA  "C3'" "O3'"  sing N N 15  
DA  "C3'" "C2'"  sing N N 16  
DA  "C3'" "H3'"  sing N N 17  
DA  "O3'" "HO3'" sing N N 18  
DA  "C2'" "C1'"  sing N N 19  
DA  "C2'" "H2'"  sing N N 20  
DA  "C2'" "H2''" sing N N 21  
DA  "C1'" N9     sing N N 22  
DA  "C1'" "H1'"  sing N N 23  
DA  N9    C8     sing Y N 24  
DA  N9    C4     sing Y N 25  
DA  C8    N7     doub Y N 26  
DA  C8    H8     sing N N 27  
DA  N7    C5     sing Y N 28  
DA  C5    C6     sing Y N 29  
DA  C5    C4     doub Y N 30  
DA  C6    N6     sing N N 31  
DA  C6    N1     doub Y N 32  
DA  N6    H61    sing N N 33  
DA  N6    H62    sing N N 34  
DA  N1    C2     sing Y N 35  
DA  C2    N3     doub Y N 36  
DA  C2    H2     sing N N 37  
DA  N3    C4     sing Y N 38  
DC  OP3   P      sing N N 39  
DC  OP3   HOP3   sing N N 40  
DC  P     OP1    doub N N 41  
DC  P     OP2    sing N N 42  
DC  P     "O5'"  sing N N 43  
DC  OP2   HOP2   sing N N 44  
DC  "O5'" "C5'"  sing N N 45  
DC  "C5'" "C4'"  sing N N 46  
DC  "C5'" "H5'"  sing N N 47  
DC  "C5'" "H5''" sing N N 48  
DC  "C4'" "O4'"  sing N N 49  
DC  "C4'" "C3'"  sing N N 50  
DC  "C4'" "H4'"  sing N N 51  
DC  "O4'" "C1'"  sing N N 52  
DC  "C3'" "O3'"  sing N N 53  
DC  "C3'" "C2'"  sing N N 54  
DC  "C3'" "H3'"  sing N N 55  
DC  "O3'" "HO3'" sing N N 56  
DC  "C2'" "C1'"  sing N N 57  
DC  "C2'" "H2'"  sing N N 58  
DC  "C2'" "H2''" sing N N 59  
DC  "C1'" N1     sing N N 60  
DC  "C1'" "H1'"  sing N N 61  
DC  N1    C2     sing N N 62  
DC  N1    C6     sing N N 63  
DC  C2    O2     doub N N 64  
DC  C2    N3     sing N N 65  
DC  N3    C4     doub N N 66  
DC  C4    N4     sing N N 67  
DC  C4    C5     sing N N 68  
DC  N4    H41    sing N N 69  
DC  N4    H42    sing N N 70  
DC  C5    C6     doub N N 71  
DC  C5    H5     sing N N 72  
DC  C6    H6     sing N N 73  
DDA C1    C2     sing N N 74  
DDA C1    O5     sing N N 75  
DDA C1    O1     sing N N 76  
DDA C1    H1     sing N N 77  
DDA C2    C3     sing N N 78  
DDA C2    H21    sing N N 79  
DDA C2    H22    sing N N 80  
DDA C3    C4     sing N N 81  
DDA C3    O3     sing N N 82  
DDA C3    H3     sing N N 83  
DDA C4    C5     sing N N 84  
DDA C4    O4     sing N N 85  
DDA C4    H4     sing N N 86  
DDA C5    C6     sing N N 87  
DDA C5    O5     sing N N 88  
DDA C5    H5     sing N N 89  
DDA C6    H61    sing N N 90  
DDA C6    H62    sing N N 91  
DDA C6    H63    sing N N 92  
DDA O1    HO1    sing N N 93  
DDA O3    HO3    sing N N 94  
DDA O4    HO4    sing N N 95  
DDL C1    C2     sing N N 96  
DDL C1    O1     sing N N 97  
DDL C1    O5     sing N N 98  
DDL C1    H1     sing N N 99  
DDL C2    C3     sing N N 100 
DDL C2    H2     sing N N 101 
DDL C2    H22    sing N N 102 
DDL C3    C4     sing N N 103 
DDL C3    O3     sing N N 104 
DDL C3    H3     sing N N 105 
DDL C4    C5     sing N N 106 
DDL C4    O4     sing N N 107 
DDL C4    H4     sing N N 108 
DDL C5    C6     sing N N 109 
DDL C5    O5     sing N N 110 
DDL C5    H5     sing N N 111 
DDL C6    H61    sing N N 112 
DDL C6    H62    sing N N 113 
DDL C6    H63    sing N N 114 
DDL O1    HO1    sing N N 115 
DDL O3    HO3    sing N N 116 
DDL O4    HO4    sing N N 117 
DG  OP3   P      sing N N 118 
DG  OP3   HOP3   sing N N 119 
DG  P     OP1    doub N N 120 
DG  P     OP2    sing N N 121 
DG  P     "O5'"  sing N N 122 
DG  OP2   HOP2   sing N N 123 
DG  "O5'" "C5'"  sing N N 124 
DG  "C5'" "C4'"  sing N N 125 
DG  "C5'" "H5'"  sing N N 126 
DG  "C5'" "H5''" sing N N 127 
DG  "C4'" "O4'"  sing N N 128 
DG  "C4'" "C3'"  sing N N 129 
DG  "C4'" "H4'"  sing N N 130 
DG  "O4'" "C1'"  sing N N 131 
DG  "C3'" "O3'"  sing N N 132 
DG  "C3'" "C2'"  sing N N 133 
DG  "C3'" "H3'"  sing N N 134 
DG  "O3'" "HO3'" sing N N 135 
DG  "C2'" "C1'"  sing N N 136 
DG  "C2'" "H2'"  sing N N 137 
DG  "C2'" "H2''" sing N N 138 
DG  "C1'" N9     sing N N 139 
DG  "C1'" "H1'"  sing N N 140 
DG  N9    C8     sing Y N 141 
DG  N9    C4     sing Y N 142 
DG  C8    N7     doub Y N 143 
DG  C8    H8     sing N N 144 
DG  N7    C5     sing Y N 145 
DG  C5    C6     sing N N 146 
DG  C5    C4     doub Y N 147 
DG  C6    O6     doub N N 148 
DG  C6    N1     sing N N 149 
DG  N1    C2     sing N N 150 
DG  N1    H1     sing N N 151 
DG  C2    N2     sing N N 152 
DG  C2    N3     doub N N 153 
DG  N2    H21    sing N N 154 
DG  N2    H22    sing N N 155 
DG  N3    C4     sing N N 156 
DRI O1    C1     sing N N 157 
DRI O1    HO1    sing N N 158 
DRI C1    C2     sing N N 159 
DRI C1    O5     sing N N 160 
DRI C1    H1     sing N N 161 
DRI C5    C4     sing N N 162 
DRI C5    O5     sing N N 163 
DRI C5    C6     sing N N 164 
DRI C5    H5     sing N N 165 
DRI C2    C3     sing N N 166 
DRI C2    H2     sing N N 167 
DRI C2    H22    sing N N 168 
DRI C3    O3     sing N N 169 
DRI C3    C4     sing N N 170 
DRI C3    H3     sing N N 171 
DRI O3    HO3    sing N N 172 
DRI C4    O4     sing N N 173 
DRI C4    H4     sing N N 174 
DRI O4    CME    sing N N 175 
DRI CME   H41    sing N N 176 
DRI CME   H42    sing N N 177 
DRI CME   H43    sing N N 178 
DRI C6    H61    sing N N 179 
DRI C6    H62    sing N N 180 
DRI C6    H63    sing N N 181 
DT  OP3   P      sing N N 182 
DT  OP3   HOP3   sing N N 183 
DT  P     OP1    doub N N 184 
DT  P     OP2    sing N N 185 
DT  P     "O5'"  sing N N 186 
DT  OP2   HOP2   sing N N 187 
DT  "O5'" "C5'"  sing N N 188 
DT  "C5'" "C4'"  sing N N 189 
DT  "C5'" "H5'"  sing N N 190 
DT  "C5'" "H5''" sing N N 191 
DT  "C4'" "O4'"  sing N N 192 
DT  "C4'" "C3'"  sing N N 193 
DT  "C4'" "H4'"  sing N N 194 
DT  "O4'" "C1'"  sing N N 195 
DT  "C3'" "O3'"  sing N N 196 
DT  "C3'" "C2'"  sing N N 197 
DT  "C3'" "H3'"  sing N N 198 
DT  "O3'" "HO3'" sing N N 199 
DT  "C2'" "C1'"  sing N N 200 
DT  "C2'" "H2'"  sing N N 201 
DT  "C2'" "H2''" sing N N 202 
DT  "C1'" N1     sing N N 203 
DT  "C1'" "H1'"  sing N N 204 
DT  N1    C2     sing N N 205 
DT  N1    C6     sing N N 206 
DT  C2    O2     doub N N 207 
DT  C2    N3     sing N N 208 
DT  N3    C4     sing N N 209 
DT  N3    H3     sing N N 210 
DT  C4    O4     doub N N 211 
DT  C4    C5     sing N N 212 
DT  C5    C7     sing N N 213 
DT  C5    C6     doub N N 214 
DT  C7    H71    sing N N 215 
DT  C7    H72    sing N N 216 
DT  C7    H73    sing N N 217 
DT  C6    H6     sing N N 218 
DXA C1    O1     doub N N 219 
DXA C1    C9A    sing N N 220 
DXA C1    C2     sing N N 221 
DXA C9A   C4A    doub Y N 222 
DXA C9A   C9     sing Y N 223 
DXA C2    C3     sing N N 224 
DXA C2    H21    sing N N 225 
DXA C2    H22    sing N N 226 
DXA C3    C4     sing N N 227 
DXA C3    "C1'"  sing N N 228 
DXA C3    H3     sing N N 229 
DXA C4    C4A    sing N N 230 
DXA C4    H4A    sing N N 231 
DXA C4    H4E    sing N N 232 
DXA C4A   C10    sing Y N 233 
DXA C10   C5A    doub Y N 234 
DXA C10   H10    sing N N 235 
DXA C5A   C5     sing Y N 236 
DXA C5A   C8A    sing Y N 237 
DXA C5    C6     doub Y N 238 
DXA C5    H5     sing N N 239 
DXA C6    C7     sing Y N 240 
DXA C6    H6     sing N N 241 
DXA C7    C8     doub Y N 242 
DXA C7    "C6'"  sing N N 243 
DXA C8    O8     sing N N 244 
DXA C8    C8A    sing Y N 245 
DXA O8    HO8    sing N N 246 
DXA C8A   C9     doub Y N 247 
DXA C9    O9     sing N N 248 
DXA O9    HO9    sing N N 249 
DXA CME   "O1'"  sing N N 250 
DXA CME   H11    sing N N 251 
DXA CME   H12    sing N N 252 
DXA CME   H13    sing N N 253 
DXA "C6'" "C7'"  sing N N 254 
DXA "C6'" "C8'"  sing N N 255 
DXA "C6'" "H6'"  sing N N 256 
DXA "C1'" "O1'"  sing N N 257 
DXA "C1'" "C2'"  sing N N 258 
DXA "C1'" "H1'"  sing N N 259 
DXA "C2'" "O2'"  doub N N 260 
DXA "C2'" "C3'"  sing N N 261 
DXA "C3'" "O3'"  sing N N 262 
DXA "C3'" "C4'"  sing N N 263 
DXA "C3'" "H3'"  sing N N 264 
DXA "O3'" HO3    sing N N 265 
DXA "C4'" "O4'"  sing N N 266 
DXA "C4'" "C5'"  sing N N 267 
DXA "C4'" "H4'"  sing N N 268 
DXA "O4'" HO4    sing N N 269 
DXA "C5'" H51    sing N N 270 
DXA "C5'" H52    sing N N 271 
DXA "C5'" H53    sing N N 272 
DXA "C7'" H71    sing N N 273 
DXA "C7'" H72    sing N N 274 
DXA "C7'" H73    sing N N 275 
DXA "C8'" "C9'"  sing N N 276 
DXA "C8'" H81    sing N N 277 
DXA "C8'" H82    sing N N 278 
DXA "C9'" H91    sing N N 279 
DXA "C9'" H92    sing N N 280 
DXA "C9'" H93    sing N N 281 
# 
loop_
_ndb_struct_conf_na.entry_id 
_ndb_struct_conf_na.feature 
1CP8 'double helix'        
1CP8 'a-form double helix' 
# 
loop_
_ndb_struct_na_base_pair.model_number 
_ndb_struct_na_base_pair.i_label_asym_id 
_ndb_struct_na_base_pair.i_label_comp_id 
_ndb_struct_na_base_pair.i_label_seq_id 
_ndb_struct_na_base_pair.i_symmetry 
_ndb_struct_na_base_pair.j_label_asym_id 
_ndb_struct_na_base_pair.j_label_comp_id 
_ndb_struct_na_base_pair.j_label_seq_id 
_ndb_struct_na_base_pair.j_symmetry 
_ndb_struct_na_base_pair.shear 
_ndb_struct_na_base_pair.stretch 
_ndb_struct_na_base_pair.stagger 
_ndb_struct_na_base_pair.buckle 
_ndb_struct_na_base_pair.propeller 
_ndb_struct_na_base_pair.opening 
_ndb_struct_na_base_pair.pair_number 
_ndb_struct_na_base_pair.pair_name 
_ndb_struct_na_base_pair.i_auth_asym_id 
_ndb_struct_na_base_pair.i_auth_seq_id 
_ndb_struct_na_base_pair.i_PDB_ins_code 
_ndb_struct_na_base_pair.j_auth_asym_id 
_ndb_struct_na_base_pair.j_auth_seq_id 
_ndb_struct_na_base_pair.j_PDB_ins_code 
_ndb_struct_na_base_pair.hbond_type_28 
_ndb_struct_na_base_pair.hbond_type_12 
1 A DT 1 1_555 B DA 8 1_555 0.156  0.086 0.028  -0.803 0.213  -9.521  1 A_DT1:DA8_B A 1 ? B 8 ? 20 1 
1 A DT 2 1_555 B DA 7 1_555 -0.034 0.176 -0.008 -0.997 -0.123 -14.325 2 A_DT2:DA7_B A 2 ? B 7 ? 20 1 
1 A DG 3 1_555 B DC 6 1_555 0.646  0.150 0.028  0.424  -0.784 0.642   3 A_DG3:DC6_B A 3 ? B 6 ? 19 1 
1 A DG 4 1_555 B DC 5 1_555 0.569  0.152 0.027  0.862  -1.411 0.434   4 A_DG4:DC5_B A 4 ? B 5 ? 19 1 
1 A DC 5 1_555 B DG 4 1_555 -0.570 0.152 0.028  -0.911 -1.516 0.283   5 A_DC5:DG4_B A 5 ? B 4 ? 19 1 
1 A DC 6 1_555 B DG 3 1_555 -0.631 0.147 0.030  -0.465 -0.782 0.540   6 A_DC6:DG3_B A 6 ? B 3 ? 19 1 
1 A DA 7 1_555 B DT 2 1_555 0.032  0.172 -0.007 0.986  -0.056 -14.391 7 A_DA7:DT2_B A 7 ? B 2 ? 20 1 
1 A DA 8 1_555 B DT 1 1_555 -0.153 0.081 0.029  0.807  0.231  -9.472  8 A_DA8:DT1_B A 8 ? B 1 ? 20 1 
# 
loop_
_ndb_struct_na_base_pair_step.model_number 
_ndb_struct_na_base_pair_step.i_label_asym_id_1 
_ndb_struct_na_base_pair_step.i_label_comp_id_1 
_ndb_struct_na_base_pair_step.i_label_seq_id_1 
_ndb_struct_na_base_pair_step.i_symmetry_1 
_ndb_struct_na_base_pair_step.j_label_asym_id_1 
_ndb_struct_na_base_pair_step.j_label_comp_id_1 
_ndb_struct_na_base_pair_step.j_label_seq_id_1 
_ndb_struct_na_base_pair_step.j_symmetry_1 
_ndb_struct_na_base_pair_step.i_label_asym_id_2 
_ndb_struct_na_base_pair_step.i_label_comp_id_2 
_ndb_struct_na_base_pair_step.i_label_seq_id_2 
_ndb_struct_na_base_pair_step.i_symmetry_2 
_ndb_struct_na_base_pair_step.j_label_asym_id_2 
_ndb_struct_na_base_pair_step.j_label_comp_id_2 
_ndb_struct_na_base_pair_step.j_label_seq_id_2 
_ndb_struct_na_base_pair_step.j_symmetry_2 
_ndb_struct_na_base_pair_step.shift 
_ndb_struct_na_base_pair_step.slide 
_ndb_struct_na_base_pair_step.rise 
_ndb_struct_na_base_pair_step.tilt 
_ndb_struct_na_base_pair_step.roll 
_ndb_struct_na_base_pair_step.twist 
_ndb_struct_na_base_pair_step.x_displacement 
_ndb_struct_na_base_pair_step.y_displacement 
_ndb_struct_na_base_pair_step.helical_rise 
_ndb_struct_na_base_pair_step.inclination 
_ndb_struct_na_base_pair_step.tip 
_ndb_struct_na_base_pair_step.helical_twist 
_ndb_struct_na_base_pair_step.step_number 
_ndb_struct_na_base_pair_step.step_name 
_ndb_struct_na_base_pair_step.i_auth_asym_id_1 
_ndb_struct_na_base_pair_step.i_auth_seq_id_1 
_ndb_struct_na_base_pair_step.i_PDB_ins_code_1 
_ndb_struct_na_base_pair_step.j_auth_asym_id_1 
_ndb_struct_na_base_pair_step.j_auth_seq_id_1 
_ndb_struct_na_base_pair_step.j_PDB_ins_code_1 
_ndb_struct_na_base_pair_step.i_auth_asym_id_2 
_ndb_struct_na_base_pair_step.i_auth_seq_id_2 
_ndb_struct_na_base_pair_step.i_PDB_ins_code_2 
_ndb_struct_na_base_pair_step.j_auth_asym_id_2 
_ndb_struct_na_base_pair_step.j_auth_seq_id_2 
_ndb_struct_na_base_pair_step.j_PDB_ins_code_2 
1 A DT 1 1_555 B DA 8 1_555 A DT 2 1_555 B DA 7 1_555 -0.826 -0.298 3.765 -0.457 -2.650 32.674 -0.002 1.372  3.787 -4.701  0.810  
32.782 1 AA_DT1DT2:DA7DA8_BB A 1 ? B 8 ? A 2 ? B 7 ? 
1 A DT 2 1_555 B DA 7 1_555 A DG 3 1_555 B DC 6 1_555 1.612  0.438  3.753 -2.333 -8.404 33.571 2.177  -3.106 3.430 -14.253 3.957  
34.654 2 AA_DT2DG3:DC6DA7_BB A 2 ? B 7 ? A 3 ? B 6 ? 
1 A DG 3 1_555 B DC 6 1_555 A DG 4 1_555 B DC 5 1_555 0.560  -1.504 2.998 -0.759 5.180  29.864 -3.792 -1.205 2.690 9.956   1.459  
30.309 3 AA_DG3DG4:DC5DC6_BB A 3 ? B 6 ? A 4 ? B 5 ? 
1 A DG 4 1_555 B DC 5 1_555 A DC 5 1_555 B DG 4 1_555 -0.004 -1.544 3.327 -0.028 -6.645 29.006 -1.518 0.002  3.584 -13.050 0.055  
29.742 4 AA_DG4DC5:DG4DC5_BB A 4 ? B 5 ? A 5 ? B 4 ? 
1 A DC 5 1_555 B DG 4 1_555 A DC 6 1_555 B DG 3 1_555 -0.562 -1.509 2.999 0.769  5.252  29.970 -3.796 1.206  2.687 10.057  -1.473 
30.426 5 AA_DC5DC6:DG3DG4_BB A 5 ? B 4 ? A 6 ? B 3 ? 
1 A DC 6 1_555 B DG 3 1_555 A DA 7 1_555 B DT 2 1_555 -1.614 0.433  3.750 2.306  -8.441 33.504 2.181  3.110  3.428 -14.341 -3.918 
34.596 6 AA_DC6DA7:DT2DG3_BB A 6 ? B 3 ? A 7 ? B 2 ? 
1 A DA 7 1_555 B DT 2 1_555 A DA 8 1_555 B DT 1 1_555 0.829  -0.298 3.765 0.458  -2.697 32.707 0.009  -1.377 3.787 -4.778  -0.812 
32.818 7 AA_DA7DA8:DT1DT2_BB A 7 ? B 2 ? A 8 ? B 1 ? 
# 
loop_
_pdbx_entity_branch_list.entity_id 
_pdbx_entity_branch_list.comp_id 
_pdbx_entity_branch_list.num 
_pdbx_entity_branch_list.hetero 
2 DDA 1 n 
2 DDL 2 n 
2 DRI 3 n 
2 DDA 4 n 
# 
_pdbx_nmr_spectrometer.spectrometer_id   1 
_pdbx_nmr_spectrometer.model             DMX500 
_pdbx_nmr_spectrometer.manufacturer      Bruker 
_pdbx_nmr_spectrometer.field_strength    500 
_pdbx_nmr_spectrometer.type              ? 
# 
_atom_sites.entry_id                    1CP8 
_atom_sites.fract_transf_matrix[1][1]   1.000000 
_atom_sites.fract_transf_matrix[1][2]   0.000000 
_atom_sites.fract_transf_matrix[1][3]   0.000000 
_atom_sites.fract_transf_matrix[2][1]   0.000000 
_atom_sites.fract_transf_matrix[2][2]   1.000000 
_atom_sites.fract_transf_matrix[2][3]   0.000000 
_atom_sites.fract_transf_matrix[3][1]   0.000000 
_atom_sites.fract_transf_matrix[3][2]   0.000000 
_atom_sites.fract_transf_matrix[3][3]   1.000000 
_atom_sites.fract_transf_vector[1]      0.00000 
_atom_sites.fract_transf_vector[2]      0.00000 
_atom_sites.fract_transf_vector[3]      0.00000 
# 
loop_
_atom_type.symbol 
C  
H  
MG 
N  
O  
P  
# 
loop_
_atom_site.group_PDB 
_atom_site.id 
_atom_site.type_symbol 
_atom_site.label_atom_id 
_atom_site.label_alt_id 
_atom_site.label_comp_id 
_atom_site.label_asym_id 
_atom_site.label_entity_id 
_atom_site.label_seq_id 
_atom_site.pdbx_PDB_ins_code 
_atom_site.Cartn_x 
_atom_site.Cartn_y 
_atom_site.Cartn_z 
_atom_site.occupancy 
_atom_site.B_iso_or_equiv 
_atom_site.pdbx_formal_charge 
_atom_site.auth_seq_id 
_atom_site.auth_comp_id 
_atom_site.auth_asym_id 
_atom_site.auth_atom_id 
_atom_site.pdbx_PDB_model_num 
ATOM   1   O  OP3    . DT  A 1 1 ? 8.952   15.023  7.807   1.00 20.00 ? 1  DT  A OP3    1 
ATOM   2   P  P      . DT  A 1 1 ? 8.350   16.516  7.773   1.00 0.00  ? 1  DT  A P      1 
ATOM   3   O  OP1    . DT  A 1 1 ? 8.464   17.092  9.132   1.00 0.00  ? 1  DT  A OP1    1 
ATOM   4   O  OP2    . DT  A 1 1 ? 8.942   17.228  6.619   1.00 0.00  ? 1  DT  A OP2    1 
ATOM   5   O  "O5'"  . DT  A 1 1 ? 6.791   16.261  7.463   1.00 0.00  ? 1  DT  A "O5'"  1 
ATOM   6   C  "C5'"  . DT  A 1 1 ? 6.129   15.103  7.978   1.00 0.00  ? 1  DT  A "C5'"  1 
ATOM   7   C  "C4'"  . DT  A 1 1 ? 4.639   15.102  7.626   1.00 0.00  ? 1  DT  A "C4'"  1 
ATOM   8   O  "O4'"  . DT  A 1 1 ? 4.460   15.129  6.191   1.00 0.00  ? 1  DT  A "O4'"  1 
ATOM   9   C  "C3'"  . DT  A 1 1 ? 3.922   13.860  8.167   1.00 0.00  ? 1  DT  A "C3'"  1 
ATOM   10  O  "O3'"  . DT  A 1 1 ? 2.719   14.255  8.849   1.00 0.00  ? 1  DT  A "O3'"  1 
ATOM   11  C  "C2'"  . DT  A 1 1 ? 3.606   13.027  6.946   1.00 0.00  ? 1  DT  A "C2'"  1 
ATOM   12  C  "C1'"  . DT  A 1 1 ? 3.728   13.964  5.747   1.00 0.00  ? 1  DT  A "C1'"  1 
ATOM   13  N  N1     . DT  A 1 1 ? 4.418   13.320  4.585   1.00 0.00  ? 1  DT  A N1     1 
ATOM   14  C  C2     . DT  A 1 1 ? 3.766   13.303  3.349   1.00 0.00  ? 1  DT  A C2     1 
ATOM   15  O  O2     . DT  A 1 1 ? 2.638   13.767  3.192   1.00 0.00  ? 1  DT  A O2     1 
ATOM   16  N  N3     . DT  A 1 1 ? 4.461   12.735  2.299   1.00 0.00  ? 1  DT  A N3     1 
ATOM   17  C  C4     . DT  A 1 1 ? 5.731   12.190  2.361   1.00 0.00  ? 1  DT  A C4     1 
ATOM   18  O  O4     . DT  A 1 1 ? 6.262   11.717  1.360   1.00 0.00  ? 1  DT  A O4     1 
ATOM   19  C  C5     . DT  A 1 1 ? 6.333   12.246  3.673   1.00 0.00  ? 1  DT  A C5     1 
ATOM   20  C  C7     . DT  A 1 1 ? 7.730   11.665  3.880   1.00 0.00  ? 1  DT  A C7     1 
ATOM   21  C  C6     . DT  A 1 1 ? 5.681   12.792  4.719   1.00 0.00  ? 1  DT  A C6     1 
ATOM   22  H  HOP3   . DT  A 1 1 ? 8.891   14.712  8.713   1.00 20.00 ? 1  DT  A HOP3   1 
ATOM   23  H  "H5'"  . DT  A 1 1 ? 6.240   15.082  9.062   1.00 20.00 ? 1  DT  A "H5'"  1 
ATOM   24  H  "H5''" . DT  A 1 1 ? 6.594   14.210  7.556   1.00 20.00 ? 1  DT  A "H5''" 1 
ATOM   25  H  "H4'"  . DT  A 1 1 ? 4.175   15.991  8.054   1.00 20.00 ? 1  DT  A "H4'"  1 
ATOM   26  H  "H3'"  . DT  A 1 1 ? 4.571   13.299  8.850   1.00 20.00 ? 1  DT  A "H3'"  1 
ATOM   27  H  "H2'"  . DT  A 1 1 ? 4.312   12.203  6.861   1.00 20.00 ? 1  DT  A "H2'"  1 
ATOM   28  H  "H2''" . DT  A 1 1 ? 2.601   12.634  7.010   1.00 20.00 ? 1  DT  A "H2''" 1 
ATOM   29  H  "H1'"  . DT  A 1 1 ? 2.722   14.277  5.455   1.00 20.00 ? 1  DT  A "H1'"  1 
ATOM   30  H  H3     . DT  A 1 1 ? 3.999   12.714  1.410   1.00 0.00  ? 1  DT  A H3     1 
ATOM   31  H  H71    . DT  A 1 1 ? 8.260   11.614  2.944   1.00 20.00 ? 1  DT  A H71    1 
ATOM   32  H  H72    . DT  A 1 1 ? 7.666   10.731  4.239   1.00 20.00 ? 1  DT  A H72    1 
ATOM   33  H  H73    . DT  A 1 1 ? 8.261   12.220  4.613   1.00 20.00 ? 1  DT  A H73    1 
ATOM   34  H  H6     . DT  A 1 1 ? 6.172   12.820  5.692   1.00 20.00 ? 1  DT  A H6     1 
ATOM   35  P  P      . DT  A 1 2 ? 1.672   13.168  9.416   1.00 0.00  ? 2  DT  A P      1 
ATOM   36  O  OP1    . DT  A 1 2 ? 0.967   13.762  10.575  1.00 0.00  ? 2  DT  A OP1    1 
ATOM   37  O  OP2    . DT  A 1 2 ? 2.378   11.876  9.564   1.00 0.00  ? 2  DT  A OP2    1 
ATOM   38  O  "O5'"  . DT  A 1 2 ? 0.620   13.033  8.199   1.00 0.00  ? 2  DT  A "O5'"  1 
ATOM   39  C  "C5'"  . DT  A 1 2 ? 0.046   14.201  7.603   1.00 0.00  ? 2  DT  A "C5'"  1 
ATOM   40  C  "C4'"  . DT  A 1 2 ? -1.217  13.881  6.782   1.00 0.00  ? 2  DT  A "C4'"  1 
ATOM   41  O  "O4'"  . DT  A 1 2 ? -0.861  13.517  5.423   1.00 0.00  ? 2  DT  A "O4'"  1 
ATOM   42  C  "C3'"  . DT  A 1 2 ? -2.031  12.731  7.383   1.00 0.00  ? 2  DT  A "C3'"  1 
ATOM   43  O  "O3'"  . DT  A 1 2 ? -3.395  13.142  7.563   1.00 0.00  ? 2  DT  A "O3'"  1 
ATOM   44  C  "C2'"  . DT  A 1 2 ? -1.949  11.606  6.375   1.00 0.00  ? 2  DT  A "C2'"  1 
ATOM   45  C  "C1'"  . DT  A 1 2 ? -1.332  12.185  5.103   1.00 0.00  ? 2  DT  A "C1'"  1 
ATOM   46  N  N1     . DT  A 1 2 ? -0.203  11.357  4.561   1.00 0.00  ? 2  DT  A N1     1 
ATOM   47  C  C2     . DT  A 1 2 ? -0.221  11.006  3.202   1.00 0.00  ? 2  DT  A C2     1 
ATOM   48  O  O2     . DT  A 1 2 ? -1.162  11.285  2.463   1.00 0.00  ? 2  DT  A O2     1 
ATOM   49  N  N3     . DT  A 1 2 ? 0.889   10.320  2.730   1.00 0.00  ? 2  DT  A N3     1 
ATOM   50  C  C4     . DT  A 1 2 ? 1.994   9.953   3.484   1.00 0.00  ? 2  DT  A C4     1 
ATOM   51  O  O4     . DT  A 1 2 ? 2.932   9.351   2.975   1.00 0.00  ? 2  DT  A O4     1 
ATOM   52  C  C5     . DT  A 1 2 ? 1.927   10.347  4.871   1.00 0.00  ? 2  DT  A C5     1 
ATOM   53  C  C7     . DT  A 1 2 ? 3.095   9.988   5.793   1.00 0.00  ? 2  DT  A C7     1 
ATOM   54  C  C6     . DT  A 1 2 ? 0.859   11.021  5.358   1.00 0.00  ? 2  DT  A C6     1 
ATOM   55  H  "H5'"  . DT  A 1 2 ? 0.785   14.662  6.947   1.00 20.00 ? 2  DT  A "H5'"  1 
ATOM   56  H  "H5''" . DT  A 1 2 ? -0.213  14.908  8.393   1.00 20.00 ? 2  DT  A "H5''" 1 
ATOM   57  H  "H4'"  . DT  A 1 2 ? -1.845  14.771  6.745   1.00 20.00 ? 2  DT  A "H4'"  1 
ATOM   58  H  "H3'"  . DT  A 1 2 ? -1.615  12.408  8.343   1.00 20.00 ? 2  DT  A "H3'"  1 
ATOM   59  H  "H2'"  . DT  A 1 2 ? -1.342  10.787  6.760   1.00 20.00 ? 2  DT  A "H2'"  1 
ATOM   60  H  "H2''" . DT  A 1 2 ? -2.949  11.253  6.161   1.00 20.00 ? 2  DT  A "H2''" 1 
ATOM   61  H  "H1'"  . DT  A 1 2 ? -2.121  12.259  4.356   1.00 20.00 ? 2  DT  A "H1'"  1 
ATOM   62  H  H3     . DT  A 1 2 ? 0.899   10.079  1.749   1.00 0.00  ? 2  DT  A H3     1 
ATOM   63  H  H71    . DT  A 1 2 ? 2.912   10.328  6.813   1.00 20.00 ? 2  DT  A H71    1 
ATOM   64  H  H72    . DT  A 1 2 ? 3.968   10.390  5.435   1.00 20.00 ? 2  DT  A H72    1 
ATOM   65  H  H73    . DT  A 1 2 ? 3.259   8.975   5.780   1.00 20.00 ? 2  DT  A H73    1 
ATOM   66  H  H6     . DT  A 1 2 ? 0.850   11.313  6.404   1.00 20.00 ? 2  DT  A H6     1 
ATOM   67  P  P      . DG  A 1 3 ? -4.502  12.131  8.159   1.00 0.00  ? 3  DG  A P      1 
ATOM   68  O  OP1    . DG  A 1 3 ? -5.535  12.935  8.851   1.00 0.00  ? 3  DG  A OP1    1 
ATOM   69  O  OP2    . DG  A 1 3 ? -3.797  11.056  8.891   1.00 0.00  ? 3  DG  A OP2    1 
ATOM   70  O  "O5'"  . DG  A 1 3 ? -5.171  11.484  6.837   1.00 0.00  ? 3  DG  A "O5'"  1 
ATOM   71  C  "C5'"  . DG  A 1 3 ? -5.325  12.241  5.628   1.00 0.00  ? 3  DG  A "C5'"  1 
ATOM   72  C  "C4'"  . DG  A 1 3 ? -5.394  11.333  4.394   1.00 0.00  ? 3  DG  A "C4'"  1 
ATOM   73  O  "O4'"  . DG  A 1 3 ? -4.070  10.855  4.037   1.00 0.00  ? 3  DG  A "O4'"  1 
ATOM   74  C  "C3'"  . DG  A 1 3 ? -6.286  10.105  4.629   1.00 0.00  ? 3  DG  A "C3'"  1 
ATOM   75  O  "O3'"  . DG  A 1 3 ? -7.318  10.040  3.637   1.00 0.00  ? 3  DG  A "O3'"  1 
ATOM   76  C  "C2'"  . DG  A 1 3 ? -5.367  8.917   4.486   1.00 0.00  ? 3  DG  A "C2'"  1 
ATOM   77  C  "C1'"  . DG  A 1 3 ? -4.116  9.433   3.800   1.00 0.00  ? 3  DG  A "C1'"  1 
ATOM   78  N  N9     . DG  A 1 3 ? -2.911  8.737   4.301   1.00 0.00  ? 3  DG  A N9     1 
ATOM   79  C  C8     . DG  A 1 3 ? -2.422  8.636   5.558   1.00 0.00  ? 3  DG  A C8     1 
ATOM   80  N  N7     . DG  A 1 3 ? -1.358  7.924   5.738   1.00 0.00  ? 3  DG  A N7     1 
ATOM   81  C  C5     . DG  A 1 3 ? -1.089  7.485   4.440   1.00 0.00  ? 3  DG  A C5     1 
ATOM   82  C  C6     . DG  A 1 3 ? -0.042  6.653   3.950   1.00 0.00  ? 3  DG  A C6     1 
ATOM   83  O  O6     . DG  A 1 3 ? 0.879   6.123   4.572   1.00 0.00  ? 3  DG  A O6     1 
ATOM   84  N  N1     . DG  A 1 3 ? -0.147  6.462   2.585   1.00 0.00  ? 3  DG  A N1     1 
ATOM   85  C  C2     . DG  A 1 3 ? -1.126  6.996   1.779   1.00 0.00  ? 3  DG  A C2     1 
ATOM   86  N  N2     . DG  A 1 3 ? -1.051  6.695   0.490   1.00 0.00  ? 3  DG  A N2     1 
ATOM   87  N  N3     . DG  A 1 3 ? -2.111  7.776   2.225   1.00 0.00  ? 3  DG  A N3     1 
ATOM   88  C  C4     . DG  A 1 3 ? -2.036  7.980   3.555   1.00 0.00  ? 3  DG  A C4     1 
ATOM   89  H  "H5'"  . DG  A 1 3 ? -4.481  12.920  5.514   1.00 20.00 ? 3  DG  A "H5'"  1 
ATOM   90  H  "H5''" . DG  A 1 3 ? -6.243  12.825  5.690   1.00 20.00 ? 3  DG  A "H5''" 1 
ATOM   91  H  "H4'"  . DG  A 1 3 ? -5.795  11.905  3.558   1.00 20.00 ? 3  DG  A "H4'"  1 
ATOM   92  H  "H3'"  . DG  A 1 3 ? -6.727  10.123  5.631   1.00 20.00 ? 3  DG  A "H3'"  1 
ATOM   93  H  "H2'"  . DG  A 1 3 ? -5.111  8.510   5.466   1.00 20.00 ? 3  DG  A "H2'"  1 
ATOM   94  H  "H2''" . DG  A 1 3 ? -5.842  8.153   3.880   1.00 20.00 ? 3  DG  A "H2''" 1 
ATOM   95  H  "H1'"  . DG  A 1 3 ? -4.200  9.262   2.724   1.00 20.00 ? 3  DG  A "H1'"  1 
ATOM   96  H  H8     . DG  A 1 3 ? -2.913  9.129   6.387   1.00 20.00 ? 3  DG  A H8     1 
ATOM   97  H  H1     . DG  A 1 3 ? 0.556   5.887   2.171   1.00 0.00  ? 3  DG  A H1     1 
ATOM   98  H  H21    . DG  A 1 3 ? -0.307  6.105   0.147   1.00 0.00  ? 3  DG  A H21    1 
ATOM   99  H  H22    . DG  A 1 3 ? -1.738  7.060   -0.142  1.00 0.00  ? 3  DG  A H22    1 
ATOM   100 P  P      . DG  A 1 4 ? -8.441  8.885   3.693   1.00 0.00  ? 4  DG  A P      1 
ATOM   101 O  OP1    . DG  A 1 4 ? -9.665  9.398   3.036   1.00 0.00  ? 4  DG  A OP1    1 
ATOM   102 O  OP2    . DG  A 1 4 ? -8.511  8.375   5.081   1.00 0.00  ? 4  DG  A OP2    1 
ATOM   103 O  "O5'"  . DG  A 1 4 ? -7.818  7.727   2.761   1.00 0.00  ? 4  DG  A "O5'"  1 
ATOM   104 C  "C5'"  . DG  A 1 4 ? -7.182  8.048   1.519   1.00 0.00  ? 4  DG  A "C5'"  1 
ATOM   105 C  "C4'"  . DG  A 1 4 ? -6.551  6.817   0.832   1.00 0.00  ? 4  DG  A "C4'"  1 
ATOM   106 O  "O4'"  . DG  A 1 4 ? -5.144  6.693   1.181   1.00 0.00  ? 4  DG  A "O4'"  1 
ATOM   107 C  "C3'"  . DG  A 1 4 ? -7.234  5.490   1.223   1.00 0.00  ? 4  DG  A "C3'"  1 
ATOM   108 O  "O3'"  . DG  A 1 4 ? -7.643  4.775   0.045   1.00 0.00  ? 4  DG  A "O3'"  1 
ATOM   109 C  "C2'"  . DG  A 1 4 ? -6.178  4.716   1.947   1.00 0.00  ? 4  DG  A "C2'"  1 
ATOM   110 C  "C1'"  . DG  A 1 4 ? -4.867  5.314   1.500   1.00 0.00  ? 4  DG  A "C1'"  1 
ATOM   111 N  N9     . DG  A 1 4 ? -3.846  5.153   2.547   1.00 0.00  ? 4  DG  A N9     1 
ATOM   112 C  C8     . DG  A 1 4 ? -3.861  5.552   3.838   1.00 0.00  ? 4  DG  A C8     1 
ATOM   113 N  N7     . DG  A 1 4 ? -2.902  5.144   4.604   1.00 0.00  ? 4  DG  A N7     1 
ATOM   114 C  C5     . DG  A 1 4 ? -2.139  4.374   3.717   1.00 0.00  ? 4  DG  A C5     1 
ATOM   115 C  C6     . DG  A 1 4 ? -0.940  3.638   3.936   1.00 0.00  ? 4  DG  A C6     1 
ATOM   116 O  O6     . DG  A 1 4 ? -0.297  3.502   4.977   1.00 0.00  ? 4  DG  A O6     1 
ATOM   117 N  N1     . DG  A 1 4 ? -0.513  3.011   2.776   1.00 0.00  ? 4  DG  A N1     1 
ATOM   118 C  C2     . DG  A 1 4 ? -1.146  3.075   1.551   1.00 0.00  ? 4  DG  A C2     1 
ATOM   119 N  N2     . DG  A 1 4 ? -0.572  2.403   0.551   1.00 0.00  ? 4  DG  A N2     1 
ATOM   120 N  N3     . DG  A 1 4 ? -2.269  3.761   1.337   1.00 0.00  ? 4  DG  A N3     1 
ATOM   121 C  C4     . DG  A 1 4 ? -2.710  4.382   2.455   1.00 0.00  ? 4  DG  A C4     1 
ATOM   122 H  "H5'"  . DG  A 1 4 ? -6.400  8.784   1.703   1.00 20.00 ? 4  DG  A "H5'"  1 
ATOM   123 H  "H5''" . DG  A 1 4 ? -7.925  8.487   0.851   1.00 20.00 ? 4  DG  A "H5''" 1 
ATOM   124 H  "H4'"  . DG  A 1 4 ? -6.626  6.939   -0.249  1.00 20.00 ? 4  DG  A "H4'"  1 
ATOM   125 H  "H3'"  . DG  A 1 4 ? -8.080  5.646   1.880   1.00 20.00 ? 4  DG  A "H3'"  1 
ATOM   126 H  "H2'"  . DG  A 1 4 ? -6.289  4.837   3.028   1.00 20.00 ? 4  DG  A "H2'"  1 
ATOM   127 H  "H2''" . DG  A 1 4 ? -6.240  3.674   1.688   1.00 20.00 ? 4  DG  A "H2''" 1 
ATOM   128 H  "H1'"  . DG  A 1 4 ? -4.533  4.804   0.596   1.00 20.00 ? 4  DG  A "H1'"  1 
ATOM   129 H  H8     . DG  A 1 4 ? -4.663  6.180   4.217   1.00 20.00 ? 4  DG  A H8     1 
ATOM   130 H  H1     . DG  A 1 4 ? 0.323   2.473   2.859   1.00 0.00  ? 4  DG  A H1     1 
ATOM   131 H  H21    . DG  A 1 4 ? 0.279   1.883   0.714   1.00 0.00  ? 4  DG  A H21    1 
ATOM   132 H  H22    . DG  A 1 4 ? -0.988  2.415   -0.370  1.00 0.00  ? 4  DG  A H22    1 
ATOM   133 P  P      . DC  A 1 5 ? -8.564  3.455   0.149   1.00 0.00  ? 5  DC  A P      1 
ATOM   134 O  OP1    . DC  A 1 5 ? -9.775  3.671   -0.673  1.00 0.00  ? 5  DC  A OP1    1 
ATOM   135 O  OP2    . DC  A 1 5 ? -8.701  3.102   1.580   1.00 0.00  ? 5  DC  A OP2    1 
ATOM   136 O  "O5'"  . DC  A 1 5 ? -7.669  2.315   -0.568  1.00 0.00  ? 5  DC  A "O5'"  1 
ATOM   137 C  "C5'"  . DC  A 1 5 ? -6.951  2.589   -1.780  1.00 0.00  ? 5  DC  A "C5'"  1 
ATOM   138 C  "C4'"  . DC  A 1 5 ? -5.717  1.698   -1.922  1.00 0.00  ? 5  DC  A "C4'"  1 
ATOM   139 O  "O4'"  . DC  A 1 5 ? -4.691  2.052   -0.979  1.00 0.00  ? 5  DC  A "O4'"  1 
ATOM   140 C  "C3'"  . DC  A 1 5 ? -6.015  0.223   -1.697  1.00 0.00  ? 5  DC  A "C3'"  1 
ATOM   141 O  "O3'"  . DC  A 1 5 ? -6.374  -0.461  -2.899  1.00 0.00  ? 5  DC  A "O3'"  1 
ATOM   142 C  "C2'"  . DC  A 1 5 ? -4.726  -0.325  -1.146  1.00 0.00  ? 5  DC  A "C2'"  1 
ATOM   143 C  "C1'"  . DC  A 1 5 ? -3.906  0.876   -0.696  1.00 0.00  ? 5  DC  A "C1'"  1 
ATOM   144 N  N1     . DC  A 1 5 ? -3.584  0.766   0.739   1.00 0.00  ? 5  DC  A N1     1 
ATOM   145 C  C2     . DC  A 1 5 ? -2.441  0.065   1.098   1.00 0.00  ? 5  DC  A C2     1 
ATOM   146 O  O2     . DC  A 1 5 ? -1.782  -0.523  0.244   1.00 0.00  ? 5  DC  A O2     1 
ATOM   147 N  N3     . DC  A 1 5 ? -2.093  0.034   2.409   1.00 0.00  ? 5  DC  A N3     1 
ATOM   148 C  C4     . DC  A 1 5 ? -2.830  0.658   3.334   1.00 0.00  ? 5  DC  A C4     1 
ATOM   149 N  N4     . DC  A 1 5 ? -2.438  0.613   4.611   1.00 0.00  ? 5  DC  A N4     1 
ATOM   150 C  C5     . DC  A 1 5 ? -4.019  1.372   2.967   1.00 0.00  ? 5  DC  A C5     1 
ATOM   151 C  C6     . DC  A 1 5 ? -4.353  1.392   1.665   1.00 0.00  ? 5  DC  A C6     1 
ATOM   152 H  "H5'"  . DC  A 1 5 ? -6.633  3.628   -1.773  1.00 20.00 ? 5  DC  A "H5'"  1 
ATOM   153 H  "H5''" . DC  A 1 5 ? -7.601  2.428   -2.647  1.00 20.00 ? 5  DC  A "H5''" 1 
ATOM   154 H  "H4'"  . DC  A 1 5 ? -5.314  1.817   -2.916  1.00 20.00 ? 5  DC  A "H4'"  1 
ATOM   155 H  "H3'"  . DC  A 1 5 ? -6.810  0.115   -0.949  1.00 20.00 ? 5  DC  A "H3'"  1 
ATOM   156 H  "H2'"  . DC  A 1 5 ? -4.930  -0.981  -0.311  1.00 20.00 ? 5  DC  A "H2'"  1 
ATOM   157 H  "H2''" . DC  A 1 5 ? -4.191  -0.867  -1.920  1.00 20.00 ? 5  DC  A "H2''" 1 
ATOM   158 H  "H1'"  . DC  A 1 5 ? -2.983  0.940   -1.276  1.00 20.00 ? 5  DC  A "H1'"  1 
ATOM   159 H  H41    . DC  A 1 5 ? -1.595  0.120   4.866   1.00 0.00  ? 5  DC  A H41    1 
ATOM   160 H  H42    . DC  A 1 5 ? -2.981  1.079   5.319   1.00 0.00  ? 5  DC  A H42    1 
ATOM   161 H  H5     . DC  A 1 5 ? -4.625  1.895   3.707   1.00 20.00 ? 5  DC  A H5     1 
ATOM   162 H  H6     . DC  A 1 5 ? -5.263  1.888   1.348   1.00 20.00 ? 5  DC  A H6     1 
ATOM   163 P  P      . DC  A 1 6 ? -6.809  -2.015  -2.831  1.00 0.00  ? 6  DC  A P      1 
ATOM   164 O  OP1    . DC  A 1 6 ? -7.190  -2.447  -4.194  1.00 0.00  ? 6  DC  A OP1    1 
ATOM   165 O  OP2    . DC  A 1 6 ? -7.764  -2.178  -1.712  1.00 0.00  ? 6  DC  A OP2    1 
ATOM   166 O  "O5'"  . DC  A 1 6 ? -5.433  -2.764  -2.431  1.00 0.00  ? 6  DC  A "O5'"  1 
ATOM   167 C  "C5'"  . DC  A 1 6 ? -4.474  -3.064  -3.447  1.00 0.00  ? 6  DC  A "C5'"  1 
ATOM   168 C  "C4'"  . DC  A 1 6 ? -3.339  -3.979  -2.962  1.00 0.00  ? 6  DC  A "C4'"  1 
ATOM   169 O  "O4'"  . DC  A 1 6 ? -2.604  -3.406  -1.863  1.00 0.00  ? 6  DC  A "O4'"  1 
ATOM   170 C  "C3'"  . DC  A 1 6 ? -3.837  -5.345  -2.510  1.00 0.00  ? 6  DC  A "C3'"  1 
ATOM   171 O  "O3'"  . DC  A 1 6 ? -3.725  -6.297  -3.571  1.00 0.00  ? 6  DC  A "O3'"  1 
ATOM   172 C  "C2'"  . DC  A 1 6 ? -2.945  -5.719  -1.341  1.00 0.00  ? 6  DC  A "C2'"  1 
ATOM   173 C  "C1'"  . DC  A 1 6 ? -2.167  -4.459  -0.968  1.00 0.00  ? 6  DC  A "C1'"  1 
ATOM   174 N  N1     . DC  A 1 6 ? -2.413  -4.066  0.444   1.00 0.00  ? 6  DC  A N1     1 
ATOM   175 C  C2     . DC  A 1 6 ? -1.504  -4.467  1.418   1.00 0.00  ? 6  DC  A C2     1 
ATOM   176 O  O2     . DC  A 1 6 ? -0.579  -5.223  1.131   1.00 0.00  ? 6  DC  A O2     1 
ATOM   177 N  N3     . DC  A 1 6 ? -1.679  -4.006  2.689   1.00 0.00  ? 6  DC  A N3     1 
ATOM   178 C  C4     . DC  A 1 6 ? -2.697  -3.191  3.000   1.00 0.00  ? 6  DC  A C4     1 
ATOM   179 N  N4     . DC  A 1 6 ? -2.813  -2.727  4.255   1.00 0.00  ? 6  DC  A N4     1 
ATOM   180 C  C5     . DC  A 1 6 ? -3.639  -2.789  2.000   1.00 0.00  ? 6  DC  A C5     1 
ATOM   181 C  C6     . DC  A 1 6 ? -3.459  -3.254  0.746   1.00 0.00  ? 6  DC  A C6     1 
ATOM   182 H  "H5'"  . DC  A 1 6 ? -4.044  -2.135  -3.818  1.00 20.00 ? 6  DC  A "H5'"  1 
ATOM   183 H  "H5''" . DC  A 1 6 ? -4.991  -3.553  -4.260  1.00 20.00 ? 6  DC  A "H5''" 1 
ATOM   184 H  "H4'"  . DC  A 1 6 ? -2.647  -4.128  -3.788  1.00 20.00 ? 6  DC  A "H4'"  1 
ATOM   185 H  "H3'"  . DC  A 1 6 ? -4.878  -5.275  -2.176  1.00 20.00 ? 6  DC  A "H3'"  1 
ATOM   186 H  "H2'"  . DC  A 1 6 ? -3.545  -6.053  -0.493  1.00 20.00 ? 6  DC  A "H2'"  1 
ATOM   187 H  "H2''" . DC  A 1 6 ? -2.253  -6.509  -1.646  1.00 20.00 ? 6  DC  A "H2''" 1 
ATOM   188 H  "H1'"  . DC  A 1 6 ? -1.099  -4.628  -1.121  1.00 20.00 ? 6  DC  A "H1'"  1 
ATOM   189 H  H41    . DC  A 1 6 ? -2.152  -3.010  4.962   1.00 0.00  ? 6  DC  A H41    1 
ATOM   190 H  H42    . DC  A 1 6 ? -3.565  -2.091  4.493   1.00 0.00  ? 6  DC  A H42    1 
ATOM   191 H  H5     . DC  A 1 6 ? -4.469  -2.122  2.239   1.00 20.00 ? 6  DC  A H5     1 
ATOM   192 H  H6     . DC  A 1 6 ? -4.171  -3.004  -0.030  1.00 20.00 ? 6  DC  A H6     1 
ATOM   193 P  P      . DA  A 1 7 ? -4.521  -7.693  -3.509  1.00 0.00  ? 7  DA  A P      1 
ATOM   194 O  OP1    . DA  A 1 7 ? -5.061  -7.981  -4.857  1.00 0.00  ? 7  DA  A OP1    1 
ATOM   195 O  OP2    . DA  A 1 7 ? -5.431  -7.656  -2.342  1.00 0.00  ? 7  DA  A OP2    1 
ATOM   196 O  "O5'"  . DA  A 1 7 ? -3.347  -8.749  -3.200  1.00 0.00  ? 7  DA  A "O5'"  1 
ATOM   197 C  "C5'"  . DA  A 1 7 ? -2.055  -8.595  -3.794  1.00 0.00  ? 7  DA  A "C5'"  1 
ATOM   198 C  "C4'"  . DA  A 1 7 ? -1.036  -9.550  -3.171  1.00 0.00  ? 7  DA  A "C4'"  1 
ATOM   199 O  "O4'"  . DA  A 1 7 ? -0.549  -9.016  -1.915  1.00 0.00  ? 7  DA  A "O4'"  1 
ATOM   200 C  "C3'"  . DA  A 1 7 ? -1.641  -10.926 -2.896  1.00 0.00  ? 7  DA  A "C3'"  1 
ATOM   201 O  "O3'"  . DA  A 1 7 ? -0.776  -11.965 -3.380  1.00 0.00  ? 7  DA  A "O3'"  1 
ATOM   202 C  "C2'"  . DA  A 1 7 ? -1.759  -11.012 -1.399  1.00 0.00  ? 7  DA  A "C2'"  1 
ATOM   203 C  "C1'"  . DA  A 1 7 ? -0.929  -9.881  -0.821  1.00 0.00  ? 7  DA  A "C1'"  1 
ATOM   204 N  N9     . DA  A 1 7 ? -1.687  -9.144  0.206   1.00 0.00  ? 7  DA  A N9     1 
ATOM   205 C  C8     . DA  A 1 7 ? -2.898  -8.547  0.123   1.00 0.00  ? 7  DA  A C8     1 
ATOM   206 N  N7     . DA  A 1 7 ? -3.387  -8.038  1.203   1.00 0.00  ? 7  DA  A N7     1 
ATOM   207 C  C5     . DA  A 1 7 ? -2.380  -8.323  2.131   1.00 0.00  ? 7  DA  A C5     1 
ATOM   208 C  C6     . DA  A 1 7 ? -2.252  -8.058  3.497   1.00 0.00  ? 7  DA  A C6     1 
ATOM   209 N  N6     . DA  A 1 7 ? -3.193  -7.432  4.194   1.00 0.00  ? 7  DA  A N6     1 
ATOM   210 N  N1     . DA  A 1 7 ? -1.124  -8.471  4.116   1.00 0.00  ? 7  DA  A N1     1 
ATOM   211 C  C2     . DA  A 1 7 ? -0.177  -9.112  3.415   1.00 0.00  ? 7  DA  A C2     1 
ATOM   212 N  N3     . DA  A 1 7 ? -0.203  -9.417  2.118   1.00 0.00  ? 7  DA  A N3     1 
ATOM   213 C  C4     . DA  A 1 7 ? -1.340  -8.990  1.532   1.00 0.00  ? 7  DA  A C4     1 
ATOM   214 H  "H5'"  . DA  A 1 7 ? -1.715  -7.573  -3.649  1.00 20.00 ? 7  DA  A "H5'"  1 
ATOM   215 H  "H5''" . DA  A 1 7 ? -2.128  -8.798  -4.863  1.00 20.00 ? 7  DA  A "H5''" 1 
ATOM   216 H  "H4'"  . DA  A 1 7 ? -0.199  -9.663  -3.853  1.00 20.00 ? 7  DA  A "H4'"  1 
ATOM   217 H  "H3'"  . DA  A 1 7 ? -2.631  -11.022 -3.360  1.00 20.00 ? 7  DA  A "H3'"  1 
ATOM   218 H  "H2'"  . DA  A 1 7 ? -2.801  -10.908 -1.088  1.00 20.00 ? 7  DA  A "H2'"  1 
ATOM   219 H  "H2''" . DA  A 1 7 ? -1.368  -11.959 -1.067  1.00 20.00 ? 7  DA  A "H2''" 1 
ATOM   220 H  "H1'"  . DA  A 1 7 ? -0.033  -10.302 -0.361  1.00 20.00 ? 7  DA  A "H1'"  1 
ATOM   221 H  H8     . DA  A 1 7 ? -3.435  -8.493  -0.823  1.00 20.00 ? 7  DA  A H8     1 
ATOM   222 H  H61    . DA  A 1 7 ? -3.063  -7.269  5.176   1.00 0.00  ? 7  DA  A H61    1 
ATOM   223 H  H62    . DA  A 1 7 ? -4.041  -7.128  3.738   1.00 0.00  ? 7  DA  A H62    1 
ATOM   224 H  H2     . DA  A 1 7 ? 0.725   -9.403  3.959   1.00 20.00 ? 7  DA  A H2     1 
ATOM   225 P  P      . DA  A 1 8 ? -1.211  -13.516 -3.278  1.00 0.00  ? 8  DA  A P      1 
ATOM   226 O  OP1    . DA  A 1 8 ? -0.525  -14.257 -4.360  1.00 0.00  ? 8  DA  A OP1    1 
ATOM   227 O  OP2    . DA  A 1 8 ? -2.685  -13.574 -3.167  1.00 0.00  ? 8  DA  A OP2    1 
ATOM   228 O  "O5'"  . DA  A 1 8 ? -0.581  -13.988 -1.868  1.00 0.00  ? 8  DA  A "O5'"  1 
ATOM   229 C  "C5'"  . DA  A 1 8 ? 0.743   -13.599 -1.486  1.00 0.00  ? 8  DA  A "C5'"  1 
ATOM   230 C  "C4'"  . DA  A 1 8 ? 1.087   -14.024 -0.048  1.00 0.00  ? 8  DA  A "C4'"  1 
ATOM   231 O  "O4'"  . DA  A 1 8 ? 0.558   -13.064 0.905   1.00 0.00  ? 8  DA  A "O4'"  1 
ATOM   232 C  "C3'"  . DA  A 1 8 ? 0.516   -15.404 0.311   1.00 0.00  ? 8  DA  A "C3'"  1 
ATOM   233 O  "O3'"  . DA  A 1 8 ? 1.558   -16.269 0.774   1.00 0.00  ? 8  DA  A "O3'"  1 
ATOM   234 C  "C2'"  . DA  A 1 8 ? -0.470  -15.154 1.431   1.00 0.00  ? 8  DA  A "C2'"  1 
ATOM   235 C  "C1'"  . DA  A 1 8 ? -0.200  -13.742 1.930   1.00 0.00  ? 8  DA  A "C1'"  1 
ATOM   236 N  N9     . DA  A 1 8 ? -1.465  -13.037 2.230   1.00 0.00  ? 8  DA  A N9     1 
ATOM   237 C  C8     . DA  A 1 8 ? -2.512  -12.766 1.419   1.00 0.00  ? 8  DA  A C8     1 
ATOM   238 N  N7     . DA  A 1 8 ? -3.532  -12.170 1.935   1.00 0.00  ? 8  DA  A N7     1 
ATOM   239 C  C5     . DA  A 1 8 ? -3.127  -12.017 3.261   1.00 0.00  ? 8  DA  A C5     1 
ATOM   240 C  C6     . DA  A 1 8 ? -3.747  -11.453 4.377   1.00 0.00  ? 8  DA  A C6     1 
ATOM   241 N  N6     . DA  A 1 8 ? -4.966  -10.917 4.336   1.00 0.00  ? 8  DA  A N6     1 
ATOM   242 N  N1     . DA  A 1 8 ? -3.068  -11.465 5.537   1.00 0.00  ? 8  DA  A N1     1 
ATOM   243 C  C2     . DA  A 1 8 ? -1.849  -12.002 5.598   1.00 0.00  ? 8  DA  A C2     1 
ATOM   244 N  N3     . DA  A 1 8 ? -1.166  -12.565 4.602   1.00 0.00  ? 8  DA  A N3     1 
ATOM   245 C  C4     . DA  A 1 8 ? -1.868  -12.540 3.452   1.00 0.00  ? 8  DA  A C4     1 
ATOM   246 H  "H5'"  . DA  A 1 8 ? 0.833   -12.516 -1.566  1.00 20.00 ? 8  DA  A "H5'"  1 
ATOM   247 H  "H5''" . DA  A 1 8 ? 1.455   -14.062 -2.171  1.00 20.00 ? 8  DA  A "H5''" 1 
ATOM   248 H  "H4'"  . DA  A 1 8 ? 2.171   -14.057 0.059   1.00 20.00 ? 8  DA  A "H4'"  1 
ATOM   249 H  "H3'"  . DA  A 1 8 ? 0.007   -15.858 -0.546  1.00 20.00 ? 8  DA  A "H3'"  1 
ATOM   250 H  "HO3'" . DA  A 1 8 ? 1.543   -16.246 1.733   1.00 20.00 ? 8  DA  A "HO3'" 1 
ATOM   251 H  "H2'"  . DA  A 1 8 ? -1.494  -15.226 1.060   1.00 20.00 ? 8  DA  A "H2'"  1 
ATOM   252 H  "H2''" . DA  A 1 8 ? -0.316  -15.878 2.233   1.00 20.00 ? 8  DA  A "H2''" 1 
ATOM   253 H  "H1'"  . DA  A 1 8 ? 0.400   -13.789 2.839   1.00 20.00 ? 8  DA  A "H1'"  1 
ATOM   254 H  H8     . DA  A 1 8 ? -2.495  -13.045 0.376   1.00 20.00 ? 8  DA  A H8     1 
ATOM   255 H  H61    . DA  A 1 8 ? -5.371  -10.524 5.171   1.00 0.00  ? 8  DA  A H61    1 
ATOM   256 H  H62    . DA  A 1 8 ? -5.485  -10.907 3.471   1.00 0.00  ? 8  DA  A H62    1 
ATOM   257 H  H2     . DA  A 1 8 ? -1.357  -11.974 6.569   1.00 20.00 ? 8  DA  A H2     1 
ATOM   258 O  OP3    . DT  B 1 1 ? -9.461  -9.559  13.617  1.00 20.00 ? 1  DT  B OP3    1 
ATOM   259 P  P      . DT  B 1 1 ? -8.876  -10.880 14.327  1.00 0.00  ? 1  DT  B P      1 
ATOM   260 O  OP1    . DT  B 1 1 ? -9.058  -10.738 15.789  1.00 0.00  ? 1  DT  B OP1    1 
ATOM   261 O  OP2    . DT  B 1 1 ? -9.422  -12.063 13.626  1.00 0.00  ? 1  DT  B OP2    1 
ATOM   262 O  "O5'"  . DT  B 1 1 ? -7.302  -10.785 14.004  1.00 0.00  ? 1  DT  B "O5'"  1 
ATOM   263 C  "C5'"  . DT  B 1 1 ? -6.650  -9.513  13.932  1.00 0.00  ? 1  DT  B "C5'"  1 
ATOM   264 C  "C4'"  . DT  B 1 1 ? -5.145  -9.664  13.691  1.00 0.00  ? 1  DT  B "C4'"  1 
ATOM   265 O  "O4'"  . DT  B 1 1 ? -4.902  -10.371 12.453  1.00 0.00  ? 1  DT  B "O4'"  1 
ATOM   266 C  "C3'"  . DT  B 1 1 ? -4.439  -8.307  13.606  1.00 0.00  ? 1  DT  B "C3'"  1 
ATOM   267 O  "O3'"  . DT  B 1 1 ? -3.272  -8.314  14.446  1.00 0.00  ? 1  DT  B "O3'"  1 
ATOM   268 C  "C2'"  . DT  B 1 1 ? -4.059  -8.153  12.150  1.00 0.00  ? 1  DT  B "C2'"  1 
ATOM   269 C  "C1'"  . DT  B 1 1 ? -4.138  -9.551  11.540  1.00 0.00  ? 1  DT  B "C1'"  1 
ATOM   270 N  N1     . DT  B 1 1 ? -4.768  -9.547  10.181  1.00 0.00  ? 1  DT  B N1     1 
ATOM   271 C  C2     . DT  B 1 1 ? -4.060  -10.115 9.119   1.00 0.00  ? 1  DT  B C2     1 
ATOM   272 O  O2     . DT  B 1 1 ? -2.932  -10.585 9.253   1.00 0.00  ? 1  DT  B O2     1 
ATOM   273 N  N3     . DT  B 1 1 ? -4.701  -10.128 7.895   1.00 0.00  ? 1  DT  B N3     1 
ATOM   274 C  C4     . DT  B 1 1 ? -5.968  -9.633  7.632   1.00 0.00  ? 1  DT  B C4     1 
ATOM   275 O  O4     . DT  B 1 1 ? -6.447  -9.702  6.504   1.00 0.00  ? 1  DT  B O4     1 
ATOM   276 C  C5     . DT  B 1 1 ? -6.627  -9.062  8.783   1.00 0.00  ? 1  DT  B C5     1 
ATOM   277 C  C7     . DT  B 1 1 ? -8.025  -8.470  8.624   1.00 0.00  ? 1  DT  B C7     1 
ATOM   278 C  C6     . DT  B 1 1 ? -6.029  -9.035  9.991   1.00 0.00  ? 1  DT  B C6     1 
ATOM   279 H  HOP3   . DT  B 1 1 ? -9.439  -8.851  14.265  1.00 20.00 ? 1  DT  B HOP3   1 
ATOM   280 H  "H5'"  . DT  B 1 1 ? -6.810  -8.979  14.868  1.00 20.00 ? 1  DT  B "H5'"  1 
ATOM   281 H  "H5''" . DT  B 1 1 ? -7.085  -8.937  13.115  1.00 20.00 ? 1  DT  B "H5''" 1 
ATOM   282 H  "H4'"  . DT  B 1 1 ? -4.712  -10.236 14.512  1.00 20.00 ? 1  DT  B "H4'"  1 
ATOM   283 H  "H3'"  . DT  B 1 1 ? -5.111  -7.495  13.908  1.00 20.00 ? 1  DT  B "H3'"  1 
ATOM   284 H  "H2'"  . DT  B 1 1 ? -4.751  -7.478  11.650  1.00 20.00 ? 1  DT  B "H2'"  1 
ATOM   285 H  "H2''" . DT  B 1 1 ? -3.053  -7.767  12.064  1.00 20.00 ? 1  DT  B "H2''" 1 
ATOM   286 H  "H1'"  . DT  B 1 1 ? -3.123  -9.954  11.479  1.00 20.00 ? 1  DT  B "H1'"  1 
ATOM   287 H  H3     . DT  B 1 1 ? -4.200  -10.528 7.126   1.00 0.00  ? 1  DT  B H3     1 
ATOM   288 H  H71    . DT  B 1 1 ? -8.512  -8.879  7.752   1.00 20.00 ? 1  DT  B H71    1 
ATOM   289 H  H72    . DT  B 1 1 ? -7.967  -7.477  8.495   1.00 20.00 ? 1  DT  B H72    1 
ATOM   290 H  H73    . DT  B 1 1 ? -8.596  -8.613  9.507   1.00 20.00 ? 1  DT  B H73    1 
ATOM   291 H  H6     . DT  B 1 1 ? -6.564  -8.600  10.834  1.00 20.00 ? 1  DT  B H6     1 
ATOM   292 P  P      . DT  B 1 2 ? -2.243  -7.073  14.472  1.00 0.00  ? 2  DT  B P      1 
ATOM   293 O  OP1    . DT  B 1 2 ? -1.604  -7.028  15.806  1.00 0.00  ? 2  DT  B OP1    1 
ATOM   294 O  OP2    . DT  B 1 2 ? -2.942  -5.878  13.948  1.00 0.00  ? 2  DT  B OP2    1 
ATOM   295 O  "O5'"  . DT  B 1 2 ? -1.129  -7.521  13.394  1.00 0.00  ? 2  DT  B "O5'"  1 
ATOM   296 C  "C5'"  . DT  B 1 2 ? -0.549  -8.829  13.447  1.00 0.00  ? 2  DT  B "C5'"  1 
ATOM   297 C  "C4'"  . DT  B 1 2 ? 0.753   -8.925  12.631  1.00 0.00  ? 2  DT  B "C4'"  1 
ATOM   298 O  "O4'"  . DT  B 1 2 ? 0.466   -9.258  11.250  1.00 0.00  ? 2  DT  B "O4'"  1 
ATOM   299 C  "C3'"  . DT  B 1 2 ? 1.554   -7.618  12.645  1.00 0.00  ? 2  DT  B "C3'"  1 
ATOM   300 O  "O3'"  . DT  B 1 2 ? 2.903   -7.877  13.062  1.00 0.00  ? 2  DT  B "O3'"  1 
ATOM   301 C  "C2'"  . DT  B 1 2 ? 1.531   -7.113  11.220  1.00 0.00  ? 2  DT  B "C2'"  1 
ATOM   302 C  "C1'"  . DT  B 1 2 ? 0.964   -8.237  10.355  1.00 0.00  ? 2  DT  B "C1'"  1 
ATOM   303 N  N1     . DT  B 1 2 ? -0.129  -7.782  9.432   1.00 0.00  ? 2  DT  B N1     1 
ATOM   304 C  C2     . DT  B 1 2 ? -0.046  -8.123  8.073   1.00 0.00  ? 2  DT  B C2     1 
ATOM   305 O  O2     . DT  B 1 2 ? 0.924   -8.711  7.600   1.00 0.00  ? 2  DT  B O2     1 
ATOM   306 N  N3     . DT  B 1 2 ? -1.125  -7.758  7.281   1.00 0.00  ? 2  DT  B N3     1 
ATOM   307 C  C4     . DT  B 1 2 ? -2.259  -7.088  7.717   1.00 0.00  ? 2  DT  B C4     1 
ATOM   308 O  O4     . DT  B 1 2 ? -3.166  -6.813  6.941   1.00 0.00  ? 2  DT  B O4     1 
ATOM   309 C  C5     . DT  B 1 2 ? -2.259  -6.771  9.124   1.00 0.00  ? 2  DT  B C5     1 
ATOM   310 C  C7     . DT  B 1 2 ? -3.463  -6.028  9.710   1.00 0.00  ? 2  DT  B C7     1 
ATOM   311 C  C6     . DT  B 1 2 ? -1.222  -7.118  9.922   1.00 0.00  ? 2  DT  B C6     1 
ATOM   312 H  "H5'"  . DT  B 1 2 ? -1.266  -9.549  13.053  1.00 20.00 ? 2  DT  B "H5'"  1 
ATOM   313 H  "H5''" . DT  B 1 2 ? -0.336  -9.076  14.488  1.00 20.00 ? 2  DT  B "H5''" 1 
ATOM   314 H  "H4'"  . DT  B 1 2 ? 1.374   -9.717  13.053  1.00 20.00 ? 2  DT  B "H4'"  1 
ATOM   315 H  "H3'"  . DT  B 1 2 ? 1.099   -6.880  13.315  1.00 20.00 ? 2  DT  B "H3'"  1 
ATOM   316 H  "H2'"  . DT  B 1 2 ? 0.916   -6.217  11.139  1.00 20.00 ? 2  DT  B "H2'"  1 
ATOM   317 H  "H2''" . DT  B 1 2 ? 2.543   -6.893  10.909  1.00 20.00 ? 2  DT  B "H2''" 1 
ATOM   318 H  "H1'"  . DT  B 1 2 ? 1.787   -8.649  9.770   1.00 20.00 ? 2  DT  B "H1'"  1 
ATOM   319 H  H3     . DT  B 1 2 ? -1.088  -8.015  6.305   1.00 0.00  ? 2  DT  B H3     1 
ATOM   320 H  H71    . DT  B 1 2 ? -3.331  -5.836  10.775  1.00 20.00 ? 2  DT  B H71    1 
ATOM   321 H  H72    . DT  B 1 2 ? -4.323  -6.563  9.548   1.00 20.00 ? 2  DT  B H72    1 
ATOM   322 H  H73    . DT  B 1 2 ? -3.614  -5.147  9.206   1.00 20.00 ? 2  DT  B H73    1 
ATOM   323 H  H6     . DT  B 1 2 ? -1.264  -6.875  10.980  1.00 20.00 ? 2  DT  B H6     1 
ATOM   324 P  P      . DG  B 1 3 ? 3.994   -6.691  13.152  1.00 0.00  ? 3  DG  B P      1 
ATOM   325 O  OP1    . DG  B 1 3 ? 4.984   -7.055  14.191  1.00 0.00  ? 3  DG  B OP1    1 
ATOM   326 O  OP2    . DG  B 1 3 ? 3.268   -5.405  13.249  1.00 0.00  ? 3  DG  B OP2    1 
ATOM   327 O  "O5'"  . DG  B 1 3 ? 4.729   -6.747  11.713  1.00 0.00  ? 3  DG  B "O5'"  1 
ATOM   328 C  "C5'"  . DG  B 1 3 ? 4.930   -7.988  11.022  1.00 0.00  ? 3  DG  B "C5'"  1 
ATOM   329 C  "C4'"  . DG  B 1 3 ? 5.066   -7.779  9.509   1.00 0.00  ? 3  DG  B "C4'"  1 
ATOM   330 O  "O4'"  . DG  B 1 3 ? 3.765   -7.547  8.907   1.00 0.00  ? 3  DG  B "O4'"  1 
ATOM   331 C  "C3'"  . DG  B 1 3 ? 5.959   -6.577  9.168   1.00 0.00  ? 3  DG  B "C3'"  1 
ATOM   332 O  "O3'"  . DG  B 1 3 ? 7.036   -6.981  8.314   1.00 0.00  ? 3  DG  B "O3'"  1 
ATOM   333 C  "C2'"  . DG  B 1 3 ? 5.061   -5.614  8.432   1.00 0.00  ? 3  DG  B "C2'"  1 
ATOM   334 C  "C1'"  . DG  B 1 3 ? 3.837   -6.410  8.021   1.00 0.00  ? 3  DG  B "C1'"  1 
ATOM   335 N  N9     . DG  B 1 3 ? 2.617   -5.575  8.071   1.00 0.00  ? 3  DG  B N9     1 
ATOM   336 C  C8     . DG  B 1 3 ? 2.073   -4.890  9.103   1.00 0.00  ? 3  DG  B C8     1 
ATOM   337 N  N7     . DG  B 1 3 ? 1.011   -4.190  8.871   1.00 0.00  ? 3  DG  B N7     1 
ATOM   338 C  C5     . DG  B 1 3 ? 0.808   -4.431  7.509   1.00 0.00  ? 3  DG  B C5     1 
ATOM   339 C  C6     . DG  B 1 3 ? -0.206  -3.946  6.634   1.00 0.00  ? 3  DG  B C6     1 
ATOM   340 O  O6     . DG  B 1 3 ? -1.147  -3.193  6.885   1.00 0.00  ? 3  DG  B O6     1 
ATOM   341 N  N1     . DG  B 1 3 ? -0.036  -4.432  5.350   1.00 0.00  ? 3  DG  B N1     1 
ATOM   342 C  C2     . DG  B 1 3 ? 0.972   -5.277  4.943   1.00 0.00  ? 3  DG  B C2     1 
ATOM   343 N  N2     . DG  B 1 3 ? 0.958   -5.636  3.662   1.00 0.00  ? 3  DG  B N2     1 
ATOM   344 N  N3     . DG  B 1 3 ? 1.927   -5.737  5.752   1.00 0.00  ? 3  DG  B N3     1 
ATOM   345 C  C4     . DG  B 1 3 ? 1.788   -5.279  7.015   1.00 0.00  ? 3  DG  B C4     1 
ATOM   346 H  "H5'"  . DG  B 1 3 ? 4.085   -8.649  11.208  1.00 20.00 ? 3  DG  B "H5'"  1 
ATOM   347 H  "H5''" . DG  B 1 3 ? 5.837   -8.460  11.398  1.00 20.00 ? 3  DG  B "H5''" 1 
ATOM   348 H  "H4'"  . DG  B 1 3 ? 5.499   -8.677  9.068   1.00 20.00 ? 3  DG  B "H4'"  1 
ATOM   349 H  "H3'"  . DG  B 1 3 ? 6.354   -6.107  10.077  1.00 20.00 ? 3  DG  B "H3'"  1 
ATOM   350 H  "H2'"  . DG  B 1 3 ? 4.764   -4.791  9.087   1.00 20.00 ? 3  DG  B "H2'"  1 
ATOM   351 H  "H2''" . DG  B 1 3 ? 5.570   -5.225  7.559   1.00 20.00 ? 3  DG  B "H2''" 1 
ATOM   352 H  "H1'"  . DG  B 1 3 ? 3.973   -6.775  6.999   1.00 20.00 ? 3  DG  B "H1'"  1 
ATOM   353 H  H8     . DG  B 1 3 ? 2.520   -4.920  10.088  1.00 20.00 ? 3  DG  B H8     1 
ATOM   354 H  H1     . DG  B 1 3 ? -0.712  -4.132  4.681   1.00 0.00  ? 3  DG  B H1     1 
ATOM   355 H  H21    . DG  B 1 3 ? 0.237   -5.287  3.046   1.00 0.00  ? 3  DG  B H21    1 
ATOM   356 H  H22    . DG  B 1 3 ? 1.667   -6.260  3.310   1.00 0.00  ? 3  DG  B H22    1 
ATOM   357 P  P      . DG  B 1 4 ? 8.169   -5.927  7.862   1.00 0.00  ? 4  DG  B P      1 
ATOM   358 O  OP1    . DG  B 1 4 ? 9.414   -6.678  7.586   1.00 0.00  ? 4  DG  B OP1    1 
ATOM   359 O  OP2    . DG  B 1 4 ? 8.180   -4.815  8.839   1.00 0.00  ? 4  DG  B OP2    1 
ATOM   360 O  "O5'"  . DG  B 1 4 ? 7.601   -5.364  6.464   1.00 0.00  ? 4  DG  B "O5'"  1 
ATOM   361 C  "C5'"  . DG  B 1 4 ? 7.018   -6.247  5.499   1.00 0.00  ? 4  DG  B "C5'"  1 
ATOM   362 C  "C4'"  . DG  B 1 4 ? 6.434   -5.500  4.280   1.00 0.00  ? 4  DG  B "C4'"  1 
ATOM   363 O  "O4'"  . DG  B 1 4 ? 5.014   -5.242  4.461   1.00 0.00  ? 4  DG  B "O4'"  1 
ATOM   364 C  "C3'"  . DG  B 1 4 ? 7.112   -4.141  4.022   1.00 0.00  ? 4  DG  B "C3'"  1 
ATOM   365 O  "O3'"  . DG  B 1 4 ? 7.588   -4.071  2.670   1.00 0.00  ? 4  DG  B "O3'"  1 
ATOM   366 C  "C2'"  . DG  B 1 4 ? 6.033   -3.127  4.235   1.00 0.00  ? 4  DG  B "C2'"  1 
ATOM   367 C  "C1'"  . DG  B 1 4 ? 4.737   -3.883  4.068   1.00 0.00  ? 4  DG  B "C1'"  1 
ATOM   368 N  N9     . DG  B 1 4 ? 3.670   -3.253  4.863   1.00 0.00  ? 4  DG  B N9     1 
ATOM   369 C  C8     . DG  B 1 4 ? 3.623   -2.985  6.186   1.00 0.00  ? 4  DG  B C8     1 
ATOM   370 N  N7     . DG  B 1 4 ? 2.635   -2.271  6.620   1.00 0.00  ? 4  DG  B N7     1 
ATOM   371 C  C5     . DG  B 1 4 ? 1.922   -2.028  5.440   1.00 0.00  ? 4  DG  B C5     1 
ATOM   372 C  C6     . DG  B 1 4 ? 0.724   -1.291  5.226   1.00 0.00  ? 4  DG  B C6     1 
ATOM   373 O  O6     . DG  B 1 4 ? 0.036   -0.680  6.045   1.00 0.00  ? 4  DG  B O6     1 
ATOM   374 N  N1     . DG  B 1 4 ? 0.356   -1.300  3.888   1.00 0.00  ? 4  DG  B N1     1 
ATOM   375 C  C2     . DG  B 1 4 ? 1.043   -1.934  2.874   1.00 0.00  ? 4  DG  B C2     1 
ATOM   376 N  N2     . DG  B 1 4 ? 0.522   -1.830  1.649   1.00 0.00  ? 4  DG  B N2     1 
ATOM   377 N  N3     . DG  B 1 4 ? 2.167   -2.627  3.066   1.00 0.00  ? 4  DG  B N3     1 
ATOM   378 C  C4     . DG  B 1 4 ? 2.550   -2.633  4.362   1.00 0.00  ? 4  DG  B C4     1 
ATOM   379 H  "H5'"  . DG  B 1 4 ? 6.219   -6.815  5.977   1.00 20.00 ? 4  DG  B "H5'"  1 
ATOM   380 H  "H5''" . DG  B 1 4 ? 7.785   -6.944  5.157   1.00 20.00 ? 4  DG  B "H5''" 1 
ATOM   381 H  "H4'"  . DG  B 1 4 ? 6.557   -6.123  3.393   1.00 20.00 ? 4  DG  B "H4'"  1 
ATOM   382 H  "H3'"  . DG  B 1 4 ? 7.923   -3.951  4.714   1.00 20.00 ? 4  DG  B "H3'"  1 
ATOM   383 H  "H2'"  . DG  B 1 4 ? 6.090   -2.713  5.244   1.00 20.00 ? 4  DG  B "H2'"  1 
ATOM   384 H  "H2''" . DG  B 1 4 ? 6.118   -2.336  3.509   1.00 20.00 ? 4  DG  B "H2''" 1 
ATOM   385 H  "H1'"  . DG  B 1 4 ? 4.451   -3.874  3.014   1.00 20.00 ? 4  DG  B "H1'"  1 
ATOM   386 H  H8     . DG  B 1 4 ? 4.399   -3.348  6.856   1.00 20.00 ? 4  DG  B H8     1 
ATOM   387 H  H1     . DG  B 1 4 ? -0.476  -0.796  3.667   1.00 0.00  ? 4  DG  B H1     1 
ATOM   388 H  H21    . DG  B 1 4 ? -0.328  -1.304  1.505   1.00 0.00  ? 4  DG  B H21    1 
ATOM   389 H  H22    . DG  B 1 4 ? 0.979   -2.278  0.865   1.00 0.00  ? 4  DG  B H22    1 
ATOM   390 P  P      . DC  B 1 5 ? 8.505   -2.840  2.176   1.00 0.00  ? 5  DC  B P      1 
ATOM   391 O  OP1    . DC  B 1 5 ? 9.743   -3.396  1.584   1.00 0.00  ? 5  DC  B OP1    1 
ATOM   392 O  OP2    . DC  B 1 5 ? 8.593   -1.858  3.278   1.00 0.00  ? 5  DC  B OP2    1 
ATOM   393 O  "O5'"  . DC  B 1 5 ? 7.628   -2.185  0.989   1.00 0.00  ? 5  DC  B "O5'"  1 
ATOM   394 C  "C5'"  . DC  B 1 5 ? 6.996   -3.010  0.003   1.00 0.00  ? 5  DC  B "C5'"  1 
ATOM   395 C  "C4'"  . DC  B 1 5 ? 5.778   -2.324  -0.623  1.00 0.00  ? 5  DC  B "C4'"  1 
ATOM   396 O  "O4'"  . DC  B 1 5 ? 4.692   -2.199  0.313   1.00 0.00  ? 5  DC  B "O4'"  1 
ATOM   397 C  "C3'"  . DC  B 1 5 ? 6.084   -0.917  -1.117  1.00 0.00  ? 5  DC  B "C3'"  1 
ATOM   398 O  "O3'"  . DC  B 1 5 ? 6.505   -0.890  -2.482  1.00 0.00  ? 5  DC  B "O3'"  1 
ATOM   399 C  "C2'"  . DC  B 1 5 ? 4.783   -0.181  -0.956  1.00 0.00  ? 5  DC  B "C2'"  1 
ATOM   400 C  "C1'"  . DC  B 1 5 ? 3.920   -1.027  -0.032  1.00 0.00  ? 5  DC  B "C1'"  1 
ATOM   401 N  N1     . DC  B 1 5 ? 3.539   -0.256  1.167   1.00 0.00  ? 5  DC  B N1     1 
ATOM   402 C  C2     . DC  B 1 5 ? 2.389   0.517   1.100   1.00 0.00  ? 5  DC  B C2     1 
ATOM   403 O  O2     . DC  B 1 5 ? 1.774   0.619   0.040   1.00 0.00  ? 5  DC  B O2     1 
ATOM   404 N  N3     . DC  B 1 5 ? 1.984   1.163   2.220   1.00 0.00  ? 5  DC  B N3     1 
ATOM   405 C  C4     . DC  B 1 5 ? 2.672   1.064   3.362   1.00 0.00  ? 5  DC  B C4     1 
ATOM   406 N  N4     . DC  B 1 5 ? 2.226   1.708   4.445   1.00 0.00  ? 5  DC  B N4     1 
ATOM   407 C  C5     . DC  B 1 5 ? 3.870   0.274   3.431   1.00 0.00  ? 5  DC  B C5     1 
ATOM   408 C  C6     . DC  B 1 5 ? 4.260   -0.359  2.311   1.00 0.00  ? 5  DC  B C6     1 
ATOM   409 H  "H5'"  . DC  B 1 5 ? 6.677   -3.938  0.470   1.00 20.00 ? 5  DC  B "H5'"  1 
ATOM   410 H  "H5''" . DC  B 1 5 ? 7.715   -3.241  -0.785  1.00 20.00 ? 5  DC  B "H5''" 1 
ATOM   411 H  "H4'"  . DC  B 1 5 ? 5.432   -2.917  -1.461  1.00 20.00 ? 5  DC  B "H4'"  1 
ATOM   412 H  "H3'"  . DC  B 1 5 ? 6.848   -0.457  -0.478  1.00 20.00 ? 5  DC  B "H3'"  1 
ATOM   413 H  "H2'"  . DC  B 1 5 ? 4.959   0.793   -0.522  1.00 20.00 ? 5  DC  B "H2'"  1 
ATOM   414 H  "H2''" . DC  B 1 5 ? 4.293   -0.076  -1.918  1.00 20.00 ? 5  DC  B "H2''" 1 
ATOM   415 H  "H1'"  . DC  B 1 5 ? 3.018   -1.351  -0.560  1.00 20.00 ? 5  DC  B "H1'"  1 
ATOM   416 H  H41    . DC  B 1 5 ? 1.377   2.253   4.395   1.00 0.00  ? 5  DC  B H41    1 
ATOM   417 H  H42    . DC  B 1 5 ? 2.731   1.643   5.313   1.00 0.00  ? 5  DC  B H42    1 
ATOM   418 H  H5     . DC  B 1 5 ? 4.437   0.175   4.358   1.00 20.00 ? 5  DC  B H5     1 
ATOM   419 H  H6     . DC  B 1 5 ? 5.178   -0.937  2.311   1.00 20.00 ? 5  DC  B H6     1 
ATOM   420 P  P      . DC  B 1 6 ? 6.955   0.512   -3.146  1.00 0.00  ? 6  DC  B P      1 
ATOM   421 O  OP1    . DC  B 1 6 ? 7.404   0.243   -4.531  1.00 0.00  ? 6  DC  B OP1    1 
ATOM   422 O  OP2    . DC  B 1 6 ? 7.860   1.202   -2.201  1.00 0.00  ? 6  DC  B OP2    1 
ATOM   423 O  "O5'"  . DC  B 1 6 ? 5.572   1.345   -3.219  1.00 0.00  ? 6  DC  B "O5'"  1 
ATOM   424 C  "C5'"  . DC  B 1 6 ? 4.661   1.110   -4.295  1.00 0.00  ? 6  DC  B "C5'"  1 
ATOM   425 C  "C4'"  . DC  B 1 6 ? 3.516   2.131   -4.357  1.00 0.00  ? 6  DC  B "C4'"  1 
ATOM   426 O  "O4'"  . DC  B 1 6 ? 2.725   2.144   -3.151  1.00 0.00  ? 6  DC  B "O4'"  1 
ATOM   427 C  "C3'"  . DC  B 1 6 ? 4.008   3.552   -4.590  1.00 0.00  ? 6  DC  B "C3'"  1 
ATOM   428 O  "O3'"  . DC  B 1 6 ? 3.956   3.881   -5.981  1.00 0.00  ? 6  DC  B "O3'"  1 
ATOM   429 C  "C2'"  . DC  B 1 6 ? 3.069   4.429   -3.783  1.00 0.00  ? 6  DC  B "C2'"  1 
ATOM   430 C  "C1'"  . DC  B 1 6 ? 2.261   3.492   -2.889  1.00 0.00  ? 6  DC  B "C1'"  1 
ATOM   431 N  N1     . DC  B 1 6 ? 2.439   3.824   -1.450  1.00 0.00  ? 6  DC  B N1     1 
ATOM   432 C  C2     . DC  B 1 6 ? 1.491   4.631   -0.826  1.00 0.00  ? 6  DC  B C2     1 
ATOM   433 O  O2     . DC  B 1 6 ? 0.587   5.146   -1.482  1.00 0.00  ? 6  DC  B O2     1 
ATOM   434 N  N3     . DC  B 1 6 ? 1.602   4.837   0.515   1.00 0.00  ? 6  DC  B N3     1 
ATOM   435 C  C4     . DC  B 1 6 ? 2.598   4.282   1.224   1.00 0.00  ? 6  DC  B C4     1 
ATOM   436 N  N4     . DC  B 1 6 ? 2.653   4.475   2.552   1.00 0.00  ? 6  DC  B N4     1 
ATOM   437 C  C5     . DC  B 1 6 ? 3.579   3.463   0.580   1.00 0.00  ? 6  DC  B C5     1 
ATOM   438 C  C6     . DC  B 1 6 ? 3.460   3.269   -0.750  1.00 0.00  ? 6  DC  B C6     1 
ATOM   439 H  "H5'"  . DC  B 1 6 ? 4.239   0.111   -4.196  1.00 20.00 ? 6  DC  B "H5'"  1 
ATOM   440 H  "H5''" . DC  B 1 6 ? 5.218   1.157   -5.218  1.00 20.00 ? 6  DC  B "H5''" 1 
ATOM   441 H  "H4'"  . DC  B 1 6 ? 2.863   1.858   -5.186  1.00 20.00 ? 6  DC  B "H4'"  1 
ATOM   442 H  "H3'"  . DC  B 1 6 ? 5.033   3.664   -4.214  1.00 20.00 ? 6  DC  B "H3'"  1 
ATOM   443 H  "H2'"  . DC  B 1 6 ? 3.632   5.136   -3.173  1.00 20.00 ? 6  DC  B "H2'"  1 
ATOM   444 H  "H2''" . DC  B 1 6 ? 2.399   4.969   -4.460  1.00 20.00 ? 6  DC  B "H2''" 1 
ATOM   445 H  "H1'"  . DC  B 1 6 ? 1.202   3.555   -3.152  1.00 20.00 ? 6  DC  B "H1'"  1 
ATOM   446 H  H41    . DC  B 1 6 ? 1.964   5.054   3.007   1.00 0.00  ? 6  DC  B H41    1 
ATOM   447 H  H42    . DC  B 1 6 ? 3.387   4.041   3.098   1.00 0.00  ? 6  DC  B H42    1 
ATOM   448 H  H5     . DC  B 1 6 ? 4.391   3.000   1.145   1.00 20.00 ? 6  DC  B H5     1 
ATOM   449 H  H6     . DC  B 1 6 ? 4.203   2.687   -1.279  1.00 20.00 ? 6  DC  B H6     1 
ATOM   450 P  P      . DA  B 1 7 ? 4.764   5.146   -6.555  1.00 0.00  ? 7  DA  B P      1 
ATOM   451 O  OP1    . DA  B 1 7 ? 5.368   4.762   -7.851  1.00 0.00  ? 7  DA  B OP1    1 
ATOM   452 O  OP2    . DA  B 1 7 ? 5.620   5.682   -5.473  1.00 0.00  ? 7  DA  B OP2    1 
ATOM   453 O  "O5'"  . DA  B 1 7 ? 3.589   6.206   -6.841  1.00 0.00  ? 7  DA  B "O5'"  1 
ATOM   454 C  "C5'"  . DA  B 1 7 ? 2.324   5.772   -7.350  1.00 0.00  ? 7  DA  B "C5'"  1 
ATOM   455 C  "C4'"  . DA  B 1 7 ? 1.287   6.897   -7.304  1.00 0.00  ? 7  DA  B "C4'"  1 
ATOM   456 O  "O4'"  . DA  B 1 7 ? 0.740   7.023   -5.968  1.00 0.00  ? 7  DA  B "O4'"  1 
ATOM   457 C  "C3'"  . DA  B 1 7 ? 1.896   8.245   -7.692  1.00 0.00  ? 7  DA  B "C3'"  1 
ATOM   458 O  "O3'"  . DA  B 1 7 ? 1.065   8.916   -8.653  1.00 0.00  ? 7  DA  B "O3'"  1 
ATOM   459 C  "C2'"  . DA  B 1 7 ? 1.948   9.037   -6.416  1.00 0.00  ? 7  DA  B "C2'"  1 
ATOM   460 C  "C1'"  . DA  B 1 7 ? 1.079   8.309   -5.404  1.00 0.00  ? 7  DA  B "C1'"  1 
ATOM   461 N  N9     . DA  B 1 7 ? 1.782   8.163   -4.118  1.00 0.00  ? 7  DA  B N9     1 
ATOM   462 C  C8     . DA  B 1 7 ? 2.990   7.613   -3.852  1.00 0.00  ? 7  DA  B C8     1 
ATOM   463 N  N7     . DA  B 1 7 ? 3.426   7.688   -2.640  1.00 0.00  ? 7  DA  B N7     1 
ATOM   464 C  C5     . DA  B 1 7 ? 2.381   8.369   -2.005  1.00 0.00  ? 7  DA  B C5     1 
ATOM   465 C  C6     . DA  B 1 7 ? 2.189   8.787   -0.684  1.00 0.00  ? 7  DA  B C6     1 
ATOM   466 N  N6     . DA  B 1 7 ? 3.091   8.583   0.268   1.00 0.00  ? 7  DA  B N6     1 
ATOM   467 N  N1     . DA  B 1 7 ? 1.040   9.432   -0.389  1.00 0.00  ? 7  DA  B N1     1 
ATOM   468 C  C2     . DA  B 1 7 ? 0.133   9.647   -1.353  1.00 0.00  ? 7  DA  B C2     1 
ATOM   469 N  N3     . DA  B 1 7 ? 0.218   9.297   -2.635  1.00 0.00  ? 7  DA  B N3     1 
ATOM   470 C  C4     . DA  B 1 7 ? 1.375   8.656   -2.895  1.00 0.00  ? 7  DA  B C4     1 
ATOM   471 H  "H5'"  . DA  B 1 7 ? 1.965   4.936   -6.751  1.00 20.00 ? 7  DA  B "H5'"  1 
ATOM   472 H  "H5''" . DA  B 1 7 ? 2.448   5.443   -8.381  1.00 20.00 ? 7  DA  B "H5''" 1 
ATOM   473 H  "H4'"  . DA  B 1 7 ? 0.482   6.662   -7.994  1.00 20.00 ? 7  DA  B "H4'"  1 
ATOM   474 H  "H3'"  . DA  B 1 7 ? 2.906   8.118   -8.101  1.00 20.00 ? 7  DA  B "H3'"  1 
ATOM   475 H  "H2'"  . DA  B 1 7 ? 2.974   9.107   -6.046  1.00 20.00 ? 7  DA  B "H2'"  1 
ATOM   476 H  "H2''" . DA  B 1 7 ? 1.552   10.023  -6.595  1.00 20.00 ? 7  DA  B "H2''" 1 
ATOM   477 H  "H1'"  . DA  B 1 7 ? 0.169   8.889   -5.243  1.00 20.00 ? 7  DA  B "H1'"  1 
ATOM   478 H  H8     . DA  B 1 7 ? 3.567   7.120   -4.631  1.00 20.00 ? 7  DA  B H8     1 
ATOM   479 H  H61    . DA  B 1 7 ? 2.914   8.906   1.201   1.00 0.00  ? 7  DA  B H61    1 
ATOM   480 H  H62    . DA  B 1 7 ? 3.955   8.108   0.053   1.00 0.00  ? 7  DA  B H62    1 
ATOM   481 H  H2     . DA  B 1 7 ? -0.788  10.149  -1.053  1.00 20.00 ? 7  DA  B H2     1 
ATOM   482 P  P      . DA  B 1 8 ? 1.513   10.332  -9.285  1.00 0.00  ? 8  DA  B P      1 
ATOM   483 O  OP1    . DA  B 1 8 ? 0.887   10.459  -10.619 1.00 0.00  ? 8  DA  B OP1    1 
ATOM   484 O  OP2    . DA  B 1 8 ? 2.982   10.453  -9.148  1.00 0.00  ? 8  DA  B OP2    1 
ATOM   485 O  "O5'"  . DA  B 1 8 ? 0.826   11.415  -8.301  1.00 0.00  ? 8  DA  B "O5'"  1 
ATOM   486 C  "C5'"  . DA  B 1 8 ? -0.518  11.240  -7.842  1.00 0.00  ? 8  DA  B "C5'"  1 
ATOM   487 C  "C4'"  . DA  B 1 8 ? -0.923  12.297  -6.798  1.00 0.00  ? 8  DA  B "C4'"  1 
ATOM   488 O  "O4'"  . DA  B 1 8 ? -0.448  11.914  -5.481  1.00 0.00  ? 8  DA  B "O4'"  1 
ATOM   489 C  "C3'"  . DA  B 1 8 ? -0.353  13.687  -7.117  1.00 0.00  ? 8  DA  B "C3'"  1 
ATOM   490 O  "O3'"  . DA  B 1 8 ? -1.406  14.655  -7.172  1.00 0.00  ? 8  DA  B "O3'"  1 
ATOM   491 C  "C2'"  . DA  B 1 8 ? 0.578   14.015  -5.970  1.00 0.00  ? 8  DA  B "C2'"  1 
ATOM   492 C  "C1'"  . DA  B 1 8 ? 0.271   13.009  -4.869  1.00 0.00  ? 8  DA  B "C1'"  1 
ATOM   493 N  N9     . DA  B 1 8 ? 1.513   12.547  -4.213  1.00 0.00  ? 8  DA  B N9     1 
ATOM   494 C  C8     . DA  B 1 8 ? 2.594   11.932  -4.746  1.00 0.00  ? 8  DA  B C8     1 
ATOM   495 N  N7     . DA  B 1 8 ? 3.582   11.668  -3.962  1.00 0.00  ? 8  DA  B N7     1 
ATOM   496 C  C5     . DA  B 1 8 ? 3.114   12.163  -2.745  1.00 0.00  ? 8  DA  B C5     1 
ATOM   497 C  C6     . DA  B 1 8 ? 3.677   12.208  -1.467  1.00 0.00  ? 8  DA  B C6     1 
ATOM   498 N  N6     . DA  B 1 8 ? 4.890   11.733  -1.192  1.00 0.00  ? 8  DA  B N6     1 
ATOM   499 N  N1     . DA  B 1 8 ? 2.947   12.766  -0.486  1.00 0.00  ? 8  DA  B N1     1 
ATOM   500 C  C2     . DA  B 1 8 ? 1.731   13.252  -0.745  1.00 0.00  ? 8  DA  B C2     1 
ATOM   501 N  N3     . DA  B 1 8 ? 1.101   13.263  -1.919  1.00 0.00  ? 8  DA  B N3     1 
ATOM   502 C  C4     . DA  B 1 8 ? 1.855   12.698  -2.885  1.00 0.00  ? 8  DA  B C4     1 
ATOM   503 H  "H5'"  . DA  B 1 8 ? -0.618  10.249  -7.397  1.00 20.00 ? 8  DA  B "H5'"  1 
ATOM   504 H  "H5''" . DA  B 1 8 ? -1.193  11.311  -8.695  1.00 20.00 ? 8  DA  B "H5''" 1 
ATOM   505 H  "H4'"  . DA  B 1 8 ? -2.010  12.363  -6.769  1.00 20.00 ? 8  DA  B "H4'"  1 
ATOM   506 H  "H3'"  . DA  B 1 8 ? 0.200   13.682  -8.063  1.00 20.00 ? 8  DA  B "H3'"  1 
ATOM   507 H  "HO3'" . DA  B 1 8 ? -1.436  15.093  -6.318  1.00 20.00 ? 8  DA  B "HO3'" 1 
ATOM   508 H  "H2'"  . DA  B 1 8 ? 1.619   13.914  -6.283  1.00 20.00 ? 8  DA  B "H2'"  1 
ATOM   509 H  "H2''" . DA  B 1 8 ? 0.393   15.032  -5.619  1.00 20.00 ? 8  DA  B "H2''" 1 
ATOM   510 H  "H1'"  . DA  B 1 8 ? -0.370  13.478  -4.122  1.00 20.00 ? 8  DA  B "H1'"  1 
ATOM   511 H  H8     . DA  B 1 8 ? 2.629   11.676  -5.795  1.00 20.00 ? 8  DA  B H8     1 
ATOM   512 H  H61    . DA  B 1 8 ? 5.252   11.791  -0.253  1.00 0.00  ? 8  DA  B H61    1 
ATOM   513 H  H62    . DA  B 1 8 ? 5.448   11.316  -1.924  1.00 0.00  ? 8  DA  B H62    1 
ATOM   514 H  H2     . DA  B 1 8 ? 1.196   13.687  0.098   1.00 20.00 ? 8  DA  B H2     1 
HETATM 515 C  C1     . DDA C 2 . ? -0.762  -4.523  -6.570  1.00 0.03  ? 1  DDA C C1     1 
HETATM 516 C  C2     . DDA C 2 . ? -0.186  -5.428  -5.463  1.00 0.09  ? 1  DDA C C2     1 
HETATM 517 C  C3     . DDA C 2 . ? 0.942   -6.349  -5.964  1.00 0.03  ? 1  DDA C C3     1 
HETATM 518 C  C4     . DDA C 2 . ? 0.603   -6.935  -7.335  1.00 0.01  ? 1  DDA C C4     1 
HETATM 519 C  C5     . DDA C 2 . ? 0.081   -5.868  -8.291  1.00 0.01  ? 1  DDA C C5     1 
HETATM 520 C  C6     . DDA C 2 . ? -0.295  -6.462  -9.648  1.00 0.01  ? 1  DDA C C6     1 
HETATM 521 O  O5     . DDA C 2 . ? -1.057  -5.281  -7.720  1.00 0.00  ? 1  DDA C O5     1 
HETATM 522 O  O1     . DDA C 2 . ? -1.973  -3.939  -6.114  1.00 0.00  ? 1  DDA C O1     1 
HETATM 523 O  O3     . DDA C 2 . ? 1.093   -7.421  -5.045  1.00 0.00  ? 1  DDA C O3     1 
HETATM 524 O  O4     . DDA C 2 . ? 1.754   -7.514  -7.892  1.00 0.00  ? 1  DDA C O4     1 
HETATM 525 H  H1     . DDA C 2 . ? -0.049  -3.739  -6.827  1.00 0.02  ? 1  DDA C H1     1 
HETATM 526 H  H21    . DDA C 2 . ? -0.987  -6.035  -5.046  1.00 0.10  ? 1  DDA C H21    1 
HETATM 527 H  H22    . DDA C 2 . ? 0.189   -4.809  -4.648  1.00 0.18  ? 1  DDA C H22    1 
HETATM 528 H  H3     . DDA C 2 . ? 1.882   -5.786  -6.019  1.00 0.02  ? 1  DDA C H3     1 
HETATM 529 H  H4     . DDA C 2 . ? -0.139  -7.726  -7.220  1.00 0.03  ? 1  DDA C H4     1 
HETATM 530 H  H5     . DDA C 2 . ? 0.838   -5.095  -8.426  1.00 0.01  ? 1  DDA C H5     1 
HETATM 531 H  H61    . DDA C 2 . ? -0.106  -7.535  -9.670  1.00 0.01  ? 1  DDA C H61    1 
HETATM 532 H  H62    . DDA C 2 . ? -1.352  -6.303  -9.863  1.00 0.02  ? 1  DDA C H62    1 
HETATM 533 H  H63    . DDA C 2 . ? 0.283   -6.001  -10.449 1.00 0.02  ? 1  DDA C H63    1 
HETATM 534 H  HO4    . DDA C 2 . ? 1.624   -8.452  -7.871  1.00 0.00  ? 1  DDA C HO4    1 
HETATM 535 C  C1     . DDL C 2 . ? 2.439   -7.732  -4.729  1.00 0.01  ? 2  DDL C C1     1 
HETATM 536 C  C2     . DDL C 2 . ? 2.488   -8.908  -3.753  1.00 0.02  ? 2  DDL C C2     1 
HETATM 537 C  C3     . DDL C 2 . ? 3.926   -9.318  -3.461  1.00 0.01  ? 2  DDL C C3     1 
HETATM 538 C  C4     . DDL C 2 . ? 4.721   -9.467  -4.759  1.00 0.00  ? 2  DDL C C4     1 
HETATM 539 C  C5     . DDL C 2 . ? 4.506   -8.278  -5.702  1.00 0.00  ? 2  DDL C C5     1 
HETATM 540 C  C6     . DDL C 2 . ? 5.177   -8.508  -7.056  1.00 0.01  ? 2  DDL C C6     1 
HETATM 541 O  O5     . DDL C 2 . ? 3.122   -8.087  -5.907  1.00 0.00  ? 2  DDL C O5     1 
HETATM 542 O  O3     . DDL C 2 . ? 3.918   -10.567 -2.766  1.00 0.00  ? 2  DDL C O3     1 
HETATM 543 O  O4     . DDL C 2 . ? 4.310   -10.642 -5.410  1.00 0.00  ? 2  DDL C O4     1 
HETATM 544 H  H1     . DDL C 2 . ? 2.915   -6.854  -4.290  1.00 0.01  ? 2  DDL C H1     1 
HETATM 545 H  H2     . DDL C 2 . ? 1.951   -9.754  -4.175  1.00 0.02  ? 2  DDL C H2     1 
HETATM 546 H  H22    . DDL C 2 . ? 1.983   -8.639  -2.825  1.00 0.06  ? 2  DDL C H22    1 
HETATM 547 H  H3     . DDL C 2 . ? 4.396   -8.556  -2.845  1.00 0.01  ? 2  DDL C H3     1 
HETATM 548 H  H4     . DDL C 2 . ? 5.783   -9.573  -4.535  1.00 0.02  ? 2  DDL C H4     1 
HETATM 549 H  H5     . DDL C 2 . ? 4.911   -7.374  -5.246  1.00 0.01  ? 2  DDL C H5     1 
HETATM 550 H  H61    . DDL C 2 . ? 5.798   -9.404  -7.035  1.00 0.01  ? 2  DDL C H61    1 
HETATM 551 H  H62    . DDL C 2 . ? 4.433   -8.632  -7.843  1.00 0.01  ? 2  DDL C H62    1 
HETATM 552 H  H63    . DDL C 2 . ? 5.813   -7.664  -7.324  1.00 0.02  ? 2  DDL C H63    1 
HETATM 553 H  HO4    . DDL C 2 . ? 3.450   -10.470 -5.767  1.00 0.00  ? 2  DDL C HO4    1 
HETATM 554 C  C1     . DRI C 2 . ? 4.483   -10.546 -1.456  1.00 0.01  ? 3  DRI C C1     1 
HETATM 555 C  C5     . DRI C 2 . ? 6.364   -11.190 -0.255  1.00 0.02  ? 3  DRI C C5     1 
HETATM 556 C  C2     . DRI C 2 . ? 3.482   -11.068 -0.430  1.00 0.04  ? 3  DRI C C2     1 
HETATM 557 C  C3     . DRI C 2 . ? 4.094   -11.052 0.974   1.00 0.02  ? 3  DRI C C3     1 
HETATM 558 O  O3     . DRI C 2 . ? 3.304   -11.849 1.840   1.00 0.00  ? 3  DRI C O3     1 
HETATM 559 C  C4     . DRI C 2 . ? 5.532   -11.620 0.976   1.00 0.01  ? 3  DRI C C4     1 
HETATM 560 O  O4     . DRI C 2 . ? 6.199   -11.232 2.171   1.00 0.00  ? 3  DRI C O4     1 
HETATM 561 C  CME    . DRI C 2 . ? 6.567   -9.866  2.247   1.00 0.00  ? 3  DRI C CME    1 
HETATM 562 O  O5     . DRI C 2 . ? 5.609   -11.381 -1.428  1.00 0.00  ? 3  DRI C O5     1 
HETATM 563 C  C6     . DRI C 2 . ? 7.653   -12.004 -0.365  1.00 0.00  ? 3  DRI C C6     1 
HETATM 564 H  H1     . DRI C 2 . ? 4.791   -9.535  -1.192  1.00 0.01  ? 3  DRI C H1     1 
HETATM 565 H  H5     . DRI C 2 . ? 6.608   -10.135 -0.187  1.00 0.03  ? 3  DRI C H5     1 
HETATM 566 H  H2     . DRI C 2 . ? 3.181   -12.083 -0.691  1.00 0.04  ? 3  DRI C H2     1 
HETATM 567 H  H22    . DRI C 2 . ? 2.580   -10.455 -0.448  1.00 0.00  ? 3  DRI C H22    1 
HETATM 568 H  H3     . DRI C 2 . ? 4.081   -10.027 1.352   1.00 0.00  ? 3  DRI C H3     1 
HETATM 569 H  H4     . DRI C 2 . ? 5.469   -12.709 0.982   1.00 0.07  ? 3  DRI C H4     1 
HETATM 570 H  H41    . DRI C 2 . ? 5.945   -9.255  1.597   1.00 0.00  ? 3  DRI C H41    1 
HETATM 571 H  H42    . DRI C 2 . ? 7.608   -9.740  1.945   1.00 0.00  ? 3  DRI C H42    1 
HETATM 572 H  H43    . DRI C 2 . ? 6.459   -9.504  3.269   1.00 0.00  ? 3  DRI C H43    1 
HETATM 573 H  H61    . DRI C 2 . ? 8.126   -12.118 0.611   1.00 0.00  ? 3  DRI C H61    1 
HETATM 574 H  H62    . DRI C 2 . ? 8.367   -11.514 -1.029  1.00 0.00  ? 3  DRI C H62    1 
HETATM 575 H  H63    . DRI C 2 . ? 7.453   -12.999 -0.760  1.00 0.00  ? 3  DRI C H63    1 
HETATM 576 C  C1     . DDA C 2 . ? 3.423   -11.473 3.203   1.00 0.00  ? 4  DDA C C1     1 
HETATM 577 C  C2     . DDA C 2 . ? 2.176   -11.841 3.972   1.00 0.01  ? 4  DDA C C2     1 
HETATM 578 C  C3     . DDA C 2 . ? 2.302   -11.288 5.378   1.00 0.00  ? 4  DDA C C3     1 
HETATM 579 C  C4     . DDA C 2 . ? 3.603   -11.770 6.028   1.00 0.00  ? 4  DDA C C4     1 
HETATM 580 C  C5     . DDA C 2 . ? 4.817   -11.624 5.085   1.00 0.00  ? 4  DDA C C5     1 
HETATM 581 C  C6     . DDA C 2 . ? 6.036   -12.369 5.630   1.00 0.01  ? 4  DDA C C6     1 
HETATM 582 O  O5     . DDA C 2 . ? 4.505   -12.144 3.802   1.00 0.00  ? 4  DDA C O5     1 
HETATM 583 O  O3     . DDA C 2 . ? 1.209   -11.716 6.148   1.00 0.00  ? 4  DDA C O3     1 
HETATM 584 O  O4     . DDA C 2 . ? 3.838   -11.009 7.185   1.00 0.00  ? 4  DDA C O4     1 
HETATM 585 H  H1     . DDA C 2 . ? 3.592   -10.399 3.279   1.00 0.01  ? 4  DDA C H1     1 
HETATM 586 H  H21    . DDA C 2 . ? 2.066   -12.924 4.008   1.00 0.00  ? 4  DDA C H21    1 
HETATM 587 H  H22    . DDA C 2 . ? 1.292   -11.444 3.477   1.00 0.01  ? 4  DDA C H22    1 
HETATM 588 H  H3     . DDA C 2 . ? 2.283   -10.193 5.347   1.00 0.01  ? 4  DDA C H3     1 
HETATM 589 H  H4     . DDA C 2 . ? 3.500   -12.810 6.340   1.00 0.01  ? 4  DDA C H4     1 
HETATM 590 H  H5     . DDA C 2 . ? 5.060   -10.567 4.972   1.00 0.01  ? 4  DDA C H5     1 
HETATM 591 H  H61    . DDA C 2 . ? 6.938   -11.766 5.527   1.00 0.01  ? 4  DDA C H61    1 
HETATM 592 H  H62    . DDA C 2 . ? 5.907   -12.606 6.686   1.00 0.01  ? 4  DDA C H62    1 
HETATM 593 H  H63    . DDA C 2 . ? 6.193   -13.305 5.091   1.00 0.01  ? 4  DDA C H63    1 
HETATM 594 H  HO3    . DDA C 2 . ? 0.742   -10.936 6.416   1.00 0.00  ? 4  DDA C HO3    1 
HETATM 595 H  HO4    . DDA C 2 . ? 3.804   -10.098 6.923   1.00 0.00  ? 4  DDA C HO4    1 
HETATM 596 C  C1     . DDA D 2 . ? 1.096   0.821   -7.888  1.00 0.03  ? 1  DDA D C1     1 
HETATM 597 C  C2     . DDA D 2 . ? 0.489   2.141   -7.376  1.00 0.09  ? 1  DDA D C2     1 
HETATM 598 C  C3     . DDA D 2 . ? -0.606  2.694   -8.303  1.00 0.03  ? 1  DDA D C3     1 
HETATM 599 C  C4     . DDA D 2 . ? -0.208  2.557   -9.770  1.00 0.01  ? 1  DDA D C4     1 
HETATM 600 C  C5     . DDA D 2 . ? 0.336   1.167   -10.076 1.00 0.01  ? 1  DDA D C5     1 
HETATM 601 C  C6     . DDA D 2 . ? 0.769   1.041   -11.536 1.00 0.01  ? 1  DDA D C6     1 
HETATM 602 O  O5     . DDA D 2 . ? 1.444   0.935   -9.248  1.00 0.00  ? 1  DDA D O5     1 
HETATM 603 O  O1     . DDA D 2 . ? 2.281   0.538   -7.157  1.00 0.00  ? 1  DDA D O1     1 
HETATM 604 O  O3     . DDA D 2 . ? -0.791  4.074   -8.013  1.00 0.00  ? 1  DDA D O3     1 
HETATM 605 O  O4     . DDA D 2 . ? -1.332  2.787   -10.580 1.00 0.00  ? 1  DDA D O4     1 
HETATM 606 H  H1     . DDA D 2 . ? 0.383   0.004   -7.766  1.00 0.02  ? 1  DDA D H1     1 
HETATM 607 H  H21    . DDA D 2 . ? 1.278   2.883   -7.268  1.00 0.10  ? 1  DDA D H21    1 
HETATM 608 H  H22    . DDA D 2 . ? 0.073   1.984   -6.380  1.00 0.18  ? 1  DDA D H22    1 
HETATM 609 H  H3     . DDA D 2 . ? -1.541  2.157   -8.123  1.00 0.02  ? 1  DDA D H3     1 
HETATM 610 H  H4     . DDA D 2 . ? 0.538   3.314   -10.018 1.00 0.03  ? 1  DDA D H4     1 
HETATM 611 H  H5     . DDA D 2 . ? -0.425  0.419   -9.853  1.00 0.01  ? 1  DDA D H5     1 
HETATM 612 H  H61    . DDA D 2 . ? 0.592   1.971   -12.077 1.00 0.01  ? 1  DDA D H61    1 
HETATM 613 H  H62    . DDA D 2 . ? 1.832   0.808   -11.608 1.00 0.02  ? 1  DDA D H62    1 
HETATM 614 H  H63    . DDA D 2 . ? 0.216   0.248   -12.040 1.00 0.02  ? 1  DDA D H63    1 
HETATM 615 H  HO4    . DDA D 2 . ? -1.197  3.625   -11.003 1.00 0.00  ? 1  DDA D HO4    1 
HETATM 616 C  C1     . DDL D 2 . ? -2.147  4.482   -7.937  1.00 0.01  ? 2  DDL D C1     1 
HETATM 617 C  C2     . DDL D 2 . ? -2.221  5.980   -7.642  1.00 0.02  ? 2  DDL D C2     1 
HETATM 618 C  C3     . DDL D 2 . ? -3.667  6.466   -7.639  1.00 0.01  ? 2  DDL D C3     1 
HETATM 619 C  C4     . DDL D 2 . ? -4.408  5.969   -8.881  1.00 0.00  ? 2  DDL D C4     1 
HETATM 620 C  C5     . DDL D 2 . ? -4.167  4.476   -9.131  1.00 0.00  ? 2  DDL D C5     1 
HETATM 621 C  C6     . DDL D 2 . ? -4.782  4.026   -10.457 1.00 0.01  ? 2  DDL D C6     1 
HETATM 622 O  O5     . DDL D 2 . ? -2.778  4.225   -9.167  1.00 0.00  ? 2  DDL D O5     1 
HETATM 623 O  O3     . DDL D 2 . ? -3.673  7.896   -7.629  1.00 0.00  ? 2  DDL D O3     1 
HETATM 624 O  O4     . DDL D 2 . ? -3.961  6.695   -9.998  1.00 0.00  ? 2  DDL D O4     1 
HETATM 625 H  H1     . DDL D 2 . ? -2.647  3.916   -7.151  1.00 0.01  ? 2  DDL D H1     1 
HETATM 626 H  H2     . DDL D 2 . ? -1.659  6.529   -8.395  1.00 0.02  ? 2  DDL D H2     1 
HETATM 627 H  H22    . DDL D 2 . ? -1.757  6.193   -6.679  1.00 0.06  ? 2  DDL D H22    1 
HETATM 628 H  H3     . DDL D 2 . ? -4.169  6.087   -6.751  1.00 0.01  ? 2  DDL D H3     1 
HETATM 629 H  H4     . DDL D 2 . ? -5.476  6.157   -8.777  1.00 0.02  ? 2  DDL D H4     1 
HETATM 630 H  H5     . DDL D 2 . ? -4.598  3.897   -8.315  1.00 0.01  ? 2  DDL D H5     1 
HETATM 631 H  H61    . DDL D 2 . ? -5.393  4.817   -10.891 1.00 0.01  ? 2  DDL D H61    1 
HETATM 632 H  H62    . DDL D 2 . ? -4.007  3.765   -11.177 1.00 0.01  ? 2  DDL D H62    1 
HETATM 633 H  H63    . DDL D 2 . ? -5.417  3.151   -10.314 1.00 0.02  ? 2  DDL D H63    1 
HETATM 634 H  HO4    . DDL D 2 . ? -3.088  6.383   -10.195 1.00 0.00  ? 2  DDL D HO4    1 
HETATM 635 C  C1     . DRI D 2 . ? -4.291  8.501   -6.494  1.00 0.01  ? 3  DRI D C1     1 
HETATM 636 C  C5     . DRI D 2 . ? -6.209  9.625   -5.824  1.00 0.02  ? 3  DRI D C5     1 
HETATM 637 C  C2     . DRI D 2 . ? -3.325  9.461   -5.805  1.00 0.04  ? 3  DRI D C2     1 
HETATM 638 C  C3     . DRI D 2 . ? -3.992  10.113  -4.590  1.00 0.02  ? 3  DRI D C3     1 
HETATM 639 O  O3     . DRI D 2 . ? -3.228  11.234  -4.179  1.00 0.00  ? 3  DRI D O3     1 
HETATM 640 C  C4     . DRI D 2 . ? -5.423  10.599  -4.917  1.00 0.01  ? 3  DRI D C4     1 
HETATM 641 O  O4     . DRI D 2 . ? -6.141  10.823  -3.709  1.00 0.00  ? 3  DRI D O4     1 
HETATM 642 C  CME    . DRI D 2 . ? -6.528  9.656   -3.004  1.00 0.00  ? 3  DRI D CME    1 
HETATM 643 O  O5     . DRI D 2 . ? -5.406  9.237   -6.915  1.00 0.00  ? 3  DRI D O5     1 
HETATM 644 C  C6     . DRI D 2 . ? -7.485  10.275  -6.362  1.00 0.00  ? 3  DRI D C6     1 
HETATM 645 H  H1     . DRI D 2 . ? -4.621  7.738   -5.791  1.00 0.01  ? 3  DRI D H1     1 
HETATM 646 H  H5     . DRI D 2 . ? -6.469  8.729   -5.270  1.00 0.03  ? 3  DRI D H5     1 
HETATM 647 H  H2     . DRI D 2 . ? -3.005  10.231  -6.508  1.00 0.04  ? 3  DRI D H2     1 
HETATM 648 H  H22    . DRI D 2 . ? -2.430  8.924   -5.494  1.00 0.00  ? 3  DRI D H22    1 
HETATM 649 H  H3     . DRI D 2 . ? -4.007  9.393   -3.768  1.00 0.00  ? 3  DRI D H3     1 
HETATM 650 H  H4     . DRI D 2 . ? -5.348  11.558  -5.430  1.00 0.07  ? 3  DRI D H4     1 
HETATM 651 H  H41    . DRI D 2 . ? -5.888  8.813   -3.259  1.00 0.00  ? 3  DRI D H41    1 
HETATM 652 H  H42    . DRI D 2 . ? -7.557  9.394   -3.248  1.00 0.00  ? 3  DRI D H42    1 
HETATM 653 H  H43    . DRI D 2 . ? -6.461  9.827   -1.930  1.00 0.00  ? 3  DRI D H43    1 
HETATM 654 H  H61    . DRI D 2 . ? -7.993  10.838  -5.579  1.00 0.00  ? 3  DRI D H61    1 
HETATM 655 H  H62    . DRI D 2 . ? -8.175  9.522   -6.739  1.00 0.00  ? 3  DRI D H62    1 
HETATM 656 H  H63    . DRI D 2 . ? -7.256  10.963  -7.176  1.00 0.00  ? 3  DRI D H63    1 
HETATM 657 C  C1     . DDA D 2 . ? -3.405  11.556  -2.808  1.00 0.00  ? 4  DDA D C1     1 
HETATM 658 C  C2     . DDA D 2 . ? -2.187  12.260  -2.260  1.00 0.01  ? 4  DDA D C2     1 
HETATM 659 C  C3     . DDA D 2 . ? -2.376  12.444  -0.766  1.00 0.00  ? 4  DDA D C3     1 
HETATM 660 C  C4     . DDA D 2 . ? -3.695  13.167  -0.478  1.00 0.00  ? 4  DDA D C4     1 
HETATM 661 C  C5     . DDA D 2 . ? -4.871  12.576  -1.284  1.00 0.00  ? 4  DDA D C5     1 
HETATM 662 C  C6     . DDA D 2 . ? -6.102  13.479  -1.212  1.00 0.01  ? 4  DDA D C6     1 
HETATM 663 O  O5     . DDA D 2 . ? -4.503  12.420  -2.647  1.00 0.00  ? 4  DDA D O5     1 
HETATM 664 O  O3     . DDA D 2 . ? -1.308  13.197  -0.249  1.00 0.00  ? 4  DDA D O3     1 
HETATM 665 O  O4     . DDA D 2 . ? -3.984  13.051  0.891   1.00 0.00  ? 4  DDA D O4     1 
HETATM 666 H  H1     . DDA D 2 . ? -3.587  10.647  -2.233  1.00 0.01  ? 4  DDA D H1     1 
HETATM 667 H  H21    . DDA D 2 . ? -2.072  13.231  -2.740  1.00 0.00  ? 4  DDA D H21    1 
HETATM 668 H  H22    . DDA D 2 . ? -1.287  11.688  -2.471  1.00 0.01  ? 4  DDA D H22    1 
HETATM 669 H  H3     . DDA D 2 . ? -2.371  11.468  -0.269  1.00 0.01  ? 4  DDA D H3     1 
HETATM 670 H  H4     . DDA D 2 . ? -3.591  14.231  -0.698  1.00 0.01  ? 4  DDA D H4     1 
HETATM 671 H  H5     . DDA D 2 . ? -5.122  11.592  -0.886  1.00 0.01  ? 4  DDA D H5     1 
HETATM 672 H  H61    . DDA D 2 . ? -7.006  12.892  -1.049  1.00 0.01  ? 4  DDA D H61    1 
HETATM 673 H  H62    . DDA D 2 . ? -6.012  14.194  -0.393  1.00 0.01  ? 4  DDA D H62    1 
HETATM 674 H  H63    . DDA D 2 . ? -6.227  14.042  -2.138  1.00 0.01  ? 4  DDA D H63    1 
HETATM 675 H  HO3    . DDA D 2 . ? -0.861  12.643  0.376   1.00 0.00  ? 4  DDA D HO3    1 
HETATM 676 H  HO4    . DDA D 2 . ? -3.946  12.127  1.099   1.00 0.00  ? 4  DDA D HO4    1 
HETATM 677 C  C1     . DDA E 3 . ? -6.895  5.343   -4.644  1.00 0.00  ? 13 DDA A C1     1 
HETATM 678 C  C2     . DDA E 3 . ? -7.580  6.329   -3.697  1.00 0.01  ? 13 DDA A C2     1 
HETATM 679 C  C3     . DDA E 3 . ? -9.106  6.220   -3.777  1.00 0.01  ? 13 DDA A C3     1 
HETATM 680 C  C4     . DDA E 3 . ? -9.605  6.088   -5.219  1.00 0.00  ? 13 DDA A C4     1 
HETATM 681 C  C5     . DDA E 3 . ? -8.754  5.110   -6.028  1.00 0.01  ? 13 DDA A C5     1 
HETATM 682 C  C6     . DDA E 3 . ? -9.162  5.085   -7.501  1.00 0.01  ? 13 DDA A C6     1 
HETATM 683 O  O5     . DDA E 3 . ? -7.411  5.506   -5.940  1.00 0.00  ? 13 DDA A O5     1 
HETATM 684 O  O1     . DDA E 3 . ? -5.477  5.609   -4.693  1.00 0.00  ? 13 DDA A O1     1 
HETATM 685 O  O3     . DDA E 3 . ? -9.671  7.373   -3.207  1.00 0.00  ? 13 DDA A O3     1 
HETATM 686 O  O4     . DDA E 3 . ? -10.931 5.624   -5.198  1.00 0.01  ? 13 DDA A O4     1 
HETATM 687 H  H1     . DDA E 3 . ? -7.101  4.315   -4.313  1.00 0.01  ? 13 DDA A H1     1 
HETATM 688 H  H21    . DDA E 3 . ? -7.273  7.344   -3.939  1.00 0.03  ? 13 DDA A H21    1 
HETATM 689 H  H22    . DDA E 3 . ? -7.253  6.139   -2.674  1.00 0.02  ? 13 DDA A H22    1 
HETATM 690 H  H3     . DDA E 3 . ? -9.447  5.368   -3.187  1.00 0.01  ? 13 DDA A H3     1 
HETATM 691 H  H4     . DDA E 3 . ? -9.610  7.065   -5.701  1.00 0.02  ? 13 DDA A H4     1 
HETATM 692 H  H5     . DDA E 3 . ? -8.846  4.110   -5.607  1.00 0.01  ? 13 DDA A H5     1 
HETATM 693 H  H61    . DDA E 3 . ? -8.665  4.271   -8.028  1.00 0.02  ? 13 DDA A H61    1 
HETATM 694 H  H62    . DDA E 3 . ? -10.238 4.945   -7.603  1.00 0.01  ? 13 DDA A H62    1 
HETATM 695 H  H63    . DDA E 3 . ? -8.894  6.019   -7.995  1.00 0.01  ? 13 DDA A H63    1 
HETATM 696 H  HO3    . DDA E 3 . ? -10.224 7.082   -2.494  1.00 0.00  ? 13 DDA A HO3    1 
HETATM 697 H  HO4    . DDA E 3 . ? -11.409 6.137   -5.836  1.00 0.00  ? 13 DDA A HO4    1 
HETATM 698 C  C1     . DXA F 4 . ? -2.059  -1.620  -5.484  1.00 0.00  ? 14 DXA A C1     1 
HETATM 699 O  O1     . DXA F 4 . ? -1.348  -1.878  -4.558  1.00 0.00  ? 14 DXA A O1     1 
HETATM 700 C  C9A    . DXA F 4 . ? -2.782  -0.331  -5.556  1.00 0.00  ? 14 DXA A C9A    1 
HETATM 701 C  C2     . DXA F 4 . ? -2.251  -2.643  -6.627  1.00 0.00  ? 14 DXA A C2     1 
HETATM 702 C  C3     . DXA F 4 . ? -3.704  -2.598  -7.148  1.00 0.01  ? 14 DXA A C3     1 
HETATM 703 C  C4     . DXA F 4 . ? -4.074  -1.180  -7.634  1.00 0.01  ? 14 DXA A C4     1 
HETATM 704 C  C4A    . DXA F 4 . ? -3.808  -0.117  -6.590  1.00 0.00  ? 14 DXA A C4A    1 
HETATM 705 C  C10    . DXA F 4 . ? -4.541  1.143   -6.616  1.00 0.01  ? 14 DXA A C10    1 
HETATM 706 C  C5A    . DXA F 4 . ? -4.246  2.156   -5.638  1.00 0.01  ? 14 DXA A C5A    1 
HETATM 707 C  C5     . DXA F 4 . ? -4.991  3.380   -5.678  1.00 0.01  ? 14 DXA A C5     1 
HETATM 708 C  C6     . DXA F 4 . ? -4.712  4.430   -4.706  1.00 0.01  ? 14 DXA A C6     1 
HETATM 709 C  C7     . DXA F 4 . ? -3.669  4.238   -3.692  1.00 0.00  ? 14 DXA A C7     1 
HETATM 710 C  C8     . DXA F 4 . ? -2.947  2.978   -3.649  1.00 0.01  ? 14 DXA A C8     1 
HETATM 711 O  O8     . DXA F 4 . ? -2.091  2.730   -2.605  1.00 0.00  ? 14 DXA A O8     1 
HETATM 712 C  C8A    . DXA F 4 . ? -3.230  1.945   -4.628  1.00 0.00  ? 14 DXA A C8A    1 
HETATM 713 C  C9     . DXA F 4 . ? -2.495  0.702   -4.579  1.00 0.00  ? 14 DXA A C9     1 
HETATM 714 O  O9     . DXA F 4 . ? -1.666  0.517   -3.704  1.00 0.00  ? 14 DXA A O9     1 
HETATM 715 C  CME    . DXA F 4 . ? -4.687  -5.523  -7.164  1.00 0.00  ? 14 DXA A CME    1 
HETATM 716 C  "C6'"  . DXA F 4 . ? -3.255  5.385   -2.791  1.00 0.02  ? 14 DXA A "C6'"  1 
HETATM 717 C  "C1'"  . DXA F 4 . ? -3.893  -3.609  -8.282  1.00 0.00  ? 14 DXA A "C1'"  1 
HETATM 718 O  "O1'"  . DXA F 4 . ? -3.600  -4.910  -7.821  1.00 0.00  ? 14 DXA A "O1'"  1 
HETATM 719 C  "C2'"  . DXA F 4 . ? -2.948  -3.263  -9.435  1.00 0.00  ? 14 DXA A "C2'"  1 
HETATM 720 O  "O2'"  . DXA F 4 . ? -1.795  -3.566  -9.409  1.00 0.00  ? 14 DXA A "O2'"  1 
HETATM 721 C  "C3'"  . DXA F 4 . ? -3.550  -2.509  -10.622 1.00 0.00  ? 14 DXA A "C3'"  1 
HETATM 722 O  "O3'"  . DXA F 4 . ? -2.931  -1.254  -10.744 1.00 0.00  ? 14 DXA A "O3'"  1 
HETATM 723 C  "C4'"  . DXA F 4 . ? -3.341  -3.309  -11.908 1.00 0.00  ? 14 DXA A "C4'"  1 
HETATM 724 O  "O4'"  . DXA F 4 . ? -3.944  -2.618  -12.973 1.00 0.00  ? 14 DXA A "O4'"  1 
HETATM 725 C  "C5'"  . DXA F 4 . ? -3.954  -4.707  -11.819 1.00 0.00  ? 14 DXA A "C5'"  1 
HETATM 726 C  "C7'"  . DXA F 4 . ? -4.435  5.897   -1.963  1.00 0.01  ? 14 DXA A "C7'"  1 
HETATM 727 C  "C8'"  . DXA F 4 . ? -2.659  6.511   -3.647  1.00 0.00  ? 14 DXA A "C8'"  1 
HETATM 728 C  "C9'"  . DXA F 4 . ? -2.362  7.760   -2.819  1.00 0.00  ? 14 DXA A "C9'"  1 
HETATM 729 H  H21    . DXA F 4 . ? -1.555  -2.400  -7.432  1.00 0.01  ? 14 DXA A H21    1 
HETATM 730 H  H3     . DXA F 4 . ? -4.371  -2.867  -6.330  1.00 0.01  ? 14 DXA A H3     1 
HETATM 731 H  H4A    . DXA F 4 . ? -3.505  -0.937  -8.531  1.00 0.01  ? 14 DXA A H4A    1 
HETATM 732 H  H4E    . DXA F 4 . ? -5.129  -1.147  -7.906  1.00 0.02  ? 14 DXA A H4E    1 
HETATM 733 H  H10    . DXA F 4 . ? -5.305  1.319   -7.361  1.00 0.02  ? 14 DXA A H10    1 
HETATM 734 H  H5     . DXA F 4 . ? -5.798  3.501   -6.379  1.00 0.01  ? 14 DXA A H5     1 
HETATM 735 H  HO8    . DXA F 4 . ? -1.477  2.077   -2.860  1.00 0.02  ? 14 DXA A HO8    1 
HETATM 736 H  H11    . DXA F 4 . ? -5.433  -5.848  -7.889  1.00 0.00  ? 14 DXA A H11    1 
HETATM 737 H  H12    . DXA F 4 . ? -4.347  -6.392  -6.602  1.00 0.01  ? 14 DXA A H12    1 
HETATM 738 H  H13    . DXA F 4 . ? -5.156  -4.824  -6.472  1.00 0.01  ? 14 DXA A H13    1 
HETATM 739 H  "H6'"  . DXA F 4 . ? -2.486  5.022   -2.108  1.00 0.02  ? 14 DXA A "H6'"  1 
HETATM 740 H  "H1'"  . DXA F 4 . ? -4.919  -3.575  -8.652  1.00 0.01  ? 14 DXA A "H1'"  1 
HETATM 741 H  "H3'"  . DXA F 4 . ? -4.612  -2.345  -10.438 1.00 0.00  ? 14 DXA A "H3'"  1 
HETATM 742 H  HO3    . DXA F 4 . ? -3.519  -0.621  -10.353 1.00 0.00  ? 14 DXA A HO3    1 
HETATM 743 H  "H4'"  . DXA F 4 . ? -2.276  -3.382  -12.132 1.00 0.01  ? 14 DXA A "H4'"  1 
HETATM 744 H  HO4    . DXA F 4 . ? -3.745  -3.105  -13.761 1.00 0.00  ? 14 DXA A HO4    1 
HETATM 745 H  H51    . DXA F 4 . ? -3.503  -5.278  -11.007 1.00 0.01  ? 14 DXA A H51    1 
HETATM 746 H  H52    . DXA F 4 . ? -5.026  -4.649  -11.634 1.00 0.01  ? 14 DXA A H52    1 
HETATM 747 H  H53    . DXA F 4 . ? -3.801  -5.259  -12.745 1.00 0.01  ? 14 DXA A H53    1 
HETATM 748 H  H71    . DXA F 4 . ? -4.089  6.519   -1.138  1.00 0.00  ? 14 DXA A H71    1 
HETATM 749 H  H72    . DXA F 4 . ? -5.007  5.074   -1.544  1.00 0.00  ? 14 DXA A H72    1 
HETATM 750 H  H73    . DXA F 4 . ? -5.108  6.498   -2.575  1.00 0.00  ? 14 DXA A H73    1 
HETATM 751 H  H81    . DXA F 4 . ? -3.347  6.767   -4.451  1.00 0.00  ? 14 DXA A H81    1 
HETATM 752 H  H82    . DXA F 4 . ? -1.741  6.161   -4.119  1.00 0.00  ? 14 DXA A H82    1 
HETATM 753 H  H91    . DXA F 4 . ? -1.584  7.561   -2.082  1.00 0.00  ? 14 DXA A H91    1 
HETATM 754 H  H92    . DXA F 4 . ? -3.252  8.094   -2.285  1.00 0.00  ? 14 DXA A H92    1 
HETATM 755 H  H93    . DXA F 4 . ? -2.022  8.578   -3.453  1.00 0.00  ? 14 DXA A H93    1 
HETATM 756 C  C1     . DDA G 3 . ? 7.027   -6.870  -1.242  1.00 0.00  ? 13 DDA B C1     1 
HETATM 757 C  C2     . DDA G 3 . ? 7.664   -7.273  0.091   1.00 0.01  ? 13 DDA B C2     1 
HETATM 758 C  C3     . DDA G 3 . ? 9.194   -7.201  0.033   1.00 0.01  ? 13 DDA B C3     1 
HETATM 759 C  C4     . DDA G 3 . ? 9.752   -7.771  -1.274  1.00 0.00  ? 13 DDA B C4     1 
HETATM 760 C  C5     . DDA G 3 . ? 8.947   -7.308  -2.487  1.00 0.01  ? 13 DDA B C5     1 
HETATM 761 C  C6     . DDA G 3 . ? 9.414   -7.986  -3.775  1.00 0.01  ? 13 DDA B C6     1 
HETATM 762 O  O5     . DDA G 3 . ? 7.596   -7.628  -2.276  1.00 0.00  ? 13 DDA B O5     1 
HETATM 763 O  O1     . DDA G 3 . ? 5.611   -7.150  -1.217  1.00 0.00  ? 13 DDA B O1     1 
HETATM 764 O  O3     . DDA G 3 . ? 9.722   -7.937  1.107   1.00 0.00  ? 13 DDA B O3     1 
HETATM 765 O  O4     . DDA G 3 . ? 11.082  -7.343  -1.424  1.00 0.01  ? 13 DDA B O4     1 
HETATM 766 H  H1     . DDA G 3 . ? 7.224   -5.806  -1.437  1.00 0.01  ? 13 DDA B H1     1 
HETATM 767 H  H21    . DDA G 3 . ? 7.358   -8.280  0.354   1.00 0.03  ? 13 DDA B H21    1 
HETATM 768 H  H22    . DDA G 3 . ? 7.298   -6.618  0.883   1.00 0.02  ? 13 DDA B H22    1 
HETATM 769 H  H3     . DDA G 3 . ? 9.522   -6.168  0.156   1.00 0.01  ? 13 DDA B H3     1 
HETATM 770 H  H4     . DDA G 3 . ? 9.766   -8.861  -1.229  1.00 0.02  ? 13 DDA B H4     1 
HETATM 771 H  H5     . DDA G 3 . ? 9.032   -6.227  -2.593  1.00 0.01  ? 13 DDA B H5     1 
HETATM 772 H  H61    . DDA G 3 . ? 8.947   -7.528  -4.647  1.00 0.02  ? 13 DDA B H61    1 
HETATM 773 H  H62    . DDA G 3 . ? 10.494  -7.903  -3.888  1.00 0.01  ? 13 DDA B H62    1 
HETATM 774 H  H63    . DDA G 3 . ? 9.157   -9.045  -3.772  1.00 0.01  ? 13 DDA B H63    1 
HETATM 775 H  HO3    . DDA G 3 . ? 10.250  -7.336  1.616   1.00 0.00  ? 13 DDA B HO3    1 
HETATM 776 H  HO4    . DDA G 3 . ? 11.579  -8.094  -1.719  1.00 0.00  ? 13 DDA B HO4    1 
HETATM 777 MG MG     . MG  H 5 . ? 0.186   -0.547  -2.705  1.00 0.00  ? 14 MG  B MG     1 
HETATM 778 C  C1     . DXA I 4 . ? 2.318   -1.192  -5.489  1.00 0.00  ? 15 DXA B C1     1 
HETATM 779 O  O1     . DXA I 4 . ? 1.576   -0.528  -4.829  1.00 0.00  ? 15 DXA B O1     1 
HETATM 780 C  C9A    . DXA I 4 . ? 3.028   -2.353  -4.906  1.00 0.00  ? 15 DXA B C9A    1 
HETATM 781 C  C2     . DXA I 4 . ? 2.562   -0.844  -6.975  1.00 0.00  ? 15 DXA B C2     1 
HETATM 782 C  C3     . DXA I 4 . ? 4.031   -1.123  -7.356  1.00 0.01  ? 15 DXA B C3     1 
HETATM 783 C  C4     . DXA I 4 . ? 4.400   -2.598  -7.091  1.00 0.01  ? 15 DXA B C4     1 
HETATM 784 C  C4A    . DXA I 4 . ? 4.080   -3.037  -5.678  1.00 0.00  ? 15 DXA B C4A    1 
HETATM 785 C  C10    . DXA I 4 . ? 4.788   -4.157  -5.075  1.00 0.01  ? 15 DXA B C10    1 
HETATM 786 C  C5A    . DXA I 4 . ? 4.446   -4.581  -3.744  1.00 0.01  ? 15 DXA B C5A    1 
HETATM 787 C  C5     . DXA I 4 . ? 5.167   -5.680  -3.175  1.00 0.01  ? 15 DXA B C5     1 
HETATM 788 C  C6     . DXA I 4 . ? 4.853   -6.132  -1.821  1.00 0.01  ? 15 DXA B C6     1 
HETATM 789 C  C7     . DXA I 4 . ? 3.791   -5.473  -1.052  1.00 0.00  ? 15 DXA B C7     1 
HETATM 790 C  C8     . DXA I 4 . ? 3.087   -4.344  -1.643  1.00 0.01  ? 15 DXA B C8     1 
HETATM 791 O  O8     . DXA I 4 . ? 2.200   -3.626  -0.874  1.00 0.00  ? 15 DXA B O8     1 
HETATM 792 C  C8A    . DXA I 4 . ? 3.410   -3.909  -2.988  1.00 0.00  ? 15 DXA B C8A    1 
HETATM 793 C  C9     . DXA I 4 . ? 2.697   -2.791  -3.563  1.00 0.00  ? 15 DXA B C9     1 
HETATM 794 O  O9     . DXA I 4 . ? 1.839   -2.215  -2.914  1.00 0.00  ? 15 DXA B O9     1 
HETATM 795 C  CME    . DXA I 4 . ? 5.045   1.446   -8.729  1.00 0.00  ? 15 DXA B CME    1 
HETATM 796 C  "C6'"  . DXA I 4 . ? 3.331   -6.053  0.273   1.00 0.02  ? 15 DXA B "C6'"  1 
HETATM 797 C  "C1'"  . DXA I 4 . ? 4.276   -0.777  -8.827  1.00 0.00  ? 15 DXA B "C1'"  1 
HETATM 798 O  "O1'"  . DXA I 4 . ? 3.978   0.584   -9.058  1.00 0.00  ? 15 DXA B "O1'"  1 
HETATM 799 C  "C2'"  . DXA I 4 . ? 3.373   -1.641  -9.710  1.00 0.00  ? 15 DXA B "C2'"  1 
HETATM 800 O  "O2'"  . DXA I 4 . ? 2.223   -1.373  -9.879  1.00 0.00  ? 15 DXA B "O2'"  1 
HETATM 801 C  "C3'"  . DXA I 4 . ? 4.013   -2.865  -10.368 1.00 0.00  ? 15 DXA B "C3'"  1 
HETATM 802 O  "O3'"  . DXA I 4 . ? 3.385   -4.032  -9.899  1.00 0.00  ? 15 DXA B "O3'"  1 
HETATM 803 C  "C4'"  . DXA I 4 . ? 3.864   -2.780  -11.887 1.00 0.00  ? 15 DXA B "C4'"  1 
HETATM 804 O  "O4'"  . DXA I 4 . ? 4.501   -3.890  -12.467 1.00 0.00  ? 15 DXA B "O4'"  1 
HETATM 805 C  "C5'"  . DXA I 4 . ? 4.488   -1.504  -12.451 1.00 0.00  ? 15 DXA B "C5'"  1 
HETATM 806 C  "C7'"  . DXA I 4 . ? 4.475   -6.110  1.289   1.00 0.01  ? 15 DXA B "C7'"  1 
HETATM 807 C  "C8'"  . DXA I 4 . ? 2.746   -7.452  0.039   1.00 0.00  ? 15 DXA B "C8'"  1 
HETATM 808 C  "C9'"  . DXA I 4 . ? 2.397   -8.150  1.353   1.00 0.00  ? 15 DXA B "C9'"  1 
HETATM 809 H  H21    . DXA I 4 . ? 1.892   -1.449  -7.590  1.00 0.01  ? 15 DXA B H21    1 
HETATM 810 H  H3     . DXA I 4 . ? 4.671   -0.493  -6.741  1.00 0.01  ? 15 DXA B H3     1 
HETATM 811 H  H4A    . DXA I 4 . ? 3.865   -3.245  -7.786  1.00 0.01  ? 15 DXA B H4A    1 
HETATM 812 H  H4E    . DXA I 4 . ? 5.465   -2.750  -7.270  1.00 0.02  ? 15 DXA B H4E    1 
HETATM 813 H  H10    . DXA I 4 . ? 5.578   -4.662  -5.616  1.00 0.02  ? 15 DXA B H10    1 
HETATM 814 H  H5     . DXA I 4 . ? 5.934   -6.174  -3.746  1.00 0.01  ? 15 DXA B H5     1 
HETATM 815 H  HO8    . DXA I 4 . ? 1.598   -3.186  -1.434  1.00 0.02  ? 15 DXA B HO8    1 
HETATM 816 H  H11    . DXA I 4 . ? 5.823   1.392   -9.492  1.00 0.00  ? 15 DXA B H11    1 
HETATM 817 H  H12    . DXA I 4 . ? 4.693   2.476   -8.665  1.00 0.01  ? 15 DXA B H12    1 
HETATM 818 H  H13    . DXA I 4 . ? 5.478   1.167   -7.770  1.00 0.01  ? 15 DXA B H13    1 
HETATM 819 H  "H6'"  . DXA I 4 . ? 2.545   -5.410  0.670   1.00 0.02  ? 15 DXA B "H6'"  1 
HETATM 820 H  "H1'"  . DXA I 4 . ? 5.315   -0.973  -9.096  1.00 0.01  ? 15 DXA B "H1'"  1 
HETATM 821 H  "H3'"  . DXA I 4 . ? 5.065   -2.911  -10.086 1.00 0.00  ? 15 DXA B "H3'"  1 
HETATM 822 H  HO3    . DXA I 4 . ? 3.950   -4.394  -9.229  1.00 0.00  ? 15 DXA B HO3    1 
HETATM 823 H  "H4'"  . DXA I 4 . ? 2.810   -2.832  -12.161 1.00 0.01  ? 15 DXA B "H4'"  1 
HETATM 824 H  HO4    . DXA I 4 . ? 4.338   -3.841  -13.399 1.00 0.00  ? 15 DXA B HO4    1 
HETATM 825 H  H51    . DXA I 4 . ? 4.011   -0.618  -12.031 1.00 0.01  ? 15 DXA B H51    1 
HETATM 826 H  H52    . DXA I 4 . ? 5.552   -1.456  -12.219 1.00 0.01  ? 15 DXA B H52    1 
HETATM 827 H  H53    . DXA I 4 . ? 4.377   -1.463  -13.535 1.00 0.01  ? 15 DXA B H53    1 
HETATM 828 H  H71    . DXA I 4 . ? 4.090   -6.266  2.297   1.00 0.00  ? 15 DXA B H71    1 
HETATM 829 H  H72    . DXA I 4 . ? 5.043   -5.180  1.291   1.00 0.00  ? 15 DXA B H72    1 
HETATM 830 H  H73    . DXA I 4 . ? 5.161   -6.924  1.061   1.00 0.00  ? 15 DXA B H73    1 
HETATM 831 H  H81    . DXA I 4 . ? 3.460   -8.061  -0.515  1.00 0.00  ? 15 DXA B H81    1 
HETATM 832 H  H82    . DXA I 4 . ? 1.853   -7.374  -0.582  1.00 0.00  ? 15 DXA B H82    1 
HETATM 833 H  H91    . DXA I 4 . ? 1.596   -7.626  1.872   1.00 0.00  ? 15 DXA B H91    1 
HETATM 834 H  H92    . DXA I 4 . ? 3.261   -8.187  2.016   1.00 0.00  ? 15 DXA B H92    1 
HETATM 835 H  H93    . DXA I 4 . ? 2.067   -9.174  1.173   1.00 0.00  ? 15 DXA B H93    1 
# 
